data_1Z79
# 
_entry.id   1Z79 
# 
_audit_conform.dict_name       mmcif_pdbx.dic 
_audit_conform.dict_version    5.376 
_audit_conform.dict_location   http://mmcif.pdb.org/dictionaries/ascii/mmcif_pdbx.dic 
# 
loop_
_database_2.database_id 
_database_2.database_code 
_database_2.pdbx_database_accession 
_database_2.pdbx_DOI 
PDB   1Z79         pdb_00001z79 10.2210/pdb1z79/pdb 
NDB   AR0060       ?            ?                   
RCSB  RCSB032386   ?            ?                   
WWPDB D_1000032386 ?            ?                   
# 
loop_
_pdbx_database_related.db_name 
_pdbx_database_related.db_id 
_pdbx_database_related.details 
_pdbx_database_related.content_type 
PDB 1Z7F . unspecified 
PDB 1YRM . unspecified 
PDB 1YY0 . unspecified 
PDB 1YZD . unspecified 
# 
_pdbx_database_status.status_code                     REL 
_pdbx_database_status.entry_id                        1Z79 
_pdbx_database_status.recvd_initial_deposition_date   2005-03-24 
_pdbx_database_status.deposit_site                    RCSB 
_pdbx_database_status.process_site                    RCSB 
_pdbx_database_status.status_code_sf                  REL 
_pdbx_database_status.status_code_mr                  ? 
_pdbx_database_status.SG_entry                        ? 
_pdbx_database_status.pdb_format_compatible           Y 
_pdbx_database_status.status_code_cs                  ? 
_pdbx_database_status.status_code_nmr_data            ? 
_pdbx_database_status.methods_development_category    ? 
# 
loop_
_audit_author.name 
_audit_author.pdbx_ordinal 
'Gherghe, C.M.' 1 
'Krahn, J.M.'   2 
'Weeks, K.M.'   3 
# 
_citation.id                        primary 
_citation.title                     
;Crystal structures, reactivity and inferred acylation transition States for 2'-amine substituted RNA.
;
_citation.journal_abbrev            J.Am.Chem.Soc. 
_citation.journal_volume            127 
_citation.page_first                13622 
_citation.page_last                 13628 
_citation.year                      2005 
_citation.journal_id_ASTM           JACSAT 
_citation.country                   US 
_citation.journal_id_ISSN           0002-7863 
_citation.journal_id_CSD            0004 
_citation.book_publisher            ? 
_citation.pdbx_database_id_PubMed   16190727 
_citation.pdbx_database_id_DOI      10.1021/ja053647y 
# 
loop_
_citation_author.citation_id 
_citation_author.name 
_citation_author.ordinal 
_citation_author.identifier_ORCID 
primary 'Gherghe, C.M.' 1 ? 
primary 'Krahn, J.M.'   2 ? 
primary 'Weeks, K.M.'   3 ? 
# 
_cell.entry_id           1Z79 
_cell.length_a           43.000 
_cell.length_b           43.000 
_cell.length_c           122.000 
_cell.angle_alpha        90.00 
_cell.angle_beta         90.00 
_cell.angle_gamma        120.00 
_cell.Z_PDB              18 
_cell.pdbx_unique_axis   ? 
# 
_symmetry.entry_id                         1Z79 
_symmetry.space_group_name_H-M             'P 31 2 1' 
_symmetry.pdbx_full_space_group_name_H-M   ? 
_symmetry.cell_setting                     ? 
_symmetry.Int_Tables_number                152 
_symmetry.space_group_name_Hall            ? 
# 
loop_
_entity.id 
_entity.type 
_entity.src_method 
_entity.pdbx_description 
_entity.formula_weight 
_entity.pdbx_number_of_molecules 
_entity.pdbx_ec 
_entity.pdbx_mutation 
_entity.pdbx_fragment 
_entity.details 
1 polymer     syn 
;RNA 5'-R(*GP*CP*AP*GP*AP*(A5M)P*UP*UP*AP*AP*AP*UP*CP*UP*GP*C)-3'
;
5081.094 3  ? ? ? ? 
2 non-polymer syn 'CALCIUM ION'                                                      40.078   1  ? ? ? ? 
3 water       nat water                                                              18.015   34 ? ? ? ? 
# 
_entity_poly.entity_id                      1 
_entity_poly.type                           polyribonucleotide 
_entity_poly.nstd_linkage                   no 
_entity_poly.nstd_monomer                   yes 
_entity_poly.pdbx_seq_one_letter_code       'GCAGA(A5M)UUAAAUCUGC' 
_entity_poly.pdbx_seq_one_letter_code_can   GCAGACUUAAAUCUGC 
_entity_poly.pdbx_strand_id                 B,A,C 
_entity_poly.pdbx_target_identifier         ? 
# 
loop_
_entity_poly_seq.entity_id 
_entity_poly_seq.num 
_entity_poly_seq.mon_id 
_entity_poly_seq.hetero 
1 1  G   n 
1 2  C   n 
1 3  A   n 
1 4  G   n 
1 5  A   n 
1 6  A5M n 
1 7  U   n 
1 8  U   n 
1 9  A   n 
1 10 A   n 
1 11 A   n 
1 12 U   n 
1 13 C   n 
1 14 U   n 
1 15 G   n 
1 16 C   n 
# 
_struct_ref.id                         1 
_struct_ref.entity_id                  1 
_struct_ref.db_name                    PDB 
_struct_ref.db_code                    1Z79 
_struct_ref.pdbx_db_accession          1Z79 
_struct_ref.pdbx_db_isoform            ? 
_struct_ref.pdbx_seq_one_letter_code   ? 
_struct_ref.pdbx_align_begin           ? 
# 
loop_
_struct_ref_seq.align_id 
_struct_ref_seq.ref_id 
_struct_ref_seq.pdbx_PDB_id_code 
_struct_ref_seq.pdbx_strand_id 
_struct_ref_seq.seq_align_beg 
_struct_ref_seq.pdbx_seq_align_beg_ins_code 
_struct_ref_seq.seq_align_end 
_struct_ref_seq.pdbx_seq_align_end_ins_code 
_struct_ref_seq.pdbx_db_accession 
_struct_ref_seq.db_align_beg 
_struct_ref_seq.pdbx_db_align_beg_ins_code 
_struct_ref_seq.db_align_end 
_struct_ref_seq.pdbx_db_align_end_ins_code 
_struct_ref_seq.pdbx_auth_seq_align_beg 
_struct_ref_seq.pdbx_auth_seq_align_end 
1 1 1Z79 B 1 ? 16 ? 1Z79 1 ? 16 ? 1 16 
2 1 1Z79 A 1 ? 16 ? 1Z79 1 ? 16 ? 1 16 
3 1 1Z79 C 1 ? 16 ? 1Z79 1 ? 16 ? 1 16 
# 
loop_
_chem_comp.id 
_chem_comp.type 
_chem_comp.mon_nstd_flag 
_chem_comp.name 
_chem_comp.pdbx_synonyms 
_chem_comp.formula 
_chem_comp.formula_weight 
A   'RNA linking' y "ADENOSINE-5'-MONOPHOSPHATE"         ? 'C10 H14 N5 O7 P' 347.221 
A5M 'RNA linking' n "2'-AMINE-CYTIDINE-5'-MONOPHOSPHATE" ? 'C9 H15 N4 O7 P'  322.212 
C   'RNA linking' y "CYTIDINE-5'-MONOPHOSPHATE"          ? 'C9 H14 N3 O8 P'  323.197 
CA  non-polymer   . 'CALCIUM ION'                        ? 'Ca 2'            40.078  
G   'RNA linking' y "GUANOSINE-5'-MONOPHOSPHATE"         ? 'C10 H14 N5 O8 P' 363.221 
HOH non-polymer   . WATER                                ? 'H2 O'            18.015  
U   'RNA linking' y "URIDINE-5'-MONOPHOSPHATE"           ? 'C9 H13 N2 O9 P'  324.181 
# 
_exptl.entry_id          1Z79 
_exptl.method            'X-RAY DIFFRACTION' 
_exptl.crystals_number   1 
# 
_exptl_crystal.id                    1 
_exptl_crystal.density_meas          ? 
_exptl_crystal.density_Matthews      2.14 
_exptl_crystal.density_percent_sol   42.41 
_exptl_crystal.description           ? 
_exptl_crystal.F_000                 ? 
_exptl_crystal.preparation           ? 
# 
_exptl_crystal_grow.crystal_id      1 
_exptl_crystal_grow.method          'VAPOR DIFFUSION, SITTING DROP' 
_exptl_crystal_grow.temp            273 
_exptl_crystal_grow.temp_details    ? 
_exptl_crystal_grow.pH              5.2 
_exptl_crystal_grow.pdbx_details    
'MPD, Na cacodylate, spermine, calcium chloride, pH 5.2, VAPOR DIFFUSION, SITTING DROP, temperature 273K' 
_exptl_crystal_grow.pdbx_pH_range   . 
# 
loop_
_exptl_crystal_grow_comp.crystal_id 
_exptl_crystal_grow_comp.id 
_exptl_crystal_grow_comp.sol_id 
_exptl_crystal_grow_comp.name 
_exptl_crystal_grow_comp.volume 
_exptl_crystal_grow_comp.conc 
_exptl_crystal_grow_comp.details 
1 1 1 MPD                ? ? ? 
1 2 1 'Na cacodylate'    ? ? ? 
1 3 1 spermine           ? ? ? 
1 4 1 'calcium chloride' ? ? ? 
1 5 1 H2O                ? ? ? 
1 6 2 MPD                ? ? ? 
1 7 2 'Na cacodylate'    ? ? ? 
1 8 2 'calcium chloride' ? ? ? 
# 
_diffrn.id                     1 
_diffrn.ambient_temp           100 
_diffrn.ambient_temp_details   ? 
_diffrn.crystal_id             1 
# 
_diffrn_detector.diffrn_id              1 
_diffrn_detector.detector               'IMAGE PLATE' 
_diffrn_detector.type                   'RIGAKU RAXIS IV++' 
_diffrn_detector.pdbx_collection_date   2003-02-14 
_diffrn_detector.details                ? 
# 
_diffrn_radiation.diffrn_id                        1 
_diffrn_radiation.wavelength_id                    1 
_diffrn_radiation.pdbx_monochromatic_or_laue_m_l   M 
_diffrn_radiation.monochromator                    ? 
_diffrn_radiation.pdbx_diffrn_protocol             'SINGLE WAVELENGTH' 
_diffrn_radiation.pdbx_scattering_type             x-ray 
# 
_diffrn_radiation_wavelength.id           1 
_diffrn_radiation_wavelength.wavelength   1.5418 
_diffrn_radiation_wavelength.wt           1.0 
# 
_diffrn_source.diffrn_id                   1 
_diffrn_source.source                      'ROTATING ANODE' 
_diffrn_source.type                        RIGAKU 
_diffrn_source.pdbx_synchrotron_site       ? 
_diffrn_source.pdbx_synchrotron_beamline   ? 
_diffrn_source.pdbx_wavelength             1.5418 
_diffrn_source.pdbx_wavelength_list        ? 
# 
_reflns.entry_id                     1Z79 
_reflns.observed_criterion_sigma_I   1 
_reflns.observed_criterion_sigma_F   ? 
_reflns.d_resolution_low             23 
_reflns.d_resolution_high            2.5 
_reflns.number_obs                   4904 
_reflns.number_all                   4979 
_reflns.percent_possible_obs         98.6 
_reflns.pdbx_Rmerge_I_obs            0.08 
_reflns.pdbx_Rsym_value              0.1 
_reflns.pdbx_netI_over_sigmaI        11.65 
_reflns.B_iso_Wilson_estimate        60.4 
_reflns.pdbx_redundancy              14.29 
_reflns.R_free_details               ? 
_reflns.pdbx_chi_squared             ? 
_reflns.pdbx_scaling_rejects         ? 
_reflns.pdbx_diffrn_id               1 
_reflns.pdbx_ordinal                 1 
# 
_reflns_shell.d_res_high             2.50 
_reflns_shell.d_res_low              2.59 
_reflns_shell.percent_possible_all   100 
_reflns_shell.Rmerge_I_obs           0.5 
_reflns_shell.pdbx_Rsym_value        0.419 
_reflns_shell.meanI_over_sigI_obs    2.86 
_reflns_shell.pdbx_redundancy        ? 
_reflns_shell.percent_possible_obs   ? 
_reflns_shell.number_unique_all      465 
_reflns_shell.number_measured_all    ? 
_reflns_shell.number_measured_obs    ? 
_reflns_shell.number_unique_obs      ? 
_reflns_shell.pdbx_chi_squared       ? 
_reflns_shell.pdbx_diffrn_id         ? 
_reflns_shell.pdbx_ordinal           1 
# 
_refine.entry_id                                 1Z79 
_refine.ls_number_reflns_obs                     4436 
_refine.ls_number_reflns_all                     ? 
_refine.pdbx_ls_sigma_I                          ? 
_refine.pdbx_ls_sigma_F                          0.0 
_refine.pdbx_data_cutoff_high_absF               550839.87 
_refine.pdbx_data_cutoff_low_absF                0.000000 
_refine.pdbx_data_cutoff_high_rms_absF           ? 
_refine.ls_d_res_low                             8.08 
_refine.ls_d_res_high                            2.55 
_refine.ls_percent_reflns_obs                    99.3 
_refine.ls_R_factor_obs                          0.217 
_refine.ls_R_factor_all                          0.217 
_refine.ls_R_factor_R_work                       0.217 
_refine.ls_R_factor_R_free                       0.262 
_refine.ls_R_factor_R_free_error                 0.017 
_refine.ls_R_factor_R_free_error_details         ? 
_refine.ls_percent_reflns_R_free                 5.6 
_refine.ls_number_reflns_R_free                  248 
_refine.ls_number_parameters                     ? 
_refine.ls_number_restraints                     ? 
_refine.occupancy_min                            ? 
_refine.occupancy_max                            ? 
_refine.correlation_coeff_Fo_to_Fc               ? 
_refine.correlation_coeff_Fo_to_Fc_free          ? 
_refine.B_iso_mean                               38.6 
_refine.aniso_B[1][1]                            7.13 
_refine.aniso_B[2][2]                            7.13 
_refine.aniso_B[3][3]                            -14.26 
_refine.aniso_B[1][2]                            2.72 
_refine.aniso_B[1][3]                            0.00 
_refine.aniso_B[2][3]                            0.00 
_refine.solvent_model_details                    'FLAT MODEL' 
_refine.solvent_model_param_ksol                 0.375414 
_refine.solvent_model_param_bsol                 40.6488 
_refine.pdbx_solvent_vdw_probe_radii             ? 
_refine.pdbx_solvent_ion_probe_radii             ? 
_refine.pdbx_solvent_shrinkage_radii             ? 
_refine.pdbx_ls_cross_valid_method               THROUGHOUT 
_refine.details                                  ? 
_refine.pdbx_starting_model                      1YRM 
_refine.pdbx_method_to_determine_struct          'MOLECULAR REPLACEMENT' 
_refine.pdbx_isotropic_thermal_model             RESTRAINED 
_refine.pdbx_stereochemistry_target_values       ? 
_refine.pdbx_stereochem_target_val_spec_case     ? 
_refine.pdbx_R_Free_selection_details            RANDOM 
_refine.pdbx_overall_ESU_R_Free                  ? 
_refine.ls_redundancy_reflns_obs                 ? 
_refine.overall_SU_R_Cruickshank_DPI             ? 
_refine.overall_SU_R_free                        ? 
_refine.overall_SU_ML                            ? 
_refine.overall_SU_B                             ? 
_refine.pdbx_overall_ESU_R                       ? 
_refine.ls_wR_factor_R_free                      ? 
_refine.ls_wR_factor_R_work                      ? 
_refine.overall_FOM_free_R_set                   ? 
_refine.overall_FOM_work_R_set                   ? 
_refine.pdbx_refine_id                           'X-RAY DIFFRACTION' 
_refine.pdbx_diffrn_id                           1 
_refine.pdbx_TLS_residual_ADP_flag               ? 
_refine.pdbx_overall_phase_error                 ? 
_refine.pdbx_overall_SU_R_free_Cruickshank_DPI   ? 
_refine.pdbx_overall_SU_R_Blow_DPI               ? 
_refine.pdbx_overall_SU_R_free_Blow_DPI          ? 
# 
_refine_analyze.entry_id                        1Z79 
_refine_analyze.Luzzati_coordinate_error_obs    0.33 
_refine_analyze.Luzzati_sigma_a_obs             0.40 
_refine_analyze.Luzzati_d_res_low_obs           5.00 
_refine_analyze.Luzzati_coordinate_error_free   0.39 
_refine_analyze.Luzzati_sigma_a_free            0.46 
_refine_analyze.Luzzati_d_res_low_free          ? 
_refine_analyze.number_disordered_residues      ? 
_refine_analyze.occupancy_sum_hydrogen          ? 
_refine_analyze.occupancy_sum_non_hydrogen      ? 
_refine_analyze.pdbx_refine_id                  'X-RAY DIFFRACTION' 
# 
_refine_hist.pdbx_refine_id                   'X-RAY DIFFRACTION' 
_refine_hist.cycle_id                         LAST 
_refine_hist.pdbx_number_atoms_protein        0 
_refine_hist.pdbx_number_atoms_nucleic_acid   1008 
_refine_hist.pdbx_number_atoms_ligand         1 
_refine_hist.number_atoms_solvent             34 
_refine_hist.number_atoms_total               1043 
_refine_hist.d_res_high                       2.55 
_refine_hist.d_res_low                        8.08 
# 
loop_
_refine_ls_restr.type 
_refine_ls_restr.dev_ideal 
_refine_ls_restr.dev_ideal_target 
_refine_ls_restr.weight 
_refine_ls_restr.number 
_refine_ls_restr.pdbx_refine_id 
_refine_ls_restr.pdbx_restraint_function 
c_bond_d           0.005 ?    ? ? 'X-RAY DIFFRACTION' ? 
c_angle_deg        0.9   ?    ? ? 'X-RAY DIFFRACTION' ? 
c_dihedral_angle_d 6.9   ?    ? ? 'X-RAY DIFFRACTION' ? 
c_improper_angle_d 1.37  ?    ? ? 'X-RAY DIFFRACTION' ? 
c_mcbond_it        0.00  1.50 ? ? 'X-RAY DIFFRACTION' ? 
c_mcangle_it       0.00  2.00 ? ? 'X-RAY DIFFRACTION' ? 
c_scbond_it        1.36  2.00 ? ? 'X-RAY DIFFRACTION' ? 
c_scangle_it       1.85  2.50 ? ? 'X-RAY DIFFRACTION' ? 
# 
_refine_ls_shell.pdbx_total_number_of_bins_used   6 
_refine_ls_shell.d_res_high                       2.55 
_refine_ls_shell.d_res_low                        2.70 
_refine_ls_shell.number_reflns_R_work             682 
_refine_ls_shell.R_factor_R_work                  0.332 
_refine_ls_shell.percent_reflns_obs               99.9 
_refine_ls_shell.R_factor_R_free                  0.344 
_refine_ls_shell.R_factor_R_free_error            0.051 
_refine_ls_shell.percent_reflns_R_free            6.2 
_refine_ls_shell.number_reflns_R_free             45 
_refine_ls_shell.redundancy_reflns_obs            ? 
_refine_ls_shell.pdbx_refine_id                   'X-RAY DIFFRACTION' 
_refine_ls_shell.number_reflns_all                ? 
_refine_ls_shell.R_factor_all                     ? 
# 
loop_
_pdbx_xplor_file.serial_no 
_pdbx_xplor_file.param_file 
_pdbx_xplor_file.topol_file 
_pdbx_xplor_file.pdbx_refine_id 
1 C2N.PARAM     C2N.TOP     'X-RAY DIFFRACTION' 
2 DNA-RNA.PARAM DNA-RNA.TOP 'X-RAY DIFFRACTION' 
3 WATER.PARAM   WATER.TOP   'X-RAY DIFFRACTION' 
4 ION.PARAM     ION.TOP     'X-RAY DIFFRACTION' 
# 
_struct.entry_id                  1Z79 
_struct.title                     
;Crystal structure of an RNA duplex containing site specific 2'-amine substitution at a C-A mismatch (at pH 5)
;
_struct.pdbx_model_details        ? 
_struct.pdbx_CASP_flag            ? 
_struct.pdbx_model_type_details   ? 
# 
_struct_keywords.entry_id        1Z79 
_struct_keywords.pdbx_keywords   RNA 
_struct_keywords.text            
;2'-AMINE, RNA, DUPLEX, MISMATCH
;
# 
loop_
_struct_asym.id 
_struct_asym.pdbx_blank_PDB_chainid_flag 
_struct_asym.pdbx_modified 
_struct_asym.entity_id 
_struct_asym.details 
A N N 1 ? 
B N N 1 ? 
C N N 1 ? 
D N N 2 ? 
E N N 3 ? 
F N N 3 ? 
G N N 3 ? 
# 
loop_
_struct_biol.id 
_struct_biol.pdbx_parent_biol_id 
_struct_biol.details 
1 ? ? 
2 ? ? 
# 
loop_
_struct_conn.id 
_struct_conn.conn_type_id 
_struct_conn.pdbx_leaving_atom_flag 
_struct_conn.pdbx_PDB_id 
_struct_conn.ptnr1_label_asym_id 
_struct_conn.ptnr1_label_comp_id 
_struct_conn.ptnr1_label_seq_id 
_struct_conn.ptnr1_label_atom_id 
_struct_conn.pdbx_ptnr1_label_alt_id 
_struct_conn.pdbx_ptnr1_PDB_ins_code 
_struct_conn.pdbx_ptnr1_standard_comp_id 
_struct_conn.ptnr1_symmetry 
_struct_conn.ptnr2_label_asym_id 
_struct_conn.ptnr2_label_comp_id 
_struct_conn.ptnr2_label_seq_id 
_struct_conn.ptnr2_label_atom_id 
_struct_conn.pdbx_ptnr2_label_alt_id 
_struct_conn.pdbx_ptnr2_PDB_ins_code 
_struct_conn.ptnr1_auth_asym_id 
_struct_conn.ptnr1_auth_comp_id 
_struct_conn.ptnr1_auth_seq_id 
_struct_conn.ptnr2_auth_asym_id 
_struct_conn.ptnr2_auth_comp_id 
_struct_conn.ptnr2_auth_seq_id 
_struct_conn.ptnr2_symmetry 
_struct_conn.pdbx_ptnr3_label_atom_id 
_struct_conn.pdbx_ptnr3_label_seq_id 
_struct_conn.pdbx_ptnr3_label_comp_id 
_struct_conn.pdbx_ptnr3_label_asym_id 
_struct_conn.pdbx_ptnr3_label_alt_id 
_struct_conn.pdbx_ptnr3_PDB_ins_code 
_struct_conn.details 
_struct_conn.pdbx_dist_value 
_struct_conn.pdbx_value_order 
_struct_conn.pdbx_role 
covale1  covale both ? A A   5  "O3'" ? ? ? 1_555 A A5M 6  P  ? ? B A   5  B A5M 6  1_555 ? ? ? ? ? ? ?               1.605 ? ? 
covale2  covale both ? A A5M 6  "O3'" ? ? ? 1_555 A U   7  P  ? ? B A5M 6  B U   7  1_555 ? ? ? ? ? ? ?               1.602 ? ? 
covale3  covale both ? B A   5  "O3'" ? ? ? 1_555 B A5M 6  P  ? ? A A   5  A A5M 6  1_555 ? ? ? ? ? ? ?               1.615 ? ? 
covale4  covale both ? B A5M 6  "O3'" ? ? ? 1_555 B U   7  P  ? ? A A5M 6  A U   7  1_555 ? ? ? ? ? ? ?               1.606 ? ? 
covale5  covale both ? C A   5  "O3'" ? ? ? 1_555 C A5M 6  P  ? ? C A   5  C A5M 6  1_555 ? ? ? ? ? ? ?               1.603 ? ? 
covale6  covale both ? C A5M 6  "O3'" ? ? ? 1_555 C U   7  P  ? ? C A5M 6  C U   7  1_555 ? ? ? ? ? ? ?               1.603 ? ? 
metalc1  metalc ?    ? D CA  .  CA    ? ? ? 1_555 G HOH .  O  ? ? C CA  17 C HOH 18 1_555 ? ? ? ? ? ? ?               3.175 ? ? 
metalc2  metalc ?    ? D CA  .  CA    ? ? ? 1_555 G HOH .  O  ? ? C CA  17 C HOH 18 6_765 ? ? ? ? ? ? ?               3.174 ? ? 
hydrog1  hydrog ?    ? A G   1  N1    ? ? ? 1_555 B C   16 N3 ? ? B G   1  A C   16 1_555 ? ? ? ? ? ? WATSON-CRICK    ?     ? ? 
hydrog2  hydrog ?    ? A G   1  N2    ? ? ? 1_555 B C   16 O2 ? ? B G   1  A C   16 1_555 ? ? ? ? ? ? WATSON-CRICK    ?     ? ? 
hydrog3  hydrog ?    ? A G   1  O6    ? ? ? 1_555 B C   16 N4 ? ? B G   1  A C   16 1_555 ? ? ? ? ? ? WATSON-CRICK    ?     ? ? 
hydrog4  hydrog ?    ? A C   2  N3    ? ? ? 1_555 B G   15 N1 ? ? B C   2  A G   15 1_555 ? ? ? ? ? ? WATSON-CRICK    ?     ? ? 
hydrog5  hydrog ?    ? A C   2  N4    ? ? ? 1_555 B G   15 O6 ? ? B C   2  A G   15 1_555 ? ? ? ? ? ? WATSON-CRICK    ?     ? ? 
hydrog6  hydrog ?    ? A C   2  O2    ? ? ? 1_555 B G   15 N2 ? ? B C   2  A G   15 1_555 ? ? ? ? ? ? WATSON-CRICK    ?     ? ? 
hydrog7  hydrog ?    ? A A   3  N1    ? ? ? 1_555 B U   14 N3 ? ? B A   3  A U   14 1_555 ? ? ? ? ? ? WATSON-CRICK    ?     ? ? 
hydrog8  hydrog ?    ? A A   3  N6    ? ? ? 1_555 B U   14 O4 ? ? B A   3  A U   14 1_555 ? ? ? ? ? ? WATSON-CRICK    ?     ? ? 
hydrog9  hydrog ?    ? A G   4  N1    ? ? ? 1_555 B C   13 N3 ? ? B G   4  A C   13 1_555 ? ? ? ? ? ? WATSON-CRICK    ?     ? ? 
hydrog10 hydrog ?    ? A G   4  N2    ? ? ? 1_555 B C   13 O2 ? ? B G   4  A C   13 1_555 ? ? ? ? ? ? WATSON-CRICK    ?     ? ? 
hydrog11 hydrog ?    ? A G   4  O6    ? ? ? 1_555 B C   13 N4 ? ? B G   4  A C   13 1_555 ? ? ? ? ? ? WATSON-CRICK    ?     ? ? 
hydrog12 hydrog ?    ? A A   5  N1    ? ? ? 1_555 B U   12 N3 ? ? B A   5  A U   12 1_555 ? ? ? ? ? ? WATSON-CRICK    ?     ? ? 
hydrog13 hydrog ?    ? A A   5  N6    ? ? ? 1_555 B U   12 O4 ? ? B A   5  A U   12 1_555 ? ? ? ? ? ? WATSON-CRICK    ?     ? ? 
hydrog14 hydrog ?    ? A A5M 6  O2    ? ? ? 1_555 B A   11 N6 ? ? B A5M 6  A A   11 1_555 ? ? ? ? ? ? 'A5M-A MISPAIR' ?     ? ? 
hydrog15 hydrog ?    ? A U   7  N3    ? ? ? 1_555 B A   10 N1 ? ? B U   7  A A   10 1_555 ? ? ? ? ? ? WATSON-CRICK    ?     ? ? 
hydrog16 hydrog ?    ? A U   7  O4    ? ? ? 1_555 B A   10 N6 ? ? B U   7  A A   10 1_555 ? ? ? ? ? ? WATSON-CRICK    ?     ? ? 
hydrog17 hydrog ?    ? A U   8  N3    ? ? ? 1_555 B A   9  N1 ? ? B U   8  A A   9  1_555 ? ? ? ? ? ? WATSON-CRICK    ?     ? ? 
hydrog18 hydrog ?    ? A U   8  O4    ? ? ? 1_555 B A   9  N6 ? ? B U   8  A A   9  1_555 ? ? ? ? ? ? WATSON-CRICK    ?     ? ? 
hydrog19 hydrog ?    ? A A   9  N1    ? ? ? 1_555 B U   8  N3 ? ? B A   9  A U   8  1_555 ? ? ? ? ? ? WATSON-CRICK    ?     ? ? 
hydrog20 hydrog ?    ? A A   9  N6    ? ? ? 1_555 B U   8  O4 ? ? B A   9  A U   8  1_555 ? ? ? ? ? ? WATSON-CRICK    ?     ? ? 
hydrog21 hydrog ?    ? A A   10 N1    ? ? ? 1_555 B U   7  N3 ? ? B A   10 A U   7  1_555 ? ? ? ? ? ? WATSON-CRICK    ?     ? ? 
hydrog22 hydrog ?    ? A A   10 N6    ? ? ? 1_555 B U   7  O4 ? ? B A   10 A U   7  1_555 ? ? ? ? ? ? WATSON-CRICK    ?     ? ? 
hydrog23 hydrog ?    ? A A   11 N6    ? ? ? 1_555 B A5M 6  N3 ? ? B A   11 A A5M 6  1_555 ? ? ? ? ? ? 'A-A5M MISPAIR' ?     ? ? 
hydrog24 hydrog ?    ? A U   12 N3    ? ? ? 1_555 B A   5  N1 ? ? B U   12 A A   5  1_555 ? ? ? ? ? ? WATSON-CRICK    ?     ? ? 
hydrog25 hydrog ?    ? A U   12 O4    ? ? ? 1_555 B A   5  N6 ? ? B U   12 A A   5  1_555 ? ? ? ? ? ? WATSON-CRICK    ?     ? ? 
hydrog26 hydrog ?    ? A C   13 N3    ? ? ? 1_555 B G   4  N1 ? ? B C   13 A G   4  1_555 ? ? ? ? ? ? WATSON-CRICK    ?     ? ? 
hydrog27 hydrog ?    ? A C   13 N4    ? ? ? 1_555 B G   4  O6 ? ? B C   13 A G   4  1_555 ? ? ? ? ? ? WATSON-CRICK    ?     ? ? 
hydrog28 hydrog ?    ? A C   13 O2    ? ? ? 1_555 B G   4  N2 ? ? B C   13 A G   4  1_555 ? ? ? ? ? ? WATSON-CRICK    ?     ? ? 
hydrog29 hydrog ?    ? A U   14 N3    ? ? ? 1_555 B A   3  N1 ? ? B U   14 A A   3  1_555 ? ? ? ? ? ? WATSON-CRICK    ?     ? ? 
hydrog30 hydrog ?    ? A U   14 O4    ? ? ? 1_555 B A   3  N6 ? ? B U   14 A A   3  1_555 ? ? ? ? ? ? WATSON-CRICK    ?     ? ? 
hydrog31 hydrog ?    ? A G   15 N1    ? ? ? 1_555 B C   2  N3 ? ? B G   15 A C   2  1_555 ? ? ? ? ? ? WATSON-CRICK    ?     ? ? 
hydrog32 hydrog ?    ? A G   15 N2    ? ? ? 1_555 B C   2  O2 ? ? B G   15 A C   2  1_555 ? ? ? ? ? ? WATSON-CRICK    ?     ? ? 
hydrog33 hydrog ?    ? A G   15 O6    ? ? ? 1_555 B C   2  N4 ? ? B G   15 A C   2  1_555 ? ? ? ? ? ? WATSON-CRICK    ?     ? ? 
hydrog34 hydrog ?    ? A C   16 N3    ? ? ? 1_555 B G   1  N1 ? ? B C   16 A G   1  1_555 ? ? ? ? ? ? WATSON-CRICK    ?     ? ? 
hydrog35 hydrog ?    ? A C   16 N4    ? ? ? 1_555 B G   1  O6 ? ? B C   16 A G   1  1_555 ? ? ? ? ? ? WATSON-CRICK    ?     ? ? 
hydrog36 hydrog ?    ? A C   16 O2    ? ? ? 1_555 B G   1  N2 ? ? B C   16 A G   1  1_555 ? ? ? ? ? ? WATSON-CRICK    ?     ? ? 
hydrog37 hydrog ?    ? C G   1  N1    ? ? ? 1_555 C C   16 N3 ? ? C G   1  C C   16 6_765 ? ? ? ? ? ? WATSON-CRICK    ?     ? ? 
hydrog38 hydrog ?    ? C G   1  N2    ? ? ? 1_555 C C   16 O2 ? ? C G   1  C C   16 6_765 ? ? ? ? ? ? WATSON-CRICK    ?     ? ? 
hydrog39 hydrog ?    ? C G   1  O6    ? ? ? 1_555 C C   16 N4 ? ? C G   1  C C   16 6_765 ? ? ? ? ? ? WATSON-CRICK    ?     ? ? 
hydrog40 hydrog ?    ? C C   2  N3    ? ? ? 1_555 C G   15 N1 ? ? C C   2  C G   15 6_765 ? ? ? ? ? ? WATSON-CRICK    ?     ? ? 
hydrog41 hydrog ?    ? C C   2  N4    ? ? ? 1_555 C G   15 O6 ? ? C C   2  C G   15 6_765 ? ? ? ? ? ? WATSON-CRICK    ?     ? ? 
hydrog42 hydrog ?    ? C C   2  O2    ? ? ? 1_555 C G   15 N2 ? ? C C   2  C G   15 6_765 ? ? ? ? ? ? WATSON-CRICK    ?     ? ? 
hydrog43 hydrog ?    ? C A   3  N1    ? ? ? 1_555 C U   14 N3 ? ? C A   3  C U   14 6_765 ? ? ? ? ? ? WATSON-CRICK    ?     ? ? 
hydrog44 hydrog ?    ? C A   3  N6    ? ? ? 1_555 C U   14 O4 ? ? C A   3  C U   14 6_765 ? ? ? ? ? ? WATSON-CRICK    ?     ? ? 
hydrog45 hydrog ?    ? C G   4  N1    ? ? ? 1_555 C C   13 N3 ? ? C G   4  C C   13 6_765 ? ? ? ? ? ? WATSON-CRICK    ?     ? ? 
hydrog46 hydrog ?    ? C G   4  N2    ? ? ? 1_555 C C   13 O2 ? ? C G   4  C C   13 6_765 ? ? ? ? ? ? WATSON-CRICK    ?     ? ? 
hydrog47 hydrog ?    ? C G   4  O6    ? ? ? 1_555 C C   13 N4 ? ? C G   4  C C   13 6_765 ? ? ? ? ? ? WATSON-CRICK    ?     ? ? 
hydrog48 hydrog ?    ? C A   5  N1    ? ? ? 1_555 C U   12 N3 ? ? C A   5  C U   12 6_765 ? ? ? ? ? ? WATSON-CRICK    ?     ? ? 
hydrog49 hydrog ?    ? C A   5  N6    ? ? ? 1_555 C U   12 O4 ? ? C A   5  C U   12 6_765 ? ? ? ? ? ? WATSON-CRICK    ?     ? ? 
hydrog50 hydrog ?    ? C A5M 6  O2    ? ? ? 1_555 C A   11 N6 ? ? C A5M 6  C A   11 6_765 ? ? ? ? ? ? 'A5M-A MISPAIR' ?     ? ? 
hydrog51 hydrog ?    ? C U   7  N3    ? ? ? 1_555 C A   10 N1 ? ? C U   7  C A   10 6_765 ? ? ? ? ? ? WATSON-CRICK    ?     ? ? 
hydrog52 hydrog ?    ? C U   7  O4    ? ? ? 1_555 C A   10 N6 ? ? C U   7  C A   10 6_765 ? ? ? ? ? ? WATSON-CRICK    ?     ? ? 
hydrog53 hydrog ?    ? C U   8  N3    ? ? ? 1_555 C A   9  N1 ? ? C U   8  C A   9  6_765 ? ? ? ? ? ? WATSON-CRICK    ?     ? ? 
hydrog54 hydrog ?    ? C U   8  O4    ? ? ? 1_555 C A   9  N6 ? ? C U   8  C A   9  6_765 ? ? ? ? ? ? WATSON-CRICK    ?     ? ? 
hydrog55 hydrog ?    ? C A   9  N1    ? ? ? 1_555 C U   8  N3 ? ? C A   9  C U   8  6_765 ? ? ? ? ? ? WATSON-CRICK    ?     ? ? 
hydrog56 hydrog ?    ? C A   9  N6    ? ? ? 1_555 C U   8  O4 ? ? C A   9  C U   8  6_765 ? ? ? ? ? ? WATSON-CRICK    ?     ? ? 
hydrog57 hydrog ?    ? C A   10 N1    ? ? ? 1_555 C U   7  N3 ? ? C A   10 C U   7  6_765 ? ? ? ? ? ? WATSON-CRICK    ?     ? ? 
hydrog58 hydrog ?    ? C A   10 N6    ? ? ? 1_555 C U   7  O4 ? ? C A   10 C U   7  6_765 ? ? ? ? ? ? WATSON-CRICK    ?     ? ? 
hydrog59 hydrog ?    ? C A   11 N6    ? ? ? 1_555 C A5M 6  O2 ? ? C A   11 C A5M 6  6_765 ? ? ? ? ? ? 'A-A5M MISPAIR' ?     ? ? 
hydrog60 hydrog ?    ? C U   12 N3    ? ? ? 1_555 C A   5  N1 ? ? C U   12 C A   5  6_765 ? ? ? ? ? ? WATSON-CRICK    ?     ? ? 
hydrog61 hydrog ?    ? C U   12 O4    ? ? ? 1_555 C A   5  N6 ? ? C U   12 C A   5  6_765 ? ? ? ? ? ? WATSON-CRICK    ?     ? ? 
hydrog62 hydrog ?    ? C C   13 N3    ? ? ? 1_555 C G   4  N1 ? ? C C   13 C G   4  6_765 ? ? ? ? ? ? WATSON-CRICK    ?     ? ? 
hydrog63 hydrog ?    ? C C   13 N4    ? ? ? 1_555 C G   4  O6 ? ? C C   13 C G   4  6_765 ? ? ? ? ? ? WATSON-CRICK    ?     ? ? 
hydrog64 hydrog ?    ? C C   13 O2    ? ? ? 1_555 C G   4  N2 ? ? C C   13 C G   4  6_765 ? ? ? ? ? ? WATSON-CRICK    ?     ? ? 
hydrog65 hydrog ?    ? C U   14 N3    ? ? ? 1_555 C A   3  N1 ? ? C U   14 C A   3  6_765 ? ? ? ? ? ? WATSON-CRICK    ?     ? ? 
hydrog66 hydrog ?    ? C U   14 O4    ? ? ? 1_555 C A   3  N6 ? ? C U   14 C A   3  6_765 ? ? ? ? ? ? WATSON-CRICK    ?     ? ? 
hydrog67 hydrog ?    ? C G   15 N1    ? ? ? 1_555 C C   2  N3 ? ? C G   15 C C   2  6_765 ? ? ? ? ? ? WATSON-CRICK    ?     ? ? 
hydrog68 hydrog ?    ? C G   15 N2    ? ? ? 1_555 C C   2  O2 ? ? C G   15 C C   2  6_765 ? ? ? ? ? ? WATSON-CRICK    ?     ? ? 
hydrog69 hydrog ?    ? C G   15 O6    ? ? ? 1_555 C C   2  N4 ? ? C G   15 C C   2  6_765 ? ? ? ? ? ? WATSON-CRICK    ?     ? ? 
hydrog70 hydrog ?    ? C C   16 N3    ? ? ? 1_555 C G   1  N1 ? ? C C   16 C G   1  6_765 ? ? ? ? ? ? WATSON-CRICK    ?     ? ? 
hydrog71 hydrog ?    ? C C   16 N4    ? ? ? 1_555 C G   1  O6 ? ? C C   16 C G   1  6_765 ? ? ? ? ? ? WATSON-CRICK    ?     ? ? 
hydrog72 hydrog ?    ? C C   16 O2    ? ? ? 1_555 C G   1  N2 ? ? C C   16 C G   1  6_765 ? ? ? ? ? ? WATSON-CRICK    ?     ? ? 
# 
loop_
_struct_conn_type.id 
_struct_conn_type.criteria 
_struct_conn_type.reference 
covale ? ? 
metalc ? ? 
hydrog ? ? 
# 
_atom_sites.entry_id                    1Z79 
_atom_sites.fract_transf_matrix[1][1]   -0.00398428 
_atom_sites.fract_transf_matrix[1][2]   -0.01672536 
_atom_sites.fract_transf_matrix[1][3]   0.02062798 
_atom_sites.fract_transf_matrix[2][1]   -0.02495609 
_atom_sites.fract_transf_matrix[2][2]   -0.00718735 
_atom_sites.fract_transf_matrix[2][3]   0.00683177 
_atom_sites.fract_transf_matrix[3][1]   0.00044622 
_atom_sites.fract_transf_matrix[3][2]   -0.00639958 
_atom_sites.fract_transf_matrix[3][3]   -0.00510265 
_atom_sites.fract_transf_vector[1]      0.536778 
_atom_sites.fract_transf_vector[2]      0.778409 
_atom_sites.fract_transf_vector[3]      0.366026 
# 
loop_
_atom_type.symbol 
C  
CA 
N  
O  
P  
# 
loop_
_atom_site.group_PDB 
_atom_site.id 
_atom_site.type_symbol 
_atom_site.label_atom_id 
_atom_site.label_alt_id 
_atom_site.label_comp_id 
_atom_site.label_asym_id 
_atom_site.label_entity_id 
_atom_site.label_seq_id 
_atom_site.pdbx_PDB_ins_code 
_atom_site.Cartn_x 
_atom_site.Cartn_y 
_atom_site.Cartn_z 
_atom_site.occupancy 
_atom_site.B_iso_or_equiv 
_atom_site.pdbx_formal_charge 
_atom_site.auth_seq_id 
_atom_site.auth_comp_id 
_atom_site.auth_asym_id 
_atom_site.auth_atom_id 
_atom_site.pdbx_PDB_model_num 
ATOM   1    O  "O5'" . G   A 1 1  ? 4.731   -12.814 -26.507 1.00 51.73 ? 1  G   B "O5'" 1 
ATOM   2    C  "C5'" . G   A 1 1  ? 5.135   -12.228 -27.744 1.00 49.54 ? 1  G   B "C5'" 1 
ATOM   3    C  "C4'" . G   A 1 1  ? 4.015   -12.198 -28.760 1.00 50.53 ? 1  G   B "C4'" 1 
ATOM   4    O  "O4'" . G   A 1 1  ? 3.724   -13.544 -29.215 1.00 49.50 ? 1  G   B "O4'" 1 
ATOM   5    C  "C3'" . G   A 1 1  ? 2.683   -11.645 -28.271 1.00 49.17 ? 1  G   B "C3'" 1 
ATOM   6    O  "O3'" . G   A 1 1  ? 2.668   -10.228 -28.422 1.00 50.47 ? 1  G   B "O3'" 1 
ATOM   7    C  "C2'" . G   A 1 1  ? 1.697   -12.308 -29.225 1.00 49.98 ? 1  G   B "C2'" 1 
ATOM   8    O  "O2'" . G   A 1 1  ? 1.622   -11.657 -30.477 1.00 49.07 ? 1  G   B "O2'" 1 
ATOM   9    C  "C1'" . G   A 1 1  ? 2.327   -13.692 -29.406 1.00 49.41 ? 1  G   B "C1'" 1 
ATOM   10   N  N9    . G   A 1 1  ? 1.851   -14.669 -28.434 1.00 48.76 ? 1  G   B N9    1 
ATOM   11   C  C8    . G   A 1 1  ? 2.546   -15.135 -27.347 1.00 48.25 ? 1  G   B C8    1 
ATOM   12   N  N7    . G   A 1 1  ? 1.876   -16.009 -26.650 1.00 49.75 ? 1  G   B N7    1 
ATOM   13   C  C5    . G   A 1 1  ? 0.663   -16.129 -27.315 1.00 48.46 ? 1  G   B C5    1 
ATOM   14   C  C6    . G   A 1 1  ? -0.469  -16.933 -27.023 1.00 47.93 ? 1  G   B C6    1 
ATOM   15   O  O6    . G   A 1 1  ? -0.631  -17.725 -26.084 1.00 47.25 ? 1  G   B O6    1 
ATOM   16   N  N1    . G   A 1 1  ? -1.484  -16.747 -27.957 1.00 46.77 ? 1  G   B N1    1 
ATOM   17   C  C2    . G   A 1 1  ? -1.419  -15.896 -29.028 1.00 46.53 ? 1  G   B C2    1 
ATOM   18   N  N2    . G   A 1 1  ? -2.503  -15.858 -29.814 1.00 46.26 ? 1  G   B N2    1 
ATOM   19   N  N3    . G   A 1 1  ? -0.370  -15.139 -29.310 1.00 47.29 ? 1  G   B N3    1 
ATOM   20   C  C4    . G   A 1 1  ? 0.629   -15.307 -28.418 1.00 48.07 ? 1  G   B C4    1 
ATOM   21   P  P     . C   A 1 2  ? 1.631   -9.334  -27.576 1.00 48.52 ? 2  C   B P     1 
ATOM   22   O  OP1   . C   A 1 2  ? 1.890   -7.919  -27.933 1.00 51.17 ? 2  C   B OP1   1 
ATOM   23   O  OP2   . C   A 1 2  ? 1.677   -9.749  -26.154 1.00 49.98 ? 2  C   B OP2   1 
ATOM   24   O  "O5'" . C   A 1 2  ? 0.210   -9.720  -28.177 1.00 48.58 ? 2  C   B "O5'" 1 
ATOM   25   C  "C5'" . C   A 1 2  ? -0.183  -9.297  -29.474 1.00 45.44 ? 2  C   B "C5'" 1 
ATOM   26   C  "C4'" . C   A 1 2  ? -1.551  -9.841  -29.789 1.00 44.61 ? 2  C   B "C4'" 1 
ATOM   27   O  "O4'" . C   A 1 2  ? -1.470  -11.295 -29.820 1.00 44.37 ? 2  C   B "O4'" 1 
ATOM   28   C  "C3'" . C   A 1 2  ? -2.609  -9.555  -28.731 1.00 43.60 ? 2  C   B "C3'" 1 
ATOM   29   O  "O3'" . C   A 1 2  ? -3.215  -8.279  -28.888 1.00 42.32 ? 2  C   B "O3'" 1 
ATOM   30   C  "C2'" . C   A 1 2  ? -3.596  -10.693 -28.954 1.00 43.86 ? 2  C   B "C2'" 1 
ATOM   31   O  "O2'" . C   A 1 2  ? -4.446  -10.487 -30.064 1.00 43.72 ? 2  C   B "O2'" 1 
ATOM   32   C  "C1'" . C   A 1 2  ? -2.641  -11.852 -29.241 1.00 44.55 ? 2  C   B "C1'" 1 
ATOM   33   N  N1    . C   A 1 2  ? -2.252  -12.576 -28.017 1.00 45.38 ? 2  C   B N1    1 
ATOM   34   C  C2    . C   A 1 2  ? -3.142  -13.512 -27.475 1.00 45.13 ? 2  C   B C2    1 
ATOM   35   O  O2    . C   A 1 2  ? -4.231  -13.695 -28.033 1.00 44.70 ? 2  C   B O2    1 
ATOM   36   N  N3    . C   A 1 2  ? -2.792  -14.186 -26.358 1.00 45.66 ? 2  C   B N3    1 
ATOM   37   C  C4    . C   A 1 2  ? -1.613  -13.950 -25.780 1.00 46.02 ? 2  C   B C4    1 
ATOM   38   N  N4    . C   A 1 2  ? -1.306  -14.642 -24.679 1.00 46.66 ? 2  C   B N4    1 
ATOM   39   C  C5    . C   A 1 2  ? -0.692  -12.995 -26.305 1.00 45.15 ? 2  C   B C5    1 
ATOM   40   C  C6    . C   A 1 2  ? -1.049  -12.340 -27.414 1.00 44.20 ? 2  C   B C6    1 
ATOM   41   P  P     . A   A 1 3  ? -3.666  -7.452  -27.580 1.00 44.41 ? 3  A   B P     1 
ATOM   42   O  OP1   . A   A 1 3  ? -4.089  -6.092  -28.003 1.00 43.10 ? 3  A   B OP1   1 
ATOM   43   O  OP2   . A   A 1 3  ? -2.601  -7.603  -26.558 1.00 44.53 ? 3  A   B OP2   1 
ATOM   44   O  "O5'" . A   A 1 3  ? -4.943  -8.242  -27.033 1.00 44.80 ? 3  A   B "O5'" 1 
ATOM   45   C  "C5'" . A   A 1 3  ? -6.162  -8.267  -27.766 1.00 41.61 ? 3  A   B "C5'" 1 
ATOM   46   C  "C4'" . A   A 1 3  ? -7.211  -9.067  -27.023 1.00 42.04 ? 3  A   B "C4'" 1 
ATOM   47   O  "O4'" . A   A 1 3  ? -6.896  -10.488 -27.070 1.00 42.07 ? 3  A   B "O4'" 1 
ATOM   48   C  "C3'" . A   A 1 3  ? -7.364  -8.780  -25.539 1.00 42.48 ? 3  A   B "C3'" 1 
ATOM   49   O  "O3'" . A   A 1 3  ? -8.139  -7.607  -25.298 1.00 41.59 ? 3  A   B "O3'" 1 
ATOM   50   C  "C2'" . A   A 1 3  ? -8.067  -10.045 -25.067 1.00 42.39 ? 3  A   B "C2'" 1 
ATOM   51   O  "O2'" . A   A 1 3  ? -9.435  -10.078 -25.432 1.00 43.20 ? 3  A   B "O2'" 1 
ATOM   52   C  "C1'" . A   A 1 3  ? -7.314  -11.109 -25.865 1.00 41.52 ? 3  A   B "C1'" 1 
ATOM   53   N  N9    . A   A 1 3  ? -6.122  -11.572 -25.151 1.00 42.19 ? 3  A   B N9    1 
ATOM   54   C  C8    . A   A 1 3  ? -4.842  -11.071 -25.232 1.00 41.35 ? 3  A   B C8    1 
ATOM   55   N  N7    . A   A 1 3  ? -3.988  -11.676 -24.444 1.00 40.88 ? 3  A   B N7    1 
ATOM   56   C  C5    . A   A 1 3  ? -4.752  -12.645 -23.806 1.00 40.54 ? 3  A   B C5    1 
ATOM   57   C  C6    . A   A 1 3  ? -4.430  -13.626 -22.850 1.00 39.78 ? 3  A   B C6    1 
ATOM   58   N  N6    . A   A 1 3  ? -3.207  -13.798 -22.353 1.00 38.92 ? 3  A   B N6    1 
ATOM   59   N  N1    . A   A 1 3  ? -5.421  -14.437 -22.420 1.00 39.49 ? 3  A   B N1    1 
ATOM   60   C  C2    . A   A 1 3  ? -6.649  -14.269 -22.929 1.00 40.09 ? 3  A   B C2    1 
ATOM   61   N  N3    . A   A 1 3  ? -7.075  -13.387 -23.834 1.00 39.68 ? 3  A   B N3    1 
ATOM   62   C  C4    . A   A 1 3  ? -6.067  -12.596 -24.236 1.00 40.28 ? 3  A   B C4    1 
ATOM   63   P  P     . G   A 1 4  ? -7.834  -6.702  -24.003 1.00 39.97 ? 4  G   B P     1 
ATOM   64   O  OP1   . G   A 1 4  ? -8.741  -5.529  -24.109 1.00 41.61 ? 4  G   B OP1   1 
ATOM   65   O  OP2   . G   A 1 4  ? -6.375  -6.486  -23.897 1.00 41.03 ? 4  G   B OP2   1 
ATOM   66   O  "O5'" . G   A 1 4  ? -8.320  -7.604  -22.782 1.00 39.56 ? 4  G   B "O5'" 1 
ATOM   67   C  "C5'" . G   A 1 4  ? -9.709  -7.859  -22.612 1.00 40.02 ? 4  G   B "C5'" 1 
ATOM   68   C  "C4'" . G   A 1 4  ? -9.947  -8.977  -21.625 1.00 39.73 ? 4  G   B "C4'" 1 
ATOM   69   O  "O4'" . G   A 1 4  ? -9.346  -10.213 -22.101 1.00 40.51 ? 4  G   B "O4'" 1 
ATOM   70   C  "C3'" . G   A 1 4  ? -9.354  -8.830  -20.239 1.00 37.80 ? 4  G   B "C3'" 1 
ATOM   71   O  "O3'" . G   A 1 4  ? -10.086 -7.935  -19.430 1.00 34.24 ? 4  G   B "O3'" 1 
ATOM   72   C  "C2'" . G   A 1 4  ? -9.446  -10.261 -19.737 1.00 39.42 ? 4  G   B "C2'" 1 
ATOM   73   O  "O2'" . G   A 1 4  ? -10.757 -10.645 -19.390 1.00 38.22 ? 4  G   B "O2'" 1 
ATOM   74   C  "C1'" . G   A 1 4  ? -8.996  -11.024 -20.984 1.00 40.69 ? 4  G   B "C1'" 1 
ATOM   75   N  N9    . G   A 1 4  ? -7.546  -11.166 -20.950 1.00 42.10 ? 4  G   B N9    1 
ATOM   76   C  C8    . G   A 1 4  ? -6.615  -10.427 -21.638 1.00 42.18 ? 4  G   B C8    1 
ATOM   77   N  N7    . G   A 1 4  ? -5.385  -10.750 -21.341 1.00 42.87 ? 4  G   B N7    1 
ATOM   78   C  C5    . G   A 1 4  ? -5.512  -11.771 -20.412 1.00 41.81 ? 4  G   B C5    1 
ATOM   79   C  C6    . G   A 1 4  ? -4.523  -12.511 -19.722 1.00 41.27 ? 4  G   B C6    1 
ATOM   80   O  O6    . G   A 1 4  ? -3.293  -12.414 -19.803 1.00 38.86 ? 4  G   B O6    1 
ATOM   81   N  N1    . G   A 1 4  ? -5.093  -13.449 -18.868 1.00 41.95 ? 4  G   B N1    1 
ATOM   82   C  C2    . G   A 1 4  ? -6.441  -13.660 -18.710 1.00 41.71 ? 4  G   B C2    1 
ATOM   83   N  N2    . G   A 1 4  ? -6.797  -14.625 -17.852 1.00 43.14 ? 4  G   B N2    1 
ATOM   84   N  N3    . G   A 1 4  ? -7.372  -12.977 -19.348 1.00 41.69 ? 4  G   B N3    1 
ATOM   85   C  C4    . G   A 1 4  ? -6.840  -12.052 -20.174 1.00 42.49 ? 4  G   B C4    1 
ATOM   86   P  P     . A   A 1 5  ? -9.302  -7.019  -18.371 1.00 36.65 ? 5  A   B P     1 
ATOM   87   O  OP1   . A   A 1 5  ? -10.255 -6.011  -17.836 1.00 35.54 ? 5  A   B OP1   1 
ATOM   88   O  OP2   . A   A 1 5  ? -8.040  -6.563  -19.016 1.00 37.18 ? 5  A   B OP2   1 
ATOM   89   O  "O5'" . A   A 1 5  ? -8.916  -8.024  -17.194 1.00 35.41 ? 5  A   B "O5'" 1 
ATOM   90   C  "C5'" . A   A 1 5  ? -9.923  -8.757  -16.506 1.00 34.98 ? 5  A   B "C5'" 1 
ATOM   91   C  "C4'" . A   A 1 5  ? -9.306  -9.823  -15.628 1.00 36.25 ? 5  A   B "C4'" 1 
ATOM   92   O  "O4'" . A   A 1 5  ? -8.539  -10.763 -16.431 1.00 34.85 ? 5  A   B "O4'" 1 
ATOM   93   C  "C3'" . A   A 1 5  ? -8.299  -9.353  -14.595 1.00 37.14 ? 5  A   B "C3'" 1 
ATOM   94   O  "O3'" . A   A 1 5  ? -8.937  -8.835  -13.440 1.00 39.16 ? 5  A   B "O3'" 1 
ATOM   95   C  "C2'" . A   A 1 5  ? -7.581  -10.650 -14.264 1.00 37.33 ? 5  A   B "C2'" 1 
ATOM   96   O  "O2'" . A   A 1 5  ? -8.345  -11.469 -13.408 1.00 37.53 ? 5  A   B "O2'" 1 
ATOM   97   C  "C1'" . A   A 1 5  ? -7.487  -11.298 -15.644 1.00 36.41 ? 5  A   B "C1'" 1 
ATOM   98   N  N9    . A   A 1 5  ? -6.218  -10.981 -16.287 1.00 35.61 ? 5  A   B N9    1 
ATOM   99   C  C8    . A   A 1 5  ? -5.976  -10.074 -17.283 1.00 37.03 ? 5  A   B C8    1 
ATOM   100  N  N7    . A   A 1 5  ? -4.724  -10.032 -17.665 1.00 37.01 ? 5  A   B N7    1 
ATOM   101  C  C5    . A   A 1 5  ? -4.101  -10.973 -16.861 1.00 35.92 ? 5  A   B C5    1 
ATOM   102  C  C6    . A   A 1 5  ? -2.773  -11.402 -16.775 1.00 34.19 ? 5  A   B C6    1 
ATOM   103  N  N6    . A   A 1 5  ? -1.802  -10.934 -17.550 1.00 33.03 ? 5  A   B N6    1 
ATOM   104  N  N1    . A   A 1 5  ? -2.472  -12.347 -15.855 1.00 34.69 ? 5  A   B N1    1 
ATOM   105  C  C2    . A   A 1 5  ? -3.454  -12.820 -15.082 1.00 35.98 ? 5  A   B C2    1 
ATOM   106  N  N3    . A   A 1 5  ? -4.748  -12.499 -15.073 1.00 37.97 ? 5  A   B N3    1 
ATOM   107  C  C4    . A   A 1 5  ? -5.007  -11.557 -16.000 1.00 36.59 ? 5  A   B C4    1 
HETATM 108  P  P     . A5M A 1 6  ? -8.167  -7.759  -12.531 1.00 40.53 ? 6  A5M B P     1 
HETATM 109  O  OP1   . A5M A 1 6  ? -9.115  -7.271  -11.492 1.00 40.34 ? 6  A5M B OP1   1 
HETATM 110  O  OP2   . A5M A 1 6  ? -7.491  -6.782  -13.427 1.00 38.87 ? 6  A5M B OP2   1 
HETATM 111  O  "O5'" . A5M A 1 6  ? -7.040  -8.627  -11.814 1.00 40.50 ? 6  A5M B "O5'" 1 
HETATM 112  C  "C5'" . A5M A 1 6  ? -7.361  -9.826  -11.117 1.00 40.40 ? 6  A5M B "C5'" 1 
HETATM 113  C  "C4'" . A5M A 1 6  ? -6.089  -10.537 -10.724 1.00 43.16 ? 6  A5M B "C4'" 1 
HETATM 114  O  "O4'" . A5M A 1 6  ? -5.404  -11.043 -11.905 1.00 42.62 ? 6  A5M B "O4'" 1 
HETATM 115  C  "C1'" . A5M A 1 6  ? -4.004  -10.839 -11.780 1.00 42.85 ? 6  A5M B "C1'" 1 
HETATM 116  N  N1    . A5M A 1 6  ? -3.597  -9.898  -12.836 1.00 42.90 ? 6  A5M B N1    1 
HETATM 117  C  C6    . A5M A 1 6  ? -4.482  -8.972  -13.317 1.00 42.46 ? 6  A5M B C6    1 
HETATM 118  C  C2    . A5M A 1 6  ? -2.293  -9.972  -13.360 1.00 41.47 ? 6  A5M B C2    1 
HETATM 119  O  O2    . A5M A 1 6  ? -1.496  -10.785 -12.882 1.00 40.61 ? 6  A5M B O2    1 
HETATM 120  N  N3    . A5M A 1 6  ? -1.942  -9.145  -14.371 1.00 40.41 ? 6  A5M B N3    1 
HETATM 121  C  C4    . A5M A 1 6  ? -2.819  -8.255  -14.842 1.00 39.85 ? 6  A5M B C4    1 
HETATM 122  N  N4    . A5M A 1 6  ? -2.430  -7.462  -15.841 1.00 38.68 ? 6  A5M B N4    1 
HETATM 123  C  C5    . A5M A 1 6  ? -4.137  -8.137  -14.308 1.00 41.39 ? 6  A5M B C5    1 
HETATM 124  C  "C2'" . A5M A 1 6  ? -3.752  -10.326 -10.362 1.00 44.11 ? 6  A5M B "C2'" 1 
HETATM 125  N  "N2'" . A5M A 1 6  ? -3.483  -11.473 -9.473  1.00 44.87 ? 6  A5M B "N2'" 1 
HETATM 126  C  "C3'" . A5M A 1 6  ? -5.073  -9.619  -10.072 1.00 44.69 ? 6  A5M B "C3'" 1 
HETATM 127  O  "O3'" . A5M A 1 6  ? -5.361  -9.460  -8.695  1.00 45.13 ? 6  A5M B "O3'" 1 
ATOM   128  P  P     . U   A 1 7  ? -4.620  -8.311  -7.860  1.00 47.65 ? 7  U   B P     1 
ATOM   129  O  OP1   . U   A 1 7  ? -5.345  -8.203  -6.563  1.00 47.42 ? 7  U   B OP1   1 
ATOM   130  O  OP2   . U   A 1 7  ? -4.432  -7.102  -8.711  1.00 42.94 ? 7  U   B OP2   1 
ATOM   131  O  "O5'" . U   A 1 7  ? -3.206  -8.974  -7.572  1.00 46.40 ? 7  U   B "O5'" 1 
ATOM   132  C  "C5'" . U   A 1 7  ? -2.040  -8.190  -7.432  1.00 44.84 ? 7  U   B "C5'" 1 
ATOM   133  C  "C4'" . U   A 1 7  ? -0.833  -9.070  -7.581  1.00 43.77 ? 7  U   B "C4'" 1 
ATOM   134  O  "O4'" . U   A 1 7  ? -0.853  -9.698  -8.892  1.00 43.69 ? 7  U   B "O4'" 1 
ATOM   135  C  "C3'" . U   A 1 7  ? 0.495   -8.353  -7.534  1.00 42.03 ? 7  U   B "C3'" 1 
ATOM   136  O  "O3'" . U   A 1 7  ? 0.881   -8.177  -6.189  1.00 41.63 ? 7  U   B "O3'" 1 
ATOM   137  C  "C2'" . U   A 1 7  ? 1.395   -9.329  -8.269  1.00 40.98 ? 7  U   B "C2'" 1 
ATOM   138  O  "O2'" . U   A 1 7  ? 1.720   -10.421 -7.438  1.00 37.13 ? 7  U   B "O2'" 1 
ATOM   139  C  "C1'" . U   A 1 7  ? 0.469   -9.786  -9.401  1.00 40.93 ? 7  U   B "C1'" 1 
ATOM   140  N  N1    . U   A 1 7  ? 0.531   -8.964  -10.622 1.00 40.53 ? 7  U   B N1    1 
ATOM   141  C  C2    . U   A 1 7  ? 1.625   -9.109  -11.465 1.00 41.64 ? 7  U   B C2    1 
ATOM   142  O  O2    . U   A 1 7  ? 2.555   -9.860  -11.227 1.00 42.44 ? 7  U   B O2    1 
ATOM   143  N  N3    . U   A 1 7  ? 1.588   -8.333  -12.601 1.00 41.69 ? 7  U   B N3    1 
ATOM   144  C  C4    . U   A 1 7  ? 0.598   -7.437  -12.968 1.00 40.02 ? 7  U   B C4    1 
ATOM   145  O  O4    . U   A 1 7  ? 0.687   -6.847  -14.044 1.00 38.03 ? 7  U   B O4    1 
ATOM   146  C  C5    . U   A 1 7  ? -0.481  -7.329  -12.040 1.00 38.59 ? 7  U   B C5    1 
ATOM   147  C  C6    . U   A 1 7  ? -0.480  -8.078  -10.928 1.00 40.32 ? 7  U   B C6    1 
ATOM   148  P  P     . U   A 1 8  ? 1.602   -6.817  -5.761  1.00 41.75 ? 8  U   B P     1 
ATOM   149  O  OP1   . U   A 1 8  ? 1.624   -6.746  -4.276  1.00 40.16 ? 8  U   B OP1   1 
ATOM   150  O  OP2   . U   A 1 8  ? 0.981   -5.724  -6.549  1.00 41.80 ? 8  U   B OP2   1 
ATOM   151  O  "O5'" . U   A 1 8  ? 3.091   -7.023  -6.281  1.00 42.48 ? 8  U   B "O5'" 1 
ATOM   152  C  "C5'" . U   A 1 8  ? 3.847   -8.154  -5.870  1.00 39.84 ? 8  U   B "C5'" 1 
ATOM   153  C  "C4'" . U   A 1 8  ? 5.088   -8.289  -6.715  1.00 40.05 ? 8  U   B "C4'" 1 
ATOM   154  O  "O4'" . U   A 1 8  ? 4.730   -8.705  -8.061  1.00 38.43 ? 8  U   B "O4'" 1 
ATOM   155  C  "C3'" . U   A 1 8  ? 5.889   -7.012  -6.924  1.00 38.83 ? 8  U   B "C3'" 1 
ATOM   156  O  "O3'" . U   A 1 8  ? 6.706   -6.711  -5.798  1.00 36.39 ? 8  U   B "O3'" 1 
ATOM   157  C  "C2'" . U   A 1 8  ? 6.674   -7.357  -8.183  1.00 38.71 ? 8  U   B "C2'" 1 
ATOM   158  O  "O2'" . U   A 1 8  ? 7.727   -8.270  -7.960  1.00 38.48 ? 8  U   B "O2'" 1 
ATOM   159  C  "C1'" . U   A 1 8  ? 5.605   -8.086  -8.994  1.00 39.25 ? 8  U   B "C1'" 1 
ATOM   160  N  N1    . U   A 1 8  ? 4.812   -7.190  -9.850  1.00 40.39 ? 8  U   B N1    1 
ATOM   161  C  C2    . U   A 1 8  ? 5.368   -6.793  -11.058 1.00 39.38 ? 8  U   B C2    1 
ATOM   162  O  O2    . U   A 1 8  ? 6.487   -7.112  -11.406 1.00 39.51 ? 8  U   B O2    1 
ATOM   163  N  N3    . U   A 1 8  ? 4.562   -6.006  -11.838 1.00 39.64 ? 8  U   B N3    1 
ATOM   164  C  C4    . U   A 1 8  ? 3.293   -5.569  -11.543 1.00 38.10 ? 8  U   B C4    1 
ATOM   165  O  O4    . U   A 1 8  ? 2.683   -4.887  -12.368 1.00 36.93 ? 8  U   B O4    1 
ATOM   166  C  C5    . U   A 1 8  ? 2.800   -5.994  -10.264 1.00 39.17 ? 8  U   B C5    1 
ATOM   167  C  C6    . U   A 1 8  ? 3.556   -6.768  -9.481  1.00 38.20 ? 8  U   B C6    1 
ATOM   168  P  P     . A   A 1 9  ? 6.964   -5.176  -5.390  1.00 37.90 ? 9  A   B P     1 
ATOM   169  O  OP1   . A   A 1 9  ? 7.680   -5.146  -4.088  1.00 39.42 ? 9  A   B OP1   1 
ATOM   170  O  OP2   . A   A 1 9  ? 5.715   -4.394  -5.540  1.00 38.74 ? 9  A   B OP2   1 
ATOM   171  O  "O5'" . A   A 1 9  ? 7.985   -4.688  -6.509  1.00 37.94 ? 9  A   B "O5'" 1 
ATOM   172  C  "C5'" . A   A 1 9  ? 9.231   -5.347  -6.683  1.00 35.80 ? 9  A   B "C5'" 1 
ATOM   173  C  "C4'" . A   A 1 9  ? 9.926   -4.807  -7.899  1.00 36.11 ? 9  A   B "C4'" 1 
ATOM   174  O  "O4'" . A   A 1 9  ? 9.200   -5.215  -9.084  1.00 36.92 ? 9  A   B "O4'" 1 
ATOM   175  C  "C3'" . A   A 1 9  ? 9.932   -3.290  -7.982  1.00 35.96 ? 9  A   B "C3'" 1 
ATOM   176  O  "O3'" . A   A 1 9  ? 10.983  -2.732  -7.209  1.00 35.44 ? 9  A   B "O3'" 1 
ATOM   177  C  "C2'" . A   A 1 9  ? 10.109  -3.049  -9.473  1.00 35.23 ? 9  A   B "C2'" 1 
ATOM   178  O  "O2'" . A   A 1 9  ? 11.444  -3.176  -9.910  1.00 34.08 ? 9  A   B "O2'" 1 
ATOM   179  C  "C1'" . A   A 1 9  ? 9.262   -4.180  -10.059 1.00 37.62 ? 9  A   B "C1'" 1 
ATOM   180  N  N9    . A   A 1 9  ? 7.899   -3.754  -10.384 1.00 38.59 ? 9  A   B N9    1 
ATOM   181  C  C8    . A   A 1 9  ? 6.754   -3.872  -9.629  1.00 35.63 ? 9  A   B C8    1 
ATOM   182  N  N7    . A   A 1 9  ? 5.687   -3.382  -10.211 1.00 34.37 ? 9  A   B N7    1 
ATOM   183  C  C5    . A   A 1 9  ? 6.158   -2.911  -11.431 1.00 36.63 ? 9  A   B C5    1 
ATOM   184  C  C6    . A   A 1 9  ? 5.521   -2.268  -12.510 1.00 37.70 ? 9  A   B C6    1 
ATOM   185  N  N6    . A   A 1 9  ? 4.221   -1.982  -12.539 1.00 36.34 ? 9  A   B N6    1 
ATOM   186  N  N1    . A   A 1 9  ? 6.282   -1.918  -13.574 1.00 39.02 ? 9  A   B N1    1 
ATOM   187  C  C2    . A   A 1 9  ? 7.590   -2.193  -13.541 1.00 38.90 ? 9  A   B C2    1 
ATOM   188  N  N3    . A   A 1 9  ? 8.304   -2.788  -12.584 1.00 39.37 ? 9  A   B N3    1 
ATOM   189  C  C4    . A   A 1 9  ? 7.519   -3.128  -11.547 1.00 37.73 ? 9  A   B C4    1 
ATOM   190  P  P     . A   A 1 10 ? 10.897  -1.197  -6.762  1.00 35.07 ? 10 A   B P     1 
ATOM   191  O  OP1   . A   A 1 10 ? 12.053  -0.885  -5.883  1.00 36.14 ? 10 A   B OP1   1 
ATOM   192  O  OP2   . A   A 1 10 ? 9.515   -0.923  -6.298  1.00 33.52 ? 10 A   B OP2   1 
ATOM   193  O  "O5'" . A   A 1 10 ? 11.126  -0.402  -8.117  1.00 35.89 ? 10 A   B "O5'" 1 
ATOM   194  C  "C5'" . A   A 1 10 ? 12.395  -0.383  -8.750  1.00 32.67 ? 10 A   B "C5'" 1 
ATOM   195  C  "C4'" . A   A 1 10 ? 12.379  0.616   -9.872  1.00 32.78 ? 10 A   B "C4'" 1 
ATOM   196  O  "O4'" . A   A 1 10 ? 11.599  0.114   -10.993 1.00 31.48 ? 10 A   B "O4'" 1 
ATOM   197  C  "C3'" . A   A 1 10 ? 11.650  1.886   -9.507  1.00 33.22 ? 10 A   B "C3'" 1 
ATOM   198  O  "O3'" . A   A 1 10 ? 12.432  2.742   -8.716  1.00 32.80 ? 10 A   B "O3'" 1 
ATOM   199  C  "C2'" . A   A 1 10 ? 11.311  2.463   -10.871 1.00 32.69 ? 10 A   B "C2'" 1 
ATOM   200  O  "O2'" . A   A 1 10 ? 12.417  3.068   -11.498 1.00 33.25 ? 10 A   B "O2'" 1 
ATOM   201  C  "C1'" . A   A 1 10 ? 10.914  1.194   -11.622 1.00 32.28 ? 10 A   B "C1'" 1 
ATOM   202  N  N9    . A   A 1 10 ? 9.478   0.962   -11.493 1.00 32.31 ? 10 A   B N9    1 
ATOM   203  C  C8    . A   A 1 10 ? 8.816   0.345   -10.457 1.00 31.43 ? 10 A   B C8    1 
ATOM   204  N  N7    . A   A 1 10 ? 7.516   0.315   -10.605 1.00 31.80 ? 10 A   B N7    1 
ATOM   205  C  C5    . A   A 1 10 ? 7.304   0.948   -11.824 1.00 33.35 ? 10 A   B C5    1 
ATOM   206  C  C6    . A   A 1 10 ? 6.137   1.234   -12.549 1.00 32.82 ? 10 A   B C6    1 
ATOM   207  N  N6    . A   A 1 10 ? 4.918   0.908   -12.132 1.00 31.42 ? 10 A   B N6    1 
ATOM   208  N  N1    . A   A 1 10 ? 6.271   1.874   -13.733 1.00 33.74 ? 10 A   B N1    1 
ATOM   209  C  C2    . A   A 1 10 ? 7.499   2.197   -14.150 1.00 33.09 ? 10 A   B C2    1 
ATOM   210  N  N3    . A   A 1 10 ? 8.673   1.981   -13.558 1.00 33.64 ? 10 A   B N3    1 
ATOM   211  C  C4    . A   A 1 10 ? 8.505   1.345   -12.385 1.00 32.70 ? 10 A   B C4    1 
ATOM   212  P  P     . A   A 1 11 ? 11.705  3.914   -7.920  1.00 36.66 ? 11 A   B P     1 
ATOM   213  O  OP1   . A   A 1 11 ? 12.742  4.700   -7.191  1.00 33.82 ? 11 A   B OP1   1 
ATOM   214  O  OP2   . A   A 1 11 ? 10.564  3.312   -7.170  1.00 35.67 ? 11 A   B OP2   1 
ATOM   215  O  "O5'" . A   A 1 11 ? 11.119  4.778   -9.117  1.00 34.10 ? 11 A   B "O5'" 1 
ATOM   216  C  "C5'" . A   A 1 11 ? 10.047  5.678   -8.936  1.00 32.88 ? 11 A   B "C5'" 1 
ATOM   217  C  "C4'" . A   A 1 11 ? 9.612   6.194   -10.278 1.00 33.49 ? 11 A   B "C4'" 1 
ATOM   218  O  "O4'" . A   A 1 11 ? 9.114   5.081   -11.068 1.00 34.08 ? 11 A   B "O4'" 1 
ATOM   219  C  "C3'" . A   A 1 11 ? 8.470   7.185   -10.274 1.00 32.43 ? 11 A   B "C3'" 1 
ATOM   220  O  "O3'" . A   A 1 11 ? 8.968   8.483   -10.025 1.00 32.84 ? 11 A   B "O3'" 1 
ATOM   221  C  "C2'" . A   A 1 11 ? 7.944   7.031   -11.692 1.00 34.08 ? 11 A   B "C2'" 1 
ATOM   222  O  "O2'" . A   A 1 11 ? 8.786   7.635   -12.645 1.00 33.25 ? 11 A   B "O2'" 1 
ATOM   223  C  "C1'" . A   A 1 11 ? 8.022   5.513   -11.861 1.00 34.93 ? 11 A   B "C1'" 1 
ATOM   224  N  N9    . A   A 1 11 ? 6.815   4.857   -11.359 1.00 36.03 ? 11 A   B N9    1 
ATOM   225  C  C8    . A   A 1 11 ? 6.648   4.173   -10.179 1.00 36.03 ? 11 A   B C8    1 
ATOM   226  N  N7    . A   A 1 11 ? 5.429   3.728   -9.994  1.00 36.22 ? 11 A   B N7    1 
ATOM   227  C  C5    . A   A 1 11 ? 4.749   4.141   -11.131 1.00 35.39 ? 11 A   B C5    1 
ATOM   228  C  C6    . A   A 1 11 ? 3.422   3.997   -11.535 1.00 34.46 ? 11 A   B C6    1 
ATOM   229  N  N6    . A   A 1 11 ? 2.487   3.394   -10.807 1.00 34.87 ? 11 A   B N6    1 
ATOM   230  N  N1    . A   A 1 11 ? 3.073   4.511   -12.731 1.00 36.32 ? 11 A   B N1    1 
ATOM   231  C  C2    . A   A 1 11 ? 4.001   5.140   -13.457 1.00 36.01 ? 11 A   B C2    1 
ATOM   232  N  N3    . A   A 1 11 ? 5.279   5.355   -13.176 1.00 36.07 ? 11 A   B N3    1 
ATOM   233  C  C4    . A   A 1 11 ? 5.595   4.824   -11.986 1.00 35.65 ? 11 A   B C4    1 
ATOM   234  P  P     . U   A 1 12 ? 8.218   9.430   -8.972  1.00 33.96 ? 12 U   B P     1 
ATOM   235  O  OP1   . U   A 1 12 ? 9.047   10.638  -8.725  1.00 31.32 ? 12 U   B OP1   1 
ATOM   236  O  OP2   . U   A 1 12 ? 7.811   8.570   -7.836  1.00 30.49 ? 12 U   B OP2   1 
ATOM   237  O  "O5'" . U   A 1 12 ? 6.913   9.900   -9.756  1.00 34.07 ? 12 U   B "O5'" 1 
ATOM   238  C  "C5'" . U   A 1 12 ? 7.009   10.519  -11.031 1.00 33.32 ? 12 U   B "C5'" 1 
ATOM   239  C  "C4'" . U   A 1 12 ? 5.666   10.495  -11.726 1.00 34.10 ? 12 U   B "C4'" 1 
ATOM   240  O  "O4'" . U   A 1 12 ? 5.285   9.123   -12.038 1.00 33.61 ? 12 U   B "O4'" 1 
ATOM   241  C  "C3'" . U   A 1 12 ? 4.487   10.994  -10.911 1.00 33.54 ? 12 U   B "C3'" 1 
ATOM   242  O  "O3'" . U   A 1 12 ? 4.410   12.408  -10.881 1.00 32.69 ? 12 U   B "O3'" 1 
ATOM   243  C  "C2'" . U   A 1 12 ? 3.310   10.389  -11.665 1.00 33.11 ? 12 U   B "C2'" 1 
ATOM   244  O  "O2'" . U   A 1 12 ? 2.991   11.105  -12.834 1.00 30.80 ? 12 U   B "O2'" 1 
ATOM   245  C  "C1'" . U   A 1 12 ? 3.868   9.015   -12.030 1.00 32.43 ? 12 U   B "C1'" 1 
ATOM   246  N  N1    . U   A 1 12 ? 3.483   8.006   -11.038 1.00 32.94 ? 12 U   B N1    1 
ATOM   247  C  C2    . U   A 1 12 ? 2.230   7.459   -11.155 1.00 32.61 ? 12 U   B C2    1 
ATOM   248  O  O2    . U   A 1 12 ? 1.449   7.802   -12.013 1.00 33.67 ? 12 U   B O2    1 
ATOM   249  N  N3    . U   A 1 12 ? 1.922   6.501   -10.225 1.00 34.71 ? 12 U   B N3    1 
ATOM   250  C  C4    . U   A 1 12 ? 2.726   6.060   -9.195  1.00 35.66 ? 12 U   B C4    1 
ATOM   251  O  O4    . U   A 1 12 ? 2.312   5.181   -8.439  1.00 35.97 ? 12 U   B O4    1 
ATOM   252  C  C5    . U   A 1 12 ? 4.009   6.694   -9.128  1.00 34.77 ? 12 U   B C5    1 
ATOM   253  C  C6    . U   A 1 12 ? 4.336   7.620   -10.033 1.00 33.15 ? 12 U   B C6    1 
ATOM   254  P  P     . C   A 1 13 ? 3.538   13.118  -9.737  1.00 33.28 ? 13 C   B P     1 
ATOM   255  O  OP1   . C   A 1 13 ? 3.756   14.586  -9.816  1.00 31.21 ? 13 C   B OP1   1 
ATOM   256  O  OP2   . C   A 1 13 ? 3.798   12.397  -8.462  1.00 31.32 ? 13 C   B OP2   1 
ATOM   257  O  "O5'" . C   A 1 13 ? 2.045   12.810  -10.187 1.00 33.40 ? 13 C   B "O5'" 1 
ATOM   258  C  "C5'" . C   A 1 13 ? 1.565   13.319  -11.418 1.00 35.53 ? 13 C   B "C5'" 1 
ATOM   259  C  "C4'" . C   A 1 13 ? 0.134   12.917  -11.620 1.00 36.35 ? 13 C   B "C4'" 1 
ATOM   260  O  "O4'" . C   A 1 13 ? 0.055   11.475  -11.775 1.00 35.39 ? 13 C   B "O4'" 1 
ATOM   261  C  "C3'" . C   A 1 13 ? -0.798  13.203  -10.454 1.00 37.21 ? 13 C   B "C3'" 1 
ATOM   262  O  "O3'" . C   A 1 13 ? -1.200  14.571  -10.447 1.00 38.80 ? 13 C   B "O3'" 1 
ATOM   263  C  "C2'" . C   A 1 13 ? -1.940  12.248  -10.766 1.00 35.82 ? 13 C   B "C2'" 1 
ATOM   264  O  "O2'" . C   A 1 13 ? -2.699  12.699  -11.871 1.00 36.10 ? 13 C   B "O2'" 1 
ATOM   265  C  "C1'" . C   A 1 13 ? -1.162  11.010  -11.211 1.00 34.84 ? 13 C   B "C1'" 1 
ATOM   266  N  N1    . C   A 1 13 ? -0.841  10.073  -10.116 1.00 35.27 ? 13 C   B N1    1 
ATOM   267  C  C2    . C   A 1 13 ? -1.770  9.076   -9.797  1.00 34.46 ? 13 C   B C2    1 
ATOM   268  O  O2    . C   A 1 13 ? -2.858  9.060   -10.396 1.00 35.42 ? 13 C   B O2    1 
ATOM   269  N  N3    . C   A 1 13 ? -1.460  8.161   -8.849  1.00 32.71 ? 13 C   B N3    1 
ATOM   270  C  C4    . C   A 1 13 ? -0.285  8.227   -8.219  1.00 31.29 ? 13 C   B C4    1 
ATOM   271  N  N4    . C   A 1 13 ? -0.007  7.281   -7.320  1.00 29.31 ? 13 C   B N4    1 
ATOM   272  C  C5    . C   A 1 13 ? 0.660   9.258   -8.492  1.00 30.34 ? 13 C   B C5    1 
ATOM   273  C  C6    . C   A 1 13 ? 0.346   10.151  -9.438  1.00 32.72 ? 13 C   B C6    1 
ATOM   274  P  P     . U   A 1 14 ? -1.745  15.242  -9.088  1.00 42.44 ? 14 U   B P     1 
ATOM   275  O  OP1   . U   A 1 14 ? -1.870  16.698  -9.370  1.00 35.86 ? 14 U   B OP1   1 
ATOM   276  O  OP2   . U   A 1 14 ? -0.956  14.782  -7.907  1.00 42.18 ? 14 U   B OP2   1 
ATOM   277  O  "O5'" . U   A 1 14 ? -3.198  14.618  -8.927  1.00 43.13 ? 14 U   B "O5'" 1 
ATOM   278  C  "C5'" . U   A 1 14 ? -4.252  15.018  -9.793  1.00 45.47 ? 14 U   B "C5'" 1 
ATOM   279  C  "C4'" . U   A 1 14 ? -5.517  14.316  -9.404  1.00 46.40 ? 14 U   B "C4'" 1 
ATOM   280  O  "O4'" . U   A 1 14 ? -5.356  12.896  -9.659  1.00 45.76 ? 14 U   B "O4'" 1 
ATOM   281  C  "C3'" . U   A 1 14 ? -5.855  14.383  -7.921  1.00 47.51 ? 14 U   B "C3'" 1 
ATOM   282  O  "O3'" . U   A 1 14 ? -6.487  15.609  -7.566  1.00 47.97 ? 14 U   B "O3'" 1 
ATOM   283  C  "C2'" . U   A 1 14 ? -6.752  13.163  -7.774  1.00 48.62 ? 14 U   B "C2'" 1 
ATOM   284  O  "O2'" . U   A 1 14 ? -8.044  13.342  -8.331  1.00 48.59 ? 14 U   B "O2'" 1 
ATOM   285  C  "C1'" . U   A 1 14 ? -5.986  12.156  -8.630  1.00 46.81 ? 14 U   B "C1'" 1 
ATOM   286  N  N1    . U   A 1 14 ? -4.952  11.443  -7.869  1.00 47.29 ? 14 U   B N1    1 
ATOM   287  C  C2    . U   A 1 14 ? -5.367  10.354  -7.153  1.00 47.10 ? 14 U   B C2    1 
ATOM   288  O  O2    . U   A 1 14 ? -6.537  10.027  -7.109  1.00 50.34 ? 14 U   B O2    1 
ATOM   289  N  N3    . U   A 1 14 ? -4.372  9.672   -6.489  1.00 45.14 ? 14 U   B N3    1 
ATOM   290  C  C4    . U   A 1 14 ? -3.024  9.989   -6.458  1.00 45.85 ? 14 U   B C4    1 
ATOM   291  O  O4    . U   A 1 14 ? -2.243  9.277   -5.811  1.00 45.39 ? 14 U   B O4    1 
ATOM   292  C  C5    . U   A 1 14 ? -2.674  11.158  -7.210  1.00 44.40 ? 14 U   B C5    1 
ATOM   293  C  C6    . U   A 1 14 ? -3.626  11.829  -7.874  1.00 46.69 ? 14 U   B C6    1 
ATOM   294  P  P     . G   A 1 15 ? -6.169  16.287  -6.136  1.00 49.80 ? 15 G   B P     1 
ATOM   295  O  OP1   . G   A 1 15 ? -6.712  17.671  -6.162  1.00 48.39 ? 15 G   B OP1   1 
ATOM   296  O  OP2   . G   A 1 15 ? -4.740  16.071  -5.794  1.00 49.69 ? 15 G   B OP2   1 
ATOM   297  O  "O5'" . G   A 1 15 ? -7.043  15.421  -5.122  1.00 50.06 ? 15 G   B "O5'" 1 
ATOM   298  C  "C5'" . G   A 1 15 ? -8.437  15.240  -5.336  1.00 47.03 ? 15 G   B "C5'" 1 
ATOM   299  C  "C4'" . G   A 1 15 ? -8.916  14.012  -4.611  1.00 47.84 ? 15 G   B "C4'" 1 
ATOM   300  O  "O4'" . G   A 1 15 ? -8.185  12.857  -5.103  1.00 46.63 ? 15 G   B "O4'" 1 
ATOM   301  C  "C3'" . G   A 1 15 ? -8.637  13.983  -3.119  1.00 49.03 ? 15 G   B "C3'" 1 
ATOM   302  O  "O3'" . G   A 1 15 ? -9.574  14.767  -2.388  1.00 50.58 ? 15 G   B "O3'" 1 
ATOM   303  C  "C2'" . G   A 1 15 ? -8.718  12.489  -2.817  1.00 48.55 ? 15 G   B "C2'" 1 
ATOM   304  O  "O2'" . G   A 1 15 ? -10.031 11.986  -2.677  1.00 47.57 ? 15 G   B "O2'" 1 
ATOM   305  C  "C1'" . G   A 1 15 ? -8.065  11.893  -4.068  1.00 47.61 ? 15 G   B "C1'" 1 
ATOM   306  N  N9    . G   A 1 15 ? -6.649  11.613  -3.858  1.00 47.90 ? 15 G   B N9    1 
ATOM   307  C  C8    . G   A 1 15 ? -5.582  12.392  -4.243  1.00 48.77 ? 15 G   B C8    1 
ATOM   308  N  N7    . G   A 1 15 ? -4.429  11.905  -3.864  1.00 48.46 ? 15 G   B N7    1 
ATOM   309  C  C5    . G   A 1 15 ? -4.753  10.727  -3.198  1.00 46.79 ? 15 G   B C5    1 
ATOM   310  C  C6    . G   A 1 15 ? -3.916  9.773   -2.553  1.00 45.83 ? 15 G   B C6    1 
ATOM   311  O  O6    . G   A 1 15 ? -2.688  9.786   -2.425  1.00 46.84 ? 15 G   B O6    1 
ATOM   312  N  N1    . G   A 1 15 ? -4.655  8.726   -2.015  1.00 45.16 ? 15 G   B N1    1 
ATOM   313  C  C2    . G   A 1 15 ? -6.022  8.612   -2.077  1.00 44.99 ? 15 G   B C2    1 
ATOM   314  N  N2    . G   A 1 15 ? -6.551  7.515   -1.509  1.00 43.04 ? 15 G   B N2    1 
ATOM   315  N  N3    . G   A 1 15 ? -6.815  9.501   -2.660  1.00 45.42 ? 15 G   B N3    1 
ATOM   316  C  C4    . G   A 1 15 ? -6.117  10.523  -3.198  1.00 46.74 ? 15 G   B C4    1 
ATOM   317  P  P     . C   A 1 16 ? -9.077  15.621  -1.112  1.00 54.11 ? 16 C   B P     1 
ATOM   318  O  OP1   . C   A 1 16 ? -10.130 16.614  -0.771  1.00 55.21 ? 16 C   B OP1   1 
ATOM   319  O  OP2   . C   A 1 16 ? -7.691  16.092  -1.372  1.00 55.34 ? 16 C   B OP2   1 
ATOM   320  O  "O5'" . C   A 1 16 ? -9.033  14.544  0.062   1.00 53.23 ? 16 C   B "O5'" 1 
ATOM   321  C  "C5'" . C   A 1 16 ? -10.189 13.784  0.372   1.00 52.51 ? 16 C   B "C5'" 1 
ATOM   322  C  "C4'" . C   A 1 16 ? -9.805  12.486  1.034   1.00 53.55 ? 16 C   B "C4'" 1 
ATOM   323  O  "O4'" . C   A 1 16 ? -8.957  11.707  0.149   1.00 53.14 ? 16 C   B "O4'" 1 
ATOM   324  C  "C3'" . C   A 1 16 ? -8.980  12.587  2.303   1.00 53.58 ? 16 C   B "C3'" 1 
ATOM   325  O  "O3'" . C   A 1 16 ? -9.694  13.076  3.453   1.00 51.92 ? 16 C   B "O3'" 1 
ATOM   326  C  "C2'" . C   A 1 16 ? -8.408  11.177  2.398   1.00 54.24 ? 16 C   B "C2'" 1 
ATOM   327  O  "O2'" . C   A 1 16 ? -9.349  10.227  2.858   1.00 53.70 ? 16 C   B "O2'" 1 
ATOM   328  C  "C1'" . C   A 1 16 ? -8.086  10.893  0.929   1.00 54.48 ? 16 C   B "C1'" 1 
ATOM   329  N  N1    . C   A 1 16 ? -6.703  11.255  0.598   1.00 55.09 ? 16 C   B N1    1 
ATOM   330  C  C2    . C   A 1 16 ? -5.682  10.331  0.842   1.00 55.31 ? 16 C   B C2    1 
ATOM   331  O  O2    . C   A 1 16 ? -5.972  9.230   1.330   1.00 56.58 ? 16 C   B O2    1 
ATOM   332  N  N3    . C   A 1 16 ? -4.405  10.663  0.541   1.00 56.02 ? 16 C   B N3    1 
ATOM   333  C  C4    . C   A 1 16 ? -4.134  11.866  0.025   1.00 56.03 ? 16 C   B C4    1 
ATOM   334  N  N4    . C   A 1 16 ? -2.864  12.158  -0.251  1.00 57.36 ? 16 C   B N4    1 
ATOM   335  C  C5    . C   A 1 16 ? -5.155  12.825  -0.230  1.00 56.62 ? 16 C   B C5    1 
ATOM   336  C  C6    . C   A 1 16 ? -6.414  12.481  0.067   1.00 56.46 ? 16 C   B C6    1 
ATOM   337  O  "O5'" . G   B 1 1  ? 4.317   4.297   2.626   1.00 52.73 ? 1  G   A "O5'" 1 
ATOM   338  C  "C5'" . G   B 1 1  ? 3.397   3.217   2.516   1.00 51.21 ? 1  G   A "C5'" 1 
ATOM   339  C  "C4'" . G   B 1 1  ? 2.234   3.320   3.474   1.00 52.12 ? 1  G   A "C4'" 1 
ATOM   340  O  "O4'" . G   B 1 1  ? 2.099   4.680   3.952   1.00 51.21 ? 1  G   A "O4'" 1 
ATOM   341  C  "C3'" . G   B 1 1  ? 0.892   2.995   2.846   1.00 53.00 ? 1  G   A "C3'" 1 
ATOM   342  O  "O3'" . G   B 1 1  ? 0.666   1.599   2.912   1.00 55.15 ? 1  G   A "O3'" 1 
ATOM   343  C  "C2'" . G   B 1 1  ? -0.080  3.766   3.721   1.00 52.03 ? 1  G   A "C2'" 1 
ATOM   344  O  "O2'" . G   B 1 1  ? -0.347  3.067   4.918   1.00 52.77 ? 1  G   A "O2'" 1 
ATOM   345  C  "C1'" . G   B 1 1  ? 0.729   5.025   4.030   1.00 51.54 ? 1  G   A "C1'" 1 
ATOM   346  N  N9    . G   B 1 1  ? 0.518   6.154   3.132   1.00 51.56 ? 1  G   A N9    1 
ATOM   347  C  C8    . G   B 1 1  ? 1.497   6.806   2.429   1.00 51.94 ? 1  G   A C8    1 
ATOM   348  N  N7    . G   B 1 1  ? 1.049   7.816   1.739   1.00 52.67 ? 1  G   A N7    1 
ATOM   349  C  C5    . G   B 1 1  ? -0.313  7.828   1.987   1.00 52.14 ? 1  G   A C5    1 
ATOM   350  C  C6    . G   B 1 1  ? -1.315  8.701   1.510   1.00 54.02 ? 1  G   A C6    1 
ATOM   351  O  O6    . G   B 1 1  ? -1.192  9.671   0.749   1.00 54.81 ? 1  G   A O6    1 
ATOM   352  N  N1    . G   B 1 1  ? -2.570  8.356   2.003   1.00 54.75 ? 1  G   A N1    1 
ATOM   353  C  C2    . G   B 1 1  ? -2.823  7.300   2.843   1.00 53.46 ? 1  G   A C2    1 
ATOM   354  N  N2    . G   B 1 1  ? -4.110  7.128   3.195   1.00 53.47 ? 1  G   A N2    1 
ATOM   355  N  N3    . G   B 1 1  ? -1.889  6.475   3.301   1.00 51.59 ? 1  G   A N3    1 
ATOM   356  C  C4    . G   B 1 1  ? -0.665  6.798   2.837   1.00 51.46 ? 1  G   A C4    1 
ATOM   357  P  P     . C   B 1 2  ? 0.074   0.835   1.633   1.00 57.49 ? 2  C   A P     1 
ATOM   358  O  OP1   . C   B 1 2  ? 0.042   -0.615  1.971   1.00 57.35 ? 2  C   A OP1   1 
ATOM   359  O  OP2   . C   B 1 2  ? 0.838   1.296   0.443   1.00 57.58 ? 2  C   A OP2   1 
ATOM   360  O  "O5'" . C   B 1 2  ? -1.426  1.370   1.547   1.00 55.17 ? 2  C   A "O5'" 1 
ATOM   361  C  "C5'" . C   B 1 2  ? -2.368  1.037   2.568   1.00 54.39 ? 2  C   A "C5'" 1 
ATOM   362  C  "C4'" . C   B 1 2  ? -3.690  1.715   2.314   1.00 53.04 ? 2  C   A "C4'" 1 
ATOM   363  O  "O4'" . C   B 1 2  ? -3.553  3.149   2.484   1.00 52.79 ? 2  C   A "O4'" 1 
ATOM   364  C  "C3'" . C   B 1 2  ? -4.226  1.568   0.904   1.00 53.55 ? 2  C   A "C3'" 1 
ATOM   365  O  "O3'" . C   B 1 2  ? -4.876  0.319   0.728   1.00 55.33 ? 2  C   A "O3'" 1 
ATOM   366  C  "C2'" . C   B 1 2  ? -5.181  2.748   0.797   1.00 52.20 ? 2  C   A "C2'" 1 
ATOM   367  O  "O2'" . C   B 1 2  ? -6.425  2.513   1.423   1.00 51.49 ? 2  C   A "O2'" 1 
ATOM   368  C  "C1'" . C   B 1 2  ? -4.417  3.819   1.573   1.00 51.41 ? 2  C   A "C1'" 1 
ATOM   369  N  N1    . C   B 1 2  ? -3.609  4.725   0.729   1.00 50.11 ? 2  C   A N1    1 
ATOM   370  C  C2    . C   B 1 2  ? -4.222  5.870   0.183   1.00 49.83 ? 2  C   A C2    1 
ATOM   371  O  O2    . C   B 1 2  ? -5.436  6.053   0.375   1.00 49.96 ? 2  C   A O2    1 
ATOM   372  N  N3    . C   B 1 2  ? -3.475  6.744   -0.537  1.00 47.61 ? 2  C   A N3    1 
ATOM   373  C  C4    . C   B 1 2  ? -2.173  6.510   -0.724  1.00 45.65 ? 2  C   A C4    1 
ATOM   374  N  N4    . C   B 1 2  ? -1.469  7.423   -1.394  1.00 42.01 ? 2  C   A N4    1 
ATOM   375  C  C5    . C   B 1 2  ? -1.536  5.334   -0.219  1.00 45.49 ? 2  C   A C5    1 
ATOM   376  C  C6    . C   B 1 2  ? -2.283  4.477   0.493   1.00 46.91 ? 2  C   A C6    1 
ATOM   377  P  P     . A   B 1 3  ? -5.036  -0.286  -0.752  1.00 58.56 ? 3  A   A P     1 
ATOM   378  O  OP1   . A   B 1 3  ? -5.752  -1.580  -0.598  1.00 58.72 ? 3  A   A OP1   1 
ATOM   379  O  OP2   . A   B 1 3  ? -3.725  -0.251  -1.457  1.00 57.26 ? 3  A   A OP2   1 
ATOM   380  O  "O5'" . A   B 1 3  ? -6.023  0.740   -1.459  1.00 56.63 ? 3  A   A "O5'" 1 
ATOM   381  C  "C5'" . A   B 1 3  ? -7.356  0.883   -0.988  1.00 58.32 ? 3  A   A "C5'" 1 
ATOM   382  C  "C4'" . A   B 1 3  ? -8.112  1.839   -1.864  1.00 59.11 ? 3  A   A "C4'" 1 
ATOM   383  O  "O4'" . A   B 1 3  ? -7.686  3.205   -1.599  1.00 59.03 ? 3  A   A "O4'" 1 
ATOM   384  C  "C3'" . A   B 1 3  ? -7.852  1.664   -3.346  1.00 59.75 ? 3  A   A "C3'" 1 
ATOM   385  O  "O3'" . A   B 1 3  ? -8.576  0.566   -3.884  1.00 60.93 ? 3  A   A "O3'" 1 
ATOM   386  C  "C2'" . A   B 1 3  ? -8.273  3.025   -3.886  1.00 59.09 ? 3  A   A "C2'" 1 
ATOM   387  O  "O2'" . A   B 1 3  ? -9.676  3.191   -3.937  1.00 59.54 ? 3  A   A "O2'" 1 
ATOM   388  C  "C1'" . A   B 1 3  ? -7.707  3.950   -2.808  1.00 57.60 ? 3  A   A "C1'" 1 
ATOM   389  N  N9    . A   B 1 3  ? -6.344  4.399   -3.107  1.00 55.53 ? 3  A   A N9    1 
ATOM   390  C  C8    . A   B 1 3  ? -5.150  3.795   -2.794  1.00 53.92 ? 3  A   A C8    1 
ATOM   391  N  N7    . A   B 1 3  ? -4.098  4.452   -3.223  1.00 52.86 ? 3  A   A N7    1 
ATOM   392  C  C5    . A   B 1 3  ? -4.637  5.565   -3.854  1.00 53.75 ? 3  A   A C5    1 
ATOM   393  C  C6    . A   B 1 3  ? -4.048  6.663   -4.518  1.00 54.10 ? 3  A   A C6    1 
ATOM   394  N  N6    . A   B 1 3  ? -2.733  6.832   -4.655  1.00 54.88 ? 3  A   A N6    1 
ATOM   395  N  N1    . A   B 1 3  ? -4.874  7.596   -5.043  1.00 54.09 ? 3  A   A N1    1 
ATOM   396  C  C2    . A   B 1 3  ? -6.196  7.434   -4.901  1.00 54.17 ? 3  A   A C2    1 
ATOM   397  N  N3    . A   B 1 3  ? -6.865  6.456   -4.294  1.00 53.46 ? 3  A   A N3    1 
ATOM   398  C  C4    . A   B 1 3  ? -6.018  5.543   -3.789  1.00 54.18 ? 3  A   A C4    1 
ATOM   399  P  P     . G   B 1 4  ? -7.929  -0.292  -5.083  1.00 65.21 ? 4  G   A P     1 
ATOM   400  O  OP1   . G   B 1 4  ? -8.769  -1.508  -5.304  1.00 65.16 ? 4  G   A OP1   1 
ATOM   401  O  OP2   . G   B 1 4  ? -6.477  -0.450  -4.794  1.00 65.26 ? 4  G   A OP2   1 
ATOM   402  O  "O5'" . G   B 1 4  ? -8.106  0.659   -6.349  1.00 60.95 ? 4  G   A "O5'" 1 
ATOM   403  C  "C5'" . G   B 1 4  ? -9.411  1.016   -6.788  1.00 58.13 ? 4  G   A "C5'" 1 
ATOM   404  C  "C4'" . G   B 1 4  ? -9.377  2.292   -7.589  1.00 56.43 ? 4  G   A "C4'" 1 
ATOM   405  O  "O4'" . G   B 1 4  ? -8.808  3.358   -6.782  1.00 56.60 ? 4  G   A "O4'" 1 
ATOM   406  C  "C3'" . G   B 1 4  ? -8.506  2.293   -8.827  1.00 55.02 ? 4  G   A "C3'" 1 
ATOM   407  O  "O3'" . G   B 1 4  ? -9.155  1.667   -9.913  1.00 53.43 ? 4  G   A "O3'" 1 
ATOM   408  C  "C2'" . G   B 1 4  ? -8.323  3.785   -9.063  1.00 55.37 ? 4  G   A "C2'" 1 
ATOM   409  O  "O2'" . G   B 1 4  ? -9.440  4.403   -9.664  1.00 54.84 ? 4  G   A "O2'" 1 
ATOM   410  C  "C1'" . G   B 1 4  ? -8.151  4.288   -7.628  1.00 55.85 ? 4  G   A "C1'" 1 
ATOM   411  N  N9    . G   B 1 4  ? -6.732  4.300   -7.296  1.00 54.94 ? 4  G   A N9    1 
ATOM   412  C  C8    . G   B 1 4  ? -6.022  3.368   -6.575  1.00 54.63 ? 4  G   A C8    1 
ATOM   413  N  N7    . G   B 1 4  ? -4.740  3.619   -6.542  1.00 54.56 ? 4  G   A N7    1 
ATOM   414  C  C5    . G   B 1 4  ? -4.604  4.792   -7.272  1.00 52.91 ? 4  G   A C5    1 
ATOM   415  C  C6    . G   B 1 4  ? -3.450  5.536   -7.607  1.00 51.90 ? 4  G   A C6    1 
ATOM   416  O  O6    . G   B 1 4  ? -2.272  5.292   -7.332  1.00 51.28 ? 4  G   A O6    1 
ATOM   417  N  N1    . G   B 1 4  ? -3.773  6.668   -8.353  1.00 50.31 ? 4  G   A N1    1 
ATOM   418  C  C2    . G   B 1 4  ? -5.043  7.029   -8.731  1.00 50.13 ? 4  G   A C2    1 
ATOM   419  N  N2    . G   B 1 4  ? -5.163  8.155   -9.443  1.00 49.07 ? 4  G   A N2    1 
ATOM   420  N  N3    . G   B 1 4  ? -6.121  6.339   -8.433  1.00 50.88 ? 4  G   A N3    1 
ATOM   421  C  C4    . G   B 1 4  ? -5.830  5.239   -7.712  1.00 53.03 ? 4  G   A C4    1 
ATOM   422  P  P     . A   B 1 5  ? -8.276  1.000   -11.077 1.00 54.99 ? 5  A   A P     1 
ATOM   423  O  OP1   . A   B 1 5  ? -9.219  0.408   -12.064 1.00 57.11 ? 5  A   A OP1   1 
ATOM   424  O  OP2   . A   B 1 5  ? -7.230  0.148   -10.461 1.00 53.46 ? 5  A   A OP2   1 
ATOM   425  O  "O5'" . A   B 1 5  ? -7.583  2.240   -11.788 1.00 52.15 ? 5  A   A "O5'" 1 
ATOM   426  C  "C5'" . A   B 1 5  ? -8.372  3.265   -12.365 1.00 49.21 ? 5  A   A "C5'" 1 
ATOM   427  C  "C4'" . A   B 1 5  ? -7.486  4.337   -12.939 1.00 49.16 ? 5  A   A "C4'" 1 
ATOM   428  O  "O4'" . A   B 1 5  ? -6.765  5.001   -11.866 1.00 47.94 ? 5  A   A "O4'" 1 
ATOM   429  C  "C3'" . A   B 1 5  ? -6.382  3.851   -13.864 1.00 48.44 ? 5  A   A "C3'" 1 
ATOM   430  O  "O3'" . A   B 1 5  ? -6.880  3.606   -15.178 1.00 46.96 ? 5  A   A "O3'" 1 
ATOM   431  C  "C2'" . A   B 1 5  ? -5.424  5.034   -13.823 1.00 48.01 ? 5  A   A "C2'" 1 
ATOM   432  O  "O2'" . A   B 1 5  ? -5.896  6.104   -14.612 1.00 48.26 ? 5  A   A "O2'" 1 
ATOM   433  C  "C1'" . A   B 1 5  ? -5.499  5.434   -12.346 1.00 47.86 ? 5  A   A "C1'" 1 
ATOM   434  N  N9    . A   B 1 5  ? -4.455  4.808   -11.534 1.00 46.79 ? 5  A   A N9    1 
ATOM   435  C  C8    . A   B 1 5  ? -4.541  3.662   -10.781 1.00 46.30 ? 5  A   A C8    1 
ATOM   436  N  N7    . A   B 1 5  ? -3.424  3.342   -10.174 1.00 45.31 ? 5  A   A N7    1 
ATOM   437  C  C5    . A   B 1 5  ? -2.543  4.350   -10.545 1.00 45.63 ? 5  A   A C5    1 
ATOM   438  C  C6    . A   B 1 5  ? -1.190  4.598   -10.221 1.00 45.14 ? 5  A   A C6    1 
ATOM   439  N  N6    . A   B 1 5  ? -0.462  3.826   -9.405  1.00 43.11 ? 5  A   A N6    1 
ATOM   440  N  N1    . A   B 1 5  ? -0.609  5.685   -10.766 1.00 43.65 ? 5  A   A N1    1 
ATOM   441  C  C2    . A   B 1 5  ? -1.339  6.469   -11.566 1.00 44.53 ? 5  A   A C2    1 
ATOM   442  N  N3    . A   B 1 5  ? -2.614  6.351   -11.933 1.00 45.98 ? 5  A   A N3    1 
ATOM   443  C  C4    . A   B 1 5  ? -3.165  5.257   -11.383 1.00 45.86 ? 5  A   A C4    1 
HETATM 444  P  P     . A5M B 1 6  ? -6.196  2.469   -16.098 1.00 46.77 ? 6  A5M A P     1 
HETATM 445  O  OP1   . A5M B 1 6  ? -6.975  2.426   -17.369 1.00 47.60 ? 6  A5M A OP1   1 
HETATM 446  O  OP2   . A5M B 1 6  ? -5.999  1.224   -15.318 1.00 45.02 ? 6  A5M A OP2   1 
HETATM 447  O  "O5'" . A5M B 1 6  ? -4.759  3.061   -16.437 1.00 43.83 ? 6  A5M A "O5'" 1 
HETATM 448  C  "C5'" . A5M B 1 6  ? -4.641  4.305   -17.115 1.00 40.37 ? 6  A5M A "C5'" 1 
HETATM 449  C  "C4'" . A5M B 1 6  ? -3.245  4.852   -16.966 1.00 38.70 ? 6  A5M A "C4'" 1 
HETATM 450  O  "O4'" . A5M B 1 6  ? -2.961  5.075   -15.561 1.00 36.91 ? 6  A5M A "O4'" 1 
HETATM 451  C  "C1'" . A5M B 1 6  ? -1.585  4.866   -15.321 1.00 35.67 ? 6  A5M A "C1'" 1 
HETATM 452  N  N1    . A5M B 1 6  ? -1.443  3.806   -14.313 1.00 34.76 ? 6  A5M A N1    1 
HETATM 453  C  C6    . A5M B 1 6  ? -2.403  2.850   -14.150 1.00 34.91 ? 6  A5M A C6    1 
HETATM 454  C  C2    . A5M B 1 6  ? -0.289  3.787   -13.532 1.00 35.73 ? 6  A5M A C2    1 
HETATM 455  O  O2    . A5M B 1 6  ? 0.552   4.676   -13.700 1.00 36.94 ? 6  A5M A O2    1 
HETATM 456  N  N3    . A5M B 1 6  ? -0.116  2.804   -12.617 1.00 36.93 ? 6  A5M A N3    1 
HETATM 457  C  C4    . A5M B 1 6  ? -1.052  1.864   -12.471 1.00 38.79 ? 6  A5M A C4    1 
HETATM 458  N  N4    . A5M B 1 6  ? -0.841  0.905   -11.565 1.00 36.83 ? 6  A5M A N4    1 
HETATM 459  C  C5    . A5M B 1 6  ? -2.251  1.866   -13.251 1.00 37.35 ? 6  A5M A C5    1 
HETATM 460  C  "C2'" . A5M B 1 6  ? -0.935  4.518   -16.664 1.00 35.91 ? 6  A5M A "C2'" 1 
HETATM 461  N  "N2'" . A5M B 1 6  ? -0.440  5.757   -17.266 1.00 37.41 ? 6  A5M A "N2'" 1 
HETATM 462  C  "C3'" . A5M B 1 6  ? -2.119  3.945   -17.432 1.00 37.48 ? 6  A5M A "C3'" 1 
HETATM 463  O  "O3'" . A5M B 1 6  ? -1.943  4.081   -18.839 1.00 36.79 ? 6  A5M A "O3'" 1 
ATOM   464  P  P     . U   B 1 7  ? -1.406  2.844   -19.711 1.00 36.40 ? 7  U   A P     1 
ATOM   465  O  OP1   . U   B 1 7  ? -2.024  2.967   -21.059 1.00 37.21 ? 7  U   A OP1   1 
ATOM   466  O  OP2   . U   B 1 7  ? -1.560  1.583   -18.940 1.00 35.87 ? 7  U   A OP2   1 
ATOM   467  O  "O5'" . U   B 1 7  ? 0.152   3.120   -19.865 1.00 35.44 ? 7  U   A "O5'" 1 
ATOM   468  C  "C5'" . U   B 1 7  ? 0.630   4.286   -20.506 1.00 31.40 ? 7  U   A "C5'" 1 
ATOM   469  C  "C4'" . U   B 1 7  ? 2.112   4.431   -20.263 1.00 32.85 ? 7  U   A "C4'" 1 
ATOM   470  O  "O4'" . U   B 1 7  ? 2.344   4.789   -18.879 1.00 33.03 ? 7  U   A "O4'" 1 
ATOM   471  C  "C3'" . U   B 1 7  ? 2.946   3.177   -20.455 1.00 32.43 ? 7  U   A "C3'" 1 
ATOM   472  O  "O3'" . U   B 1 7  ? 3.246   2.952   -21.825 1.00 33.63 ? 7  U   A "O3'" 1 
ATOM   473  C  "C2'" . U   B 1 7  ? 4.189   3.516   -19.647 1.00 33.56 ? 7  U   A "C2'" 1 
ATOM   474  O  "O2'" . U   B 1 7  ? 5.049   4.416   -20.319 1.00 30.93 ? 7  U   A "O2'" 1 
ATOM   475  C  "C1'" . U   B 1 7  ? 3.573   4.234   -18.446 1.00 34.29 ? 7  U   A "C1'" 1 
ATOM   476  N  N1    . U   B 1 7  ? 3.293   3.351   -17.305 1.00 34.82 ? 7  U   A N1    1 
ATOM   477  C  C2    . U   B 1 7  ? 4.280   3.190   -16.344 1.00 34.35 ? 7  U   A C2    1 
ATOM   478  O  O2    . U   B 1 7  ? 5.365   3.740   -16.405 1.00 31.55 ? 7  U   A O2    1 
ATOM   479  N  N3    . U   B 1 7  ? 3.941   2.366   -15.303 1.00 35.63 ? 7  U   A N3    1 
ATOM   480  C  C4    . U   B 1 7  ? 2.743   1.708   -15.126 1.00 36.13 ? 7  U   A C4    1 
ATOM   481  O  O4    . U   B 1 7  ? 2.580   1.006   -14.129 1.00 38.86 ? 7  U   A O4    1 
ATOM   482  C  C5    . U   B 1 7  ? 1.784   1.926   -16.162 1.00 35.38 ? 7  U   A C5    1 
ATOM   483  C  C6    . U   B 1 7  ? 2.086   2.716   -17.190 1.00 34.25 ? 7  U   A C6    1 
ATOM   484  P  P     . U   B 1 8  ? 3.311   1.443   -22.388 1.00 37.74 ? 8  U   A P     1 
ATOM   485  O  OP1   . U   B 1 8  ? 3.406   1.516   -23.874 1.00 38.06 ? 8  U   A OP1   1 
ATOM   486  O  OP2   . U   B 1 8  ? 2.203   0.661   -21.757 1.00 37.19 ? 8  U   A OP2   1 
ATOM   487  O  "O5'" . U   B 1 8  ? 4.706   0.892   -21.841 1.00 37.63 ? 8  U   A "O5'" 1 
ATOM   488  C  "C5'" . U   B 1 8  ? 5.941   1.489   -22.245 1.00 35.94 ? 8  U   A "C5'" 1 
ATOM   489  C  "C4'" . U   B 1 8  ? 7.060   1.086   -21.310 1.00 35.73 ? 8  U   A "C4'" 1 
ATOM   490  O  "O4'" . U   B 1 8  ? 6.835   1.642   -19.981 1.00 36.86 ? 8  U   A "O4'" 1 
ATOM   491  C  "C3'" . U   B 1 8  ? 7.211   -0.399  -21.034 1.00 35.94 ? 8  U   A "C3'" 1 
ATOM   492  O  "O3'" . U   B 1 8  ? 7.857   -1.085  -22.102 1.00 37.02 ? 8  U   A "O3'" 1 
ATOM   493  C  "C2'" . U   B 1 8  ? 8.051   -0.379  -19.762 1.00 35.76 ? 8  U   A "C2'" 1 
ATOM   494  O  "O2'" . U   B 1 8  ? 9.408   -0.076  -19.996 1.00 35.78 ? 8  U   A "O2'" 1 
ATOM   495  C  "C1'" . U   B 1 8  ? 7.406   0.781   -19.004 1.00 35.70 ? 8  U   A "C1'" 1 
ATOM   496  N  N1    . U   B 1 8  ? 6.341   0.291   -18.119 1.00 36.40 ? 8  U   A N1    1 
ATOM   497  C  C2    . U   B 1 8  ? 6.718   -0.238  -16.890 1.00 36.54 ? 8  U   A C2    1 
ATOM   498  O  O2    . U   B 1 8  ? 7.868   -0.279  -16.514 1.00 36.16 ? 8  U   A O2    1 
ATOM   499  N  N3    . U   B 1 8  ? 5.690   -0.719  -16.123 1.00 38.20 ? 8  U   A N3    1 
ATOM   500  C  C4    . U   B 1 8  ? 4.352   -0.728  -16.446 1.00 36.71 ? 8  U   A C4    1 
ATOM   501  O  O4    . U   B 1 8  ? 3.543   -1.227  -15.659 1.00 35.55 ? 8  U   A O4    1 
ATOM   502  C  C5    . U   B 1 8  ? 4.043   -0.148  -17.724 1.00 36.33 ? 8  U   A C5    1 
ATOM   503  C  C6    . U   B 1 8  ? 5.024   0.331   -18.495 1.00 34.01 ? 8  U   A C6    1 
ATOM   504  P  P     . A   B 1 9  ? 7.485   -2.622  -22.404 1.00 36.72 ? 9  A   A P     1 
ATOM   505  O  OP1   . A   B 1 9  ? 8.112   -2.968  -23.700 1.00 39.65 ? 9  A   A OP1   1 
ATOM   506  O  OP2   . A   B 1 9  ? 6.027   -2.829  -22.209 1.00 38.28 ? 9  A   A OP2   1 
ATOM   507  O  "O5'" . A   B 1 9  ? 8.249   -3.441  -21.282 1.00 35.98 ? 9  A   A "O5'" 1 
ATOM   508  C  "C5'" . A   B 1 9  ? 9.660   -3.358  -21.173 1.00 36.04 ? 9  A   A "C5'" 1 
ATOM   509  C  "C4'" . A   B 1 9  ? 10.109  -3.954  -19.871 1.00 36.09 ? 9  A   A "C4'" 1 
ATOM   510  O  "O4'" . A   B 1 9  ? 9.594   -3.169  -18.765 1.00 36.06 ? 9  A   A "O4'" 1 
ATOM   511  C  "C3'" . A   B 1 9  ? 9.566   -5.337  -19.577 1.00 37.43 ? 9  A   A "C3'" 1 
ATOM   512  O  "O3'" . A   B 1 9  ? 10.278  -6.330  -20.294 1.00 39.39 ? 9  A   A "O3'" 1 
ATOM   513  C  "C2'" . A   B 1 9  ? 9.784   -5.424  -18.075 1.00 36.89 ? 9  A   A "C2'" 1 
ATOM   514  O  "O2'" . A   B 1 9  ? 11.144  -5.598  -17.728 1.00 38.01 ? 9  A   A "O2'" 1 
ATOM   515  C  "C1'" . A   B 1 9  ? 9.366   -4.021  -17.652 1.00 35.64 ? 9  A   A "C1'" 1 
ATOM   516  N  N9    . A   B 1 9  ? 7.954   -3.961  -17.279 1.00 35.58 ? 9  A   A N9    1 
ATOM   517  C  C8    . A   B 1 9  ? 6.891   -3.380  -17.925 1.00 33.40 ? 9  A   A C8    1 
ATOM   518  N  N7    . A   B 1 9  ? 5.754   -3.492  -17.275 1.00 34.10 ? 9  A   A N7    1 
ATOM   519  C  C5    . A   B 1 9  ? 6.093   -4.204  -16.129 1.00 34.35 ? 9  A   A C5    1 
ATOM   520  C  C6    . A   B 1 9  ? 5.344   -4.641  -15.019 1.00 33.88 ? 9  A   A C6    1 
ATOM   521  N  N6    . A   B 1 9  ? 4.034   -4.424  -14.866 1.00 33.36 ? 9  A   A N6    1 
ATOM   522  N  N1    . A   B 1 9  ? 5.997   -5.319  -14.051 1.00 32.97 ? 9  A   A N1    1 
ATOM   523  C  C2    . A   B 1 9  ? 7.304   -5.543  -14.195 1.00 32.52 ? 9  A   A C2    1 
ATOM   524  N  N3    . A   B 1 9  ? 8.116   -5.184  -15.181 1.00 32.08 ? 9  A   A N3    1 
ATOM   525  C  C4    . A   B 1 9  ? 7.442   -4.508  -16.126 1.00 34.70 ? 9  A   A C4    1 
ATOM   526  P  P     . A   B 1 10 ? 9.530   -7.676  -20.725 1.00 39.89 ? 10 A   A P     1 
ATOM   527  O  OP1   . A   B 1 10 ? 10.458  -8.387  -21.633 1.00 40.38 ? 10 A   A OP1   1 
ATOM   528  O  OP2   . A   B 1 10 ? 8.177   -7.301  -21.203 1.00 41.70 ? 10 A   A OP2   1 
ATOM   529  O  "O5'" . A   B 1 10 ? 9.407   -8.489  -19.356 1.00 39.02 ? 10 A   A "O5'" 1 
ATOM   530  C  "C5'" . A   B 1 10 ? 10.582  -8.877  -18.654 1.00 40.07 ? 10 A   A "C5'" 1 
ATOM   531  C  "C4'" . A   B 1 10 ? 10.234  -9.544  -17.344 1.00 42.33 ? 10 A   A "C4'" 1 
ATOM   532  O  "O4'" . A   B 1 10 ? 9.623   -8.590  -16.442 1.00 42.06 ? 10 A   A "O4'" 1 
ATOM   533  C  "C3'" . A   B 1 10 ? 9.242   -10.694 -17.393 1.00 43.59 ? 10 A   A "C3'" 1 
ATOM   534  O  "O3'" . A   B 1 10 ? 9.894   -11.907 -17.746 1.00 45.20 ? 10 A   A "O3'" 1 
ATOM   535  C  "C2'" . A   B 1 10 ? 8.761   -10.743 -15.951 1.00 42.23 ? 10 A   A "C2'" 1 
ATOM   536  O  "O2'" . A   B 1 10 ? 9.717   -11.341 -15.102 1.00 43.92 ? 10 A   A "O2'" 1 
ATOM   537  C  "C1'" . A   B 1 10 ? 8.680   -9.254  -15.616 1.00 41.76 ? 10 A   A "C1'" 1 
ATOM   538  N  N9    . A   B 1 10 ? 7.364   -8.697  -15.904 1.00 40.09 ? 10 A   A N9    1 
ATOM   539  C  C8    . A   B 1 10 ? 6.991   -8.006  -17.027 1.00 39.74 ? 10 A   A C8    1 
ATOM   540  N  N7    . A   B 1 10 ? 5.740   -7.625  -17.021 1.00 40.22 ? 10 A   A N7    1 
ATOM   541  C  C5    . A   B 1 10 ? 5.254   -8.098  -15.812 1.00 39.12 ? 10 A   A C5    1 
ATOM   542  C  C6    . A   B 1 10 ? 3.992   -8.013  -15.208 1.00 36.83 ? 10 A   A C6    1 
ATOM   543  N  N6    . A   B 1 10 ? 2.947   -7.407  -15.768 1.00 35.83 ? 10 A   A N6    1 
ATOM   544  N  N1    . A   B 1 10 ? 3.840   -8.577  -13.994 1.00 37.27 ? 10 A   A N1    1 
ATOM   545  C  C2    . A   B 1 10 ? 4.895   -9.188  -13.432 1.00 38.54 ? 10 A   A C2    1 
ATOM   546  N  N3    . A   B 1 10 ? 6.132   -9.335  -13.902 1.00 38.68 ? 10 A   A N3    1 
ATOM   547  C  C4    . A   B 1 10 ? 6.246   -8.759  -15.111 1.00 39.27 ? 10 A   A C4    1 
ATOM   548  P  P     . A   B 1 11 ? 9.027   -13.136 -18.291 1.00 46.79 ? 11 A   A P     1 
ATOM   549  O  OP1   . A   B 1 11 ? 9.970   -14.264 -18.484 1.00 48.26 ? 11 A   A OP1   1 
ATOM   550  O  OP2   . A   B 1 11 ? 8.198   -12.673 -19.432 1.00 46.45 ? 11 A   A OP2   1 
ATOM   551  O  "O5'" . A   B 1 11 ? 8.078   -13.487 -17.060 1.00 44.45 ? 11 A   A "O5'" 1 
ATOM   552  C  "C5'" . A   B 1 11 ? 8.626   -14.069 -15.891 1.00 42.63 ? 11 A   A "C5'" 1 
ATOM   553  C  "C4'" . A   B 1 11 ? 7.549   -14.358 -14.877 1.00 42.03 ? 11 A   A "C4'" 1 
ATOM   554  O  "O4'" . A   B 1 11 ? 6.928   -13.122 -14.447 1.00 41.15 ? 11 A   A "O4'" 1 
ATOM   555  C  "C3'" . A   B 1 11 ? 6.351   -15.190 -15.302 1.00 42.54 ? 11 A   A "C3'" 1 
ATOM   556  O  "O3'" . A   B 1 11 ? 6.626   -16.584 -15.358 1.00 42.10 ? 11 A   A "O3'" 1 
ATOM   557  C  "C2'" . A   B 1 11 ? 5.382   -14.900 -14.166 1.00 42.34 ? 11 A   A "C2'" 1 
ATOM   558  O  "O2'" . A   B 1 11 ? 5.720   -15.637 -13.009 1.00 42.07 ? 11 A   A "O2'" 1 
ATOM   559  C  "C1'" . A   B 1 11 ? 5.642   -13.412 -13.920 1.00 41.81 ? 11 A   A "C1'" 1 
ATOM   560  N  N9    . A   B 1 11 ? 4.648   -12.557 -14.569 1.00 40.86 ? 11 A   A N9    1 
ATOM   561  C  C8    . A   B 1 11 ? 4.718   -11.905 -15.772 1.00 39.82 ? 11 A   A C8    1 
ATOM   562  N  N7    . A   B 1 11 ? 3.637   -11.219 -16.066 1.00 39.90 ? 11 A   A N7    1 
ATOM   563  C  C5    . A   B 1 11 ? 2.798   -11.433 -14.981 1.00 41.09 ? 11 A   A C5    1 
ATOM   564  C  C6    . A   B 1 11 ? 1.493   -10.975 -14.672 1.00 41.22 ? 11 A   A C6    1 
ATOM   565  N  N6    . A   B 1 11 ? 0.768   -10.188 -15.465 1.00 39.77 ? 11 A   A N6    1 
ATOM   566  N  N1    . A   B 1 11 ? 0.953   -11.370 -13.502 1.00 42.45 ? 11 A   A N1    1 
ATOM   567  C  C2    . A   B 1 11 ? 1.672   -12.180 -12.703 1.00 42.97 ? 11 A   A C2    1 
ATOM   568  N  N3    . A   B 1 11 ? 2.896   -12.679 -12.884 1.00 40.99 ? 11 A   A N3    1 
ATOM   569  C  C4    . A   B 1 11 ? 3.410   -12.259 -14.052 1.00 41.36 ? 11 A   A C4    1 
ATOM   570  P  P     . U   B 1 12 ? 5.722   -17.531 -16.298 1.00 42.64 ? 12 U   A P     1 
ATOM   571  O  OP1   . U   B 1 12 ? 6.389   -18.855 -16.350 1.00 43.36 ? 12 U   A OP1   1 
ATOM   572  O  OP2   . U   B 1 12 ? 5.457   -16.795 -17.561 1.00 42.72 ? 12 U   A OP2   1 
ATOM   573  O  "O5'" . U   B 1 12 ? 4.338   -17.673 -15.514 1.00 40.99 ? 12 U   A "O5'" 1 
ATOM   574  C  "C5'" . U   B 1 12 ? 4.302   -18.169 -14.177 1.00 41.10 ? 12 U   A "C5'" 1 
ATOM   575  C  "C4'" . U   B 1 12 ? 2.932   -17.966 -13.571 1.00 41.06 ? 12 U   A "C4'" 1 
ATOM   576  O  "O4'" . U   B 1 12 ? 2.667   -16.546 -13.418 1.00 43.06 ? 12 U   A "O4'" 1 
ATOM   577  C  "C3'" . U   B 1 12 ? 1.767   -18.452 -14.414 1.00 41.78 ? 12 U   A "C3'" 1 
ATOM   578  O  "O3'" . U   B 1 12 ? 1.554   -19.842 -14.271 1.00 38.20 ? 12 U   A "O3'" 1 
ATOM   579  C  "C2'" . U   B 1 12 ? 0.609   -17.632 -13.860 1.00 42.12 ? 12 U   A "C2'" 1 
ATOM   580  O  "O2'" . U   B 1 12 ? 0.138   -18.111 -12.617 1.00 43.37 ? 12 U   A "O2'" 1 
ATOM   581  C  "C1'" . U   B 1 12 ? 1.286   -16.285 -13.631 1.00 41.50 ? 12 U   A "C1'" 1 
ATOM   582  N  N1    . U   B 1 12 ? 1.154   -15.361 -14.766 1.00 41.75 ? 12 U   A N1    1 
ATOM   583  C  C2    . U   B 1 12 ? 0.014   -14.574 -14.823 1.00 43.28 ? 12 U   A C2    1 
ATOM   584  O  O2    . U   B 1 12 ? -0.895  -14.657 -14.008 1.00 45.06 ? 12 U   A O2    1 
ATOM   585  N  N3    . U   B 1 12 ? -0.027  -13.686 -15.871 1.00 42.83 ? 12 U   A N3    1 
ATOM   586  C  C4    . U   B 1 12 ? 0.929   -13.512 -16.852 1.00 42.14 ? 12 U   A C4    1 
ATOM   587  O  O4    . U   B 1 12 ? 0.783   -12.612 -17.681 1.00 40.80 ? 12 U   A O4    1 
ATOM   588  C  C5    . U   B 1 12 ? 2.061   -14.386 -16.744 1.00 41.47 ? 12 U   A C5    1 
ATOM   589  C  C6    . U   B 1 12 ? 2.132   -15.260 -15.731 1.00 41.82 ? 12 U   A C6    1 
ATOM   590  P  P     . C   B 1 13 ? 0.831   -20.649 -15.452 1.00 39.16 ? 13 C   A P     1 
ATOM   591  O  OP1   . C   B 1 13 ? 0.955   -22.086 -15.102 1.00 40.14 ? 13 C   A OP1   1 
ATOM   592  O  OP2   . C   B 1 13 ? 1.310   -20.173 -16.782 1.00 37.57 ? 13 C   A OP2   1 
ATOM   593  O  "O5'" . C   B 1 13 ? -0.694  -20.225 -15.297 1.00 40.29 ? 13 C   A "O5'" 1 
ATOM   594  C  "C5'" . C   B 1 13 ? -1.411  -20.553 -14.116 1.00 39.32 ? 13 C   A "C5'" 1 
ATOM   595  C  "C4'" . C   B 1 13 ? -2.777  -19.937 -14.157 1.00 37.96 ? 13 C   A "C4'" 1 
ATOM   596  O  "O4'" . C   B 1 13 ? -2.660  -18.489 -14.084 1.00 38.53 ? 13 C   A "O4'" 1 
ATOM   597  C  "C3'" . C   B 1 13 ? -3.543  -20.183 -15.441 1.00 37.96 ? 13 C   A "C3'" 1 
ATOM   598  O  "O3'" . C   B 1 13 ? -4.148  -21.475 -15.425 1.00 36.01 ? 13 C   A "O3'" 1 
ATOM   599  C  "C2'" . C   B 1 13 ? -4.542  -19.024 -15.425 1.00 39.18 ? 13 C   A "C2'" 1 
ATOM   600  O  "O2'" . C   B 1 13 ? -5.627  -19.213 -14.540 1.00 39.00 ? 13 C   A "O2'" 1 
ATOM   601  C  "C1'" . C   B 1 13 ? -3.680  -17.889 -14.863 1.00 38.20 ? 13 C   A "C1'" 1 
ATOM   602  N  N1    . C   B 1 13 ? -3.048  -17.077 -15.914 1.00 37.20 ? 13 C   A N1    1 
ATOM   603  C  C2    . C   B 1 13 ? -3.812  -16.098 -16.561 1.00 35.86 ? 13 C   A C2    1 
ATOM   604  O  O2    . C   B 1 13 ? -4.984  -15.928 -16.214 1.00 36.91 ? 13 C   A O2    1 
ATOM   605  N  N3    . C   B 1 13 ? -3.254  -15.358 -17.537 1.00 35.43 ? 13 C   A N3    1 
ATOM   606  C  C4    . C   B 1 13 ? -1.978  -15.554 -17.874 1.00 36.32 ? 13 C   A C4    1 
ATOM   607  N  N4    . C   B 1 13 ? -1.465  -14.791 -18.845 1.00 34.15 ? 13 C   A N4    1 
ATOM   608  C  C5    . C   B 1 13 ? -1.170  -16.541 -17.230 1.00 35.80 ? 13 C   A C5    1 
ATOM   609  C  C6    . C   B 1 13 ? -1.741  -17.273 -16.264 1.00 36.34 ? 13 C   A C6    1 
ATOM   610  P  P     . U   B 1 14 ? -4.273  -22.320 -16.794 1.00 37.53 ? 14 U   A P     1 
ATOM   611  O  OP1   . U   B 1 14 ? -4.695  -23.695 -16.462 1.00 40.79 ? 14 U   A OP1   1 
ATOM   612  O  OP2   . U   B 1 14 ? -3.064  -22.107 -17.632 1.00 36.65 ? 14 U   A OP2   1 
ATOM   613  O  "O5'" . U   B 1 14 ? -5.505  -21.651 -17.544 1.00 39.30 ? 14 U   A "O5'" 1 
ATOM   614  C  "C5'" . U   B 1 14 ? -6.820  -21.726 -17.006 1.00 37.35 ? 14 U   A "C5'" 1 
ATOM   615  C  "C4'" . U   B 1 14 ? -7.750  -20.848 -17.804 1.00 37.10 ? 14 U   A "C4'" 1 
ATOM   616  O  "O4'" . U   B 1 14 ? -7.326  -19.465 -17.660 1.00 37.05 ? 14 U   A "O4'" 1 
ATOM   617  C  "C3'" . U   B 1 14 ? -7.713  -21.060 -19.307 1.00 37.07 ? 14 U   A "C3'" 1 
ATOM   618  O  "O3'" . U   B 1 14 ? -8.504  -22.164 -19.713 1.00 35.57 ? 14 U   A "O3'" 1 
ATOM   619  C  "C2'" . U   B 1 14 ? -8.258  -19.739 -19.826 1.00 36.35 ? 14 U   A "C2'" 1 
ATOM   620  O  "O2'" . U   B 1 14 ? -9.657  -19.633 -19.733 1.00 38.06 ? 14 U   A "O2'" 1 
ATOM   621  C  "C1'" . U   B 1 14 ? -7.625  -18.752 -18.847 1.00 36.50 ? 14 U   A "C1'" 1 
ATOM   622  N  N1    . U   B 1 14 ? -6.386  -18.182 -19.383 1.00 37.35 ? 14 U   A N1    1 
ATOM   623  C  C2    . U   B 1 14 ? -6.515  -17.176 -20.322 1.00 36.80 ? 14 U   A C2    1 
ATOM   624  O  O2    . U   B 1 14 ? -7.593  -16.750 -20.685 1.00 36.64 ? 14 U   A O2    1 
ATOM   625  N  N3    . U   B 1 14 ? -5.336  -16.687 -20.820 1.00 37.67 ? 14 U   A N3    1 
ATOM   626  C  C4    . U   B 1 14 ? -4.067  -17.086 -20.479 1.00 37.88 ? 14 U   A C4    1 
ATOM   627  O  O4    . U   B 1 14 ? -3.104  -16.581 -21.061 1.00 39.36 ? 14 U   A O4    1 
ATOM   628  C  C5    . U   B 1 14 ? -4.010  -18.125 -19.484 1.00 37.80 ? 14 U   A C5    1 
ATOM   629  C  C6    . U   B 1 14 ? -5.146  -18.628 -18.983 1.00 36.39 ? 14 U   A C6    1 
ATOM   630  P  P     . G   B 1 15 ? -8.103  -22.977 -21.043 1.00 38.33 ? 15 G   A P     1 
ATOM   631  O  OP1   . G   B 1 15 ? -8.920  -24.214 -21.037 1.00 36.16 ? 15 G   A OP1   1 
ATOM   632  O  OP2   . G   B 1 15 ? -6.622  -23.075 -21.135 1.00 35.07 ? 15 G   A OP2   1 
ATOM   633  O  "O5'" . G   B 1 15 ? -8.578  -22.032 -22.240 1.00 37.96 ? 15 G   A "O5'" 1 
ATOM   634  C  "C5'" . G   B 1 15 ? -9.952  -21.696 -22.415 1.00 34.16 ? 15 G   A "C5'" 1 
ATOM   635  C  "C4'" . G   B 1 15 ? -10.113 -20.626 -23.482 1.00 34.52 ? 15 G   A "C4'" 1 
ATOM   636  O  "O4'" . G   B 1 15 ? -9.520  -19.368 -23.050 1.00 33.60 ? 15 G   A "O4'" 1 
ATOM   637  C  "C3'" . G   B 1 15 ? -9.425  -20.890 -24.805 1.00 33.82 ? 15 G   A "C3'" 1 
ATOM   638  O  "O3'" . G   B 1 15 ? -10.167 -21.777 -25.616 1.00 33.23 ? 15 G   A "O3'" 1 
ATOM   639  C  "C2'" . G   B 1 15 ? -9.367  -19.495 -25.405 1.00 33.64 ? 15 G   A "C2'" 1 
ATOM   640  O  "O2'" . G   B 1 15 ? -10.626 -19.062 -25.884 1.00 33.03 ? 15 G   A "O2'" 1 
ATOM   641  C  "C1'" . G   B 1 15 ? -9.009  -18.672 -24.175 1.00 33.76 ? 15 G   A "C1'" 1 
ATOM   642  N  N9    . G   B 1 15 ? -7.567  -18.520 -24.018 1.00 36.34 ? 15 G   A N9    1 
ATOM   643  C  C8    . G   B 1 15 ? -6.713  -19.291 -23.267 1.00 37.14 ? 15 G   A C8    1 
ATOM   644  N  N7    . G   B 1 15 ? -5.468  -18.893 -23.335 1.00 37.90 ? 15 G   A N7    1 
ATOM   645  C  C5    . G   B 1 15 ? -5.507  -17.790 -24.177 1.00 39.21 ? 15 G   A C5    1 
ATOM   646  C  C6    . G   B 1 15 ? -4.467  -16.928 -24.618 1.00 39.11 ? 15 G   A C6    1 
ATOM   647  O  O6    . G   B 1 15 ? -3.273  -16.946 -24.314 1.00 40.91 ? 15 G   A O6    1 
ATOM   648  N  N1    . G   B 1 15 ? -4.943  -15.956 -25.494 1.00 38.24 ? 15 G   A N1    1 
ATOM   649  C  C2    . G   B 1 15 ? -6.253  -15.822 -25.884 1.00 39.33 ? 15 G   A C2    1 
ATOM   650  N  N2    . G   B 1 15 ? -6.512  -14.852 -26.766 1.00 40.18 ? 15 G   A N2    1 
ATOM   651  N  N3    . G   B 1 15 ? -7.237  -16.591 -25.451 1.00 39.06 ? 15 G   A N3    1 
ATOM   652  C  C4    . G   B 1 15 ? -6.794  -17.553 -24.613 1.00 38.50 ? 15 G   A C4    1 
ATOM   653  P  P     . C   B 1 16 ? -9.389  -22.675 -26.680 1.00 32.98 ? 16 C   A P     1 
ATOM   654  O  OP1   . C   B 1 16 ? -10.362 -23.539 -27.380 1.00 35.90 ? 16 C   A OP1   1 
ATOM   655  O  OP2   . C   B 1 16 ? -8.247  -23.284 -25.951 1.00 35.80 ? 16 C   A OP2   1 
ATOM   656  O  "O5'" . C   B 1 16 ? -8.810  -21.623 -27.728 1.00 35.01 ? 16 C   A "O5'" 1 
ATOM   657  C  "C5'" . C   B 1 16 ? -9.674  -20.909 -28.613 1.00 34.49 ? 16 C   A "C5'" 1 
ATOM   658  C  "C4'" . C   B 1 16 ? -8.884  -19.907 -29.426 1.00 35.23 ? 16 C   A "C4'" 1 
ATOM   659  O  "O4'" . C   B 1 16 ? -8.199  -18.980 -28.534 1.00 35.57 ? 16 C   A "O4'" 1 
ATOM   660  C  "C3'" . C   B 1 16 ? -7.761  -20.481 -30.273 1.00 34.98 ? 16 C   A "C3'" 1 
ATOM   661  O  "O3'" . C   B 1 16 ? -8.216  -21.052 -31.494 1.00 36.46 ? 16 C   A "O3'" 1 
ATOM   662  C  "C2'" . C   B 1 16 ? -6.872  -19.265 -30.494 1.00 34.77 ? 16 C   A "C2'" 1 
ATOM   663  O  "O2'" . C   B 1 16 ? -7.374  -18.446 -31.530 1.00 35.93 ? 16 C   A "O2'" 1 
ATOM   664  C  "C1'" . C   B 1 16 ? -6.983  -18.556 -29.138 1.00 35.27 ? 16 C   A "C1'" 1 
ATOM   665  N  N1    . C   B 1 16 ? -5.877  -18.888 -28.230 1.00 34.81 ? 16 C   A N1    1 
ATOM   666  C  C2    . C   B 1 16 ? -4.665  -18.220 -28.379 1.00 35.82 ? 16 C   A C2    1 
ATOM   667  O  O2    . C   B 1 16 ? -4.565  -17.364 -29.259 1.00 36.39 ? 16 C   A O2    1 
ATOM   668  N  N3    . C   B 1 16 ? -3.630  -18.527 -27.564 1.00 37.52 ? 16 C   A N3    1 
ATOM   669  C  C4    . C   B 1 16 ? -3.778  -19.469 -26.627 1.00 38.06 ? 16 C   A C4    1 
ATOM   670  N  N4    . C   B 1 16 ? -2.722  -19.758 -25.852 1.00 36.68 ? 16 C   A N4    1 
ATOM   671  C  C5    . C   B 1 16 ? -5.012  -20.161 -26.445 1.00 37.09 ? 16 C   A C5    1 
ATOM   672  C  C6    . C   B 1 16 ? -6.025  -19.841 -27.261 1.00 36.15 ? 16 C   A C6    1 
ATOM   673  O  "O5'" . G   C 1 1  ? -5.674  24.267  33.754  1.00 32.65 ? 1  G   C "O5'" 1 
ATOM   674  C  "C5'" . G   C 1 1  ? -5.675  25.113  32.602  1.00 28.08 ? 1  G   C "C5'" 1 
ATOM   675  C  "C4'" . G   C 1 1  ? -4.382  25.875  32.517  1.00 29.08 ? 1  G   C "C4'" 1 
ATOM   676  O  "O4'" . G   C 1 1  ? -4.177  26.585  33.765  1.00 30.07 ? 1  G   C "O4'" 1 
ATOM   677  C  "C3'" . G   C 1 1  ? -3.145  25.002  32.409  1.00 31.08 ? 1  G   C "C3'" 1 
ATOM   678  O  "O3'" . G   C 1 1  ? -2.882  24.596  31.083  1.00 32.44 ? 1  G   C "O3'" 1 
ATOM   679  C  "C2'" . G   C 1 1  ? -2.057  25.918  32.936  1.00 30.41 ? 1  G   C "C2'" 1 
ATOM   680  O  "O2'" . G   C 1 1  ? -1.680  26.882  31.979  1.00 29.68 ? 1  G   C "O2'" 1 
ATOM   681  C  "C1'" . G   C 1 1  ? -2.792  26.581  34.098  1.00 31.18 ? 1  G   C "C1'" 1 
ATOM   682  N  N9    . G   C 1 1  ? -2.621  25.857  35.357  1.00 30.13 ? 1  G   C N9    1 
ATOM   683  C  C8    . G   C 1 1  ? -3.576  25.142  36.037  1.00 30.48 ? 1  G   C C8    1 
ATOM   684  N  N7    . G   C 1 1  ? -3.135  24.635  37.158  1.00 30.72 ? 1  G   C N7    1 
ATOM   685  C  C5    . G   C 1 1  ? -1.805  25.028  37.212  1.00 29.32 ? 1  G   C C5    1 
ATOM   686  C  C6    . G   C 1 1  ? -0.809  24.789  38.208  1.00 30.05 ? 1  G   C C6    1 
ATOM   687  O  O6    . G   C 1 1  ? -0.917  24.178  39.284  1.00 26.80 ? 1  G   C O6    1 
ATOM   688  N  N1    . G   C 1 1  ? 0.408   25.368  37.858  1.00 30.86 ? 1  G   C N1    1 
ATOM   689  C  C2    . G   C 1 1  ? 0.636   26.097  36.712  1.00 28.61 ? 1  G   C C2    1 
ATOM   690  N  N2    . G   C 1 1  ? 1.868   26.586  36.561  1.00 24.99 ? 1  G   C N2    1 
ATOM   691  N  N3    . G   C 1 1  ? -0.285  26.333  35.788  1.00 28.36 ? 1  G   C N3    1 
ATOM   692  C  C4    . G   C 1 1  ? -1.471  25.775  36.102  1.00 28.41 ? 1  G   C C4    1 
ATOM   693  P  P     . C   C 1 2  ? -2.241  23.152  30.831  1.00 33.54 ? 2  C   C P     1 
ATOM   694  O  OP1   . C   C 1 2  ? -2.436  22.827  29.398  1.00 36.81 ? 2  C   C OP1   1 
ATOM   695  O  OP2   . C   C 1 2  ? -2.764  22.224  31.873  1.00 32.03 ? 2  C   C OP2   1 
ATOM   696  O  "O5'" . C   C 1 2  ? -0.687  23.387  31.111  1.00 34.61 ? 2  C   C "O5'" 1 
ATOM   697  C  "C5'" . C   C 1 2  ? 0.052   24.379  30.401  1.00 31.79 ? 2  C   C "C5'" 1 
ATOM   698  C  "C4'" . C   C 1 2  ? 1.430   24.543  31.007  1.00 31.93 ? 2  C   C "C4'" 1 
ATOM   699  O  "O4'" . C   C 1 2  ? 1.303   25.093  32.345  1.00 32.67 ? 2  C   C "O4'" 1 
ATOM   700  C  "C3'" . C   C 1 2  ? 2.223   23.266  31.237  1.00 31.65 ? 2  C   C "C3'" 1 
ATOM   701  O  "O3'" . C   C 1 2  ? 2.918   22.841  30.088  1.00 31.14 ? 2  C   C "O3'" 1 
ATOM   702  C  "C2'" . C   C 1 2  ? 3.225   23.719  32.278  1.00 32.81 ? 2  C   C "C2'" 1 
ATOM   703  O  "O2'" . C   C 1 2  ? 4.234   24.503  31.674  1.00 34.43 ? 2  C   C "O2'" 1 
ATOM   704  C  "C1'" . C   C 1 2  ? 2.335   24.581  33.170  1.00 31.07 ? 2  C   C "C1'" 1 
ATOM   705  N  N1    . C   C 1 2  ? 1.705   23.799  34.235  1.00 31.51 ? 2  C   C N1    1 
ATOM   706  C  C2    . C   C 1 2  ? 2.417   23.575  35.425  1.00 32.42 ? 2  C   C C2    1 
ATOM   707  O  O2    . C   C 1 2  ? 3.565   24.029  35.530  1.00 32.03 ? 2  C   C O2    1 
ATOM   708  N  N3    . C   C 1 2  ? 1.831   22.876  36.425  1.00 32.70 ? 2  C   C N3    1 
ATOM   709  C  C4    . C   C 1 2  ? 0.582   22.416  36.277  1.00 32.87 ? 2  C   C C4    1 
ATOM   710  N  N4    . C   C 1 2  ? 0.029   21.765  37.302  1.00 29.85 ? 2  C   C N4    1 
ATOM   711  C  C5    . C   C 1 2  ? -0.157  22.613  35.069  1.00 31.84 ? 2  C   C C5    1 
ATOM   712  C  C6    . C   C 1 2  ? 0.441   23.302  34.082  1.00 30.58 ? 2  C   C C6    1 
ATOM   713  P  P     . A   C 1 3  ? 3.239   21.284  29.902  1.00 33.29 ? 3  A   C P     1 
ATOM   714  O  OP1   . A   C 1 3  ? 3.888   21.141  28.576  1.00 36.72 ? 3  A   C OP1   1 
ATOM   715  O  OP2   . A   C 1 3  ? 2.014   20.517  30.198  1.00 33.60 ? 3  A   C OP2   1 
ATOM   716  O  "O5'" . A   C 1 3  ? 4.313   20.969  31.037  1.00 33.16 ? 3  A   C "O5'" 1 
ATOM   717  C  "C5'" . A   C 1 3  ? 5.629   21.509  30.964  1.00 31.82 ? 3  A   C "C5'" 1 
ATOM   718  C  "C4'" . A   C 1 3  ? 6.474   21.014  32.120  1.00 32.99 ? 3  A   C "C4'" 1 
ATOM   719  O  "O4'" . A   C 1 3  ? 6.004   21.581  33.376  1.00 32.23 ? 3  A   C "O4'" 1 
ATOM   720  C  "C3'" . A   C 1 3  ? 6.433   19.522  32.385  1.00 33.20 ? 3  A   C "C3'" 1 
ATOM   721  O  "O3'" . A   C 1 3  ? 7.271   18.786  31.521  1.00 33.07 ? 3  A   C "O3'" 1 
ATOM   722  C  "C2'" . A   C 1 3  ? 6.937   19.450  33.814  1.00 32.77 ? 3  A   C "C2'" 1 
ATOM   723  O  "O2'" . A   C 1 3  ? 8.329   19.644  33.879  1.00 34.09 ? 3  A   C "O2'" 1 
ATOM   724  C  "C1'" . A   C 1 3  ? 6.220   20.647  34.427  1.00 32.55 ? 3  A   C "C1'" 1 
ATOM   725  N  N9    . A   C 1 3  ? 4.920   20.242  34.949  1.00 32.05 ? 3  A   C N9    1 
ATOM   726  C  C8    . A   C 1 3  ? 3.695   20.373  34.344  1.00 31.87 ? 3  A   C C8    1 
ATOM   727  N  N7    . A   C 1 3  ? 2.701   19.919  35.064  1.00 31.38 ? 3  A   C N7    1 
ATOM   728  C  C5    . A   C 1 3  ? 3.311   19.455  36.221  1.00 31.44 ? 3  A   C C5    1 
ATOM   729  C  C6    . A   C 1 3  ? 2.802   18.861  37.381  1.00 31.13 ? 3  A   C C6    1 
ATOM   730  N  N6    . A   C 1 3  ? 1.505   18.639  37.583  1.00 30.48 ? 3  A   C N6    1 
ATOM   731  N  N1    . A   C 1 3  ? 3.677   18.506  38.344  1.00 30.85 ? 3  A   C N1    1 
ATOM   732  C  C2    . A   C 1 3  ? 4.975   18.748  38.147  1.00 28.53 ? 3  A   C C2    1 
ATOM   733  N  N3    . A   C 1 3  ? 5.577   19.307  37.103  1.00 31.01 ? 3  A   C N3    1 
ATOM   734  C  C4    . A   C 1 3  ? 4.677   19.644  36.162  1.00 31.50 ? 3  A   C C4    1 
ATOM   735  P  P     . G   C 1 4  ? 6.864   17.285  31.144  1.00 34.59 ? 4  G   C P     1 
ATOM   736  O  OP1   . G   C 1 4  ? 7.583   16.923  29.899  1.00 36.77 ? 4  G   C OP1   1 
ATOM   737  O  OP2   . G   C 1 4  ? 5.380   17.241  31.176  1.00 36.17 ? 4  G   C OP2   1 
ATOM   738  O  "O5'" . G   C 1 4  ? 7.425   16.417  32.356  1.00 33.25 ? 4  G   C "O5'" 1 
ATOM   739  C  "C5'" . G   C 1 4  ? 8.788   16.517  32.748  1.00 30.63 ? 4  G   C "C5'" 1 
ATOM   740  C  "C4'" . G   C 1 4  ? 8.983   15.960  34.139  1.00 30.02 ? 4  G   C "C4'" 1 
ATOM   741  O  "O4'" . G   C 1 4  ? 8.292   16.796  35.103  1.00 29.89 ? 4  G   C "O4'" 1 
ATOM   742  C  "C3'" . G   C 1 4  ? 8.420   14.571  34.400  1.00 29.39 ? 4  G   C "C3'" 1 
ATOM   743  O  "O3'" . G   C 1 4  ? 9.288   13.540  33.970  1.00 28.58 ? 4  G   C "O3'" 1 
ATOM   744  C  "C2'" . G   C 1 4  ? 8.313   14.568  35.915  1.00 30.63 ? 4  G   C "C2'" 1 
ATOM   745  O  "O2'" . G   C 1 4  ? 9.560   14.346  36.537  1.00 29.25 ? 4  G   C "O2'" 1 
ATOM   746  C  "C1'" . G   C 1 4  ? 7.808   15.987  36.172  1.00 31.49 ? 4  G   C "C1'" 1 
ATOM   747  N  N9    . G   C 1 4  ? 6.350   16.000  36.134  1.00 32.25 ? 4  G   C N9    1 
ATOM   748  C  C8    . G   C 1 4  ? 5.545   16.393  35.090  1.00 31.86 ? 4  G   C C8    1 
ATOM   749  N  N7    . G   C 1 4  ? 4.272   16.262  35.349  1.00 32.66 ? 4  G   C N7    1 
ATOM   750  C  C5    . G   C 1 4  ? 4.235   15.758  36.641  1.00 32.09 ? 4  G   C C5    1 
ATOM   751  C  C6    . G   C 1 4  ? 3.139   15.407  37.452  1.00 31.75 ? 4  G   C C6    1 
ATOM   752  O  O6    . G   C 1 4  ? 1.934   15.475  37.186  1.00 33.88 ? 4  G   C O6    1 
ATOM   753  N  N1    . G   C 1 4  ? 3.551   14.929  38.687  1.00 30.57 ? 4  G   C N1    1 
ATOM   754  C  C2    . G   C 1 4  ? 4.854   14.804  39.089  1.00 30.40 ? 4  G   C C2    1 
ATOM   755  N  N2    . G   C 1 4  ? 5.055   14.323  40.317  1.00 29.47 ? 4  G   C N2    1 
ATOM   756  N  N3    . G   C 1 4  ? 5.888   15.129  38.341  1.00 32.61 ? 4  G   C N3    1 
ATOM   757  C  C4    . G   C 1 4  ? 5.508   15.595  37.138  1.00 31.90 ? 4  G   C C4    1 
ATOM   758  P  P     . A   C 1 5  ? 8.709   12.060  33.760  1.00 28.65 ? 5  A   C P     1 
ATOM   759  O  OP1   . A   C 1 5  ? 9.823   11.180  33.328  1.00 28.96 ? 5  A   C OP1   1 
ATOM   760  O  OP2   . A   C 1 5  ? 7.492   12.179  32.914  1.00 28.70 ? 5  A   C OP2   1 
ATOM   761  O  "O5'" . A   C 1 5  ? 8.265   11.603  35.218  1.00 28.58 ? 5  A   C "O5'" 1 
ATOM   762  C  "C5'" . A   C 1 5  ? 9.217   11.113  36.148  1.00 28.74 ? 5  A   C "C5'" 1 
ATOM   763  C  "C4'" . A   C 1 5  ? 8.519   10.395  37.280  1.00 30.19 ? 5  A   C "C4'" 1 
ATOM   764  O  "O4'" . A   C 1 5  ? 7.653   11.318  37.997  1.00 30.58 ? 5  A   C "O4'" 1 
ATOM   765  C  "C3'" . A   C 1 5  ? 7.575   9.282   36.873  1.00 29.46 ? 5  A   C "C3'" 1 
ATOM   766  O  "O3'" . A   C 1 5  ? 8.283   8.086   36.612  1.00 29.92 ? 5  A   C "O3'" 1 
ATOM   767  C  "C2'" . A   C 1 5  ? 6.707   9.161   38.114  1.00 30.07 ? 5  A   C "C2'" 1 
ATOM   768  O  "O2'" . A   C 1 5  ? 7.405   8.568   39.180  1.00 30.26 ? 5  A   C "O2'" 1 
ATOM   769  C  "C1'" . A   C 1 5  ? 6.501   10.631  38.460  1.00 30.94 ? 5  A   C "C1'" 1 
ATOM   770  N  N9    . A   C 1 5  ? 5.324   11.210  37.811  1.00 30.98 ? 5  A   C N9    1 
ATOM   771  C  C8    . A   C 1 5  ? 5.276   11.966  36.666  1.00 30.77 ? 5  A   C C8    1 
ATOM   772  N  N7    . A   C 1 5  ? 4.072   12.377  36.357  1.00 31.05 ? 5  A   C N7    1 
ATOM   773  C  C5    . A   C 1 5  ? 3.272   11.850  37.361  1.00 30.54 ? 5  A   C C5    1 
ATOM   774  C  C6    . A   C 1 5  ? 1.893   11.931  37.612  1.00 30.84 ? 5  A   C C6    1 
ATOM   775  N  N6    . A   C 1 5  ? 1.044   12.614  36.848  1.00 29.81 ? 5  A   C N6    1 
ATOM   776  N  N1    . A   C 1 5  ? 1.409   11.282  38.692  1.00 30.73 ? 5  A   C N1    1 
ATOM   777  C  C2    . A   C 1 5  ? 2.263   10.607  39.462  1.00 28.86 ? 5  A   C C2    1 
ATOM   778  N  N3    . A   C 1 5  ? 3.579   10.460  39.333  1.00 30.76 ? 5  A   C N3    1 
ATOM   779  C  C4    . A   C 1 5  ? 4.026   11.116  38.251  1.00 29.67 ? 5  A   C C4    1 
HETATM 780  P  P     . A5M C 1 6  ? 7.733   7.073   35.500  1.00 30.54 ? 6  A5M C P     1 
HETATM 781  O  OP1   . A5M C 1 6  ? 8.727   5.976   35.398  1.00 34.28 ? 6  A5M C OP1   1 
HETATM 782  O  OP2   . A5M C 1 6  ? 7.374   7.848   34.289  1.00 29.43 ? 6  A5M C OP2   1 
HETATM 783  O  "O5'" . A5M C 1 6  ? 6.406   6.480   36.152  1.00 30.27 ? 6  A5M C "O5'" 1 
HETATM 784  C  "C5'" . A5M C 1 6  ? 6.455   5.808   37.396  1.00 26.80 ? 6  A5M C "C5'" 1 
HETATM 785  C  "C4'" . A5M C 1 6  ? 5.062   5.589   37.923  1.00 29.22 ? 6  A5M C "C4'" 1 
HETATM 786  O  "O4'" . A5M C 1 6  ? 4.446   6.864   38.268  1.00 28.85 ? 6  A5M C "O4'" 1 
HETATM 787  C  "C1'" . A5M C 1 6  ? 3.049   6.805   38.000  1.00 28.61 ? 6  A5M C "C1'" 1 
HETATM 788  N  N1    . A5M C 1 6  ? 2.759   7.744   36.911  1.00 28.13 ? 6  A5M C N1    1 
HETATM 789  C  C6    . A5M C 1 6  ? 3.737   8.113   36.033  1.00 26.21 ? 6  A5M C C6    1 
HETATM 790  C  C2    . A5M C 1 6  ? 1.465   8.274   36.796  1.00 28.60 ? 6  A5M C C2    1 
HETATM 791  O  O2    . A5M C 1 6  ? 0.581   7.874   37.572  1.00 32.04 ? 6  A5M C O2    1 
HETATM 792  N  N3    . A5M C 1 6  ? 1.210   9.196   35.841  1.00 27.43 ? 6  A5M C N3    1 
HETATM 793  C  C4    . A5M C 1 6  ? 2.186   9.573   35.008  1.00 26.97 ? 6  A5M C C4    1 
HETATM 794  N  N4    . A5M C 1 6  ? 1.909   10.508  34.098  1.00 25.55 ? 6  A5M C N4    1 
HETATM 795  C  C5    . A5M C 1 6  ? 3.498   9.013   35.076  1.00 26.82 ? 6  A5M C C5    1 
HETATM 796  C  "C2'" . A5M C 1 6  ? 2.750   5.370   37.578  1.00 30.63 ? 6  A5M C "C2'" 1 
HETATM 797  N  "N2'" . A5M C 1 6  ? 2.460   4.566   38.783  1.00 30.99 ? 6  A5M C "N2'" 1 
HETATM 798  C  "C3'" . A5M C 1 6  ? 4.075   5.000   36.935  1.00 30.73 ? 6  A5M C "C3'" 1 
HETATM 799  O  "O3'" . A5M C 1 6  ? 4.214   3.607   36.771  1.00 31.52 ? 6  A5M C "O3'" 1 
ATOM   800  P  P     . U   C 1 7  ? 3.775   2.935   35.384  1.00 32.24 ? 7  U   C P     1 
ATOM   801  O  OP1   . U   C 1 7  ? 4.418   1.598   35.341  1.00 32.46 ? 7  U   C OP1   1 
ATOM   802  O  OP2   . U   C 1 7  ? 4.025   3.904   34.287  1.00 33.74 ? 7  U   C OP2   1 
ATOM   803  O  "O5'" . U   C 1 7  ? 2.192   2.786   35.516  1.00 32.05 ? 7  U   C "O5'" 1 
ATOM   804  C  "C5'" . U   C 1 7  ? 1.611   2.068   36.595  1.00 32.02 ? 7  U   C "C5'" 1 
ATOM   805  C  "C4'" . U   C 1 7  ? 0.138   2.392   36.713  1.00 31.98 ? 7  U   C "C4'" 1 
ATOM   806  O  "O4'" . U   C 1 7  ? -0.037  3.800   37.017  1.00 31.72 ? 7  U   C "O4'" 1 
ATOM   807  C  "C3'" . U   C 1 7  ? -0.688  2.218   35.453  1.00 32.55 ? 7  U   C "C3'" 1 
ATOM   808  O  "O3'" . U   C 1 7  ? -1.021  0.862   35.238  1.00 32.71 ? 7  U   C "O3'" 1 
ATOM   809  C  "C2'" . U   C 1 7  ? -1.911  3.067   35.765  1.00 32.85 ? 7  U   C "C2'" 1 
ATOM   810  O  "O2'" . U   C 1 7  ? -2.817  2.455   36.651  1.00 36.46 ? 7  U   C "O2'" 1 
ATOM   811  C  "C1'" . U   C 1 7  ? -1.267  4.254   36.470  1.00 31.47 ? 7  U   C "C1'" 1 
ATOM   812  N  N1    . U   C 1 7  ? -0.989  5.342   35.526  1.00 30.68 ? 7  U   C N1    1 
ATOM   813  C  C2    . U   C 1 7  ? -2.027  6.180   35.213  1.00 28.72 ? 7  U   C C2    1 
ATOM   814  O  O2    . U   C 1 7  ? -3.148  6.026   35.649  1.00 28.60 ? 7  U   C O2    1 
ATOM   815  N  N3    . U   C 1 7  ? -1.709  7.199   34.356  1.00 29.69 ? 7  U   C N3    1 
ATOM   816  C  C4    . U   C 1 7  ? -0.487  7.441   33.773  1.00 27.81 ? 7  U   C C4    1 
ATOM   817  O  O4    . U   C 1 7  ? -0.368  8.385   33.002  1.00 26.89 ? 7  U   C O4    1 
ATOM   818  C  C5    . U   C 1 7  ? 0.536   6.513   34.126  1.00 28.51 ? 7  U   C C5    1 
ATOM   819  C  C6    . U   C 1 7  ? 0.259   5.521   34.976  1.00 30.48 ? 7  U   C C6    1 
ATOM   820  P  P     . U   C 1 8  ? -1.272  0.337   33.745  1.00 34.27 ? 8  U   C P     1 
ATOM   821  O  OP1   . U   C 1 8  ? -1.463  -1.132  33.862  1.00 31.50 ? 8  U   C OP1   1 
ATOM   822  O  OP2   . U   C 1 8  ? -0.220  0.871   32.832  1.00 31.90 ? 8  U   C OP2   1 
ATOM   823  O  "O5'" . U   C 1 8  ? -2.670  0.996   33.377  1.00 32.82 ? 8  U   C "O5'" 1 
ATOM   824  C  "C5'" . U   C 1 8  ? -3.838  0.638   34.110  1.00 32.69 ? 8  U   C "C5'" 1 
ATOM   825  C  "C4'" . U   C 1 8  ? -5.004  1.503   33.697  1.00 32.44 ? 8  U   C "C4'" 1 
ATOM   826  O  "O4'" . U   C 1 8  ? -4.715  2.882   34.031  1.00 30.71 ? 8  U   C "O4'" 1 
ATOM   827  C  "C3'" . U   C 1 8  ? -5.292  1.561   32.207  1.00 32.09 ? 8  U   C "C3'" 1 
ATOM   828  O  "O3'" . U   C 1 8  ? -6.057  0.455   31.780  1.00 34.61 ? 8  U   C "O3'" 1 
ATOM   829  C  "C2'" . U   C 1 8  ? -6.096  2.839   32.108  1.00 31.19 ? 8  U   C "C2'" 1 
ATOM   830  O  "O2'" . U   C 1 8  ? -7.406  2.633   32.589  1.00 33.51 ? 8  U   C "O2'" 1 
ATOM   831  C  "C1'" . U   C 1 8  ? -5.329  3.734   33.076  1.00 32.08 ? 8  U   C "C1'" 1 
ATOM   832  N  N1    . U   C 1 8  ? -4.278  4.515   32.412  1.00 33.36 ? 8  U   C N1    1 
ATOM   833  C  C2    . U   C 1 8  ? -4.657  5.708   31.844  1.00 33.10 ? 8  U   C C2    1 
ATOM   834  O  O2    . U   C 1 8  ? -5.811  6.095   31.857  1.00 33.80 ? 8  U   C O2    1 
ATOM   835  N  N3    . U   C 1 8  ? -3.639  6.430   31.267  1.00 32.56 ? 8  U   C N3    1 
ATOM   836  C  C4    . U   C 1 8  ? -2.302  6.078   31.209  1.00 34.71 ? 8  U   C C4    1 
ATOM   837  O  O4    . U   C 1 8  ? -1.481  6.880   30.747  1.00 35.23 ? 8  U   C O4    1 
ATOM   838  C  C5    . U   C 1 8  ? -1.993  4.804   31.803  1.00 32.78 ? 8  U   C C5    1 
ATOM   839  C  C6    . U   C 1 8  ? -2.967  4.087   32.369  1.00 32.74 ? 8  U   C C6    1 
ATOM   840  P  P     . A   C 1 9  ? -5.823  -0.149  30.309  1.00 36.30 ? 9  A   C P     1 
ATOM   841  O  OP1   . A   C 1 9  ? -6.539  -1.455  30.282  1.00 38.01 ? 9  A   C OP1   1 
ATOM   842  O  OP2   . A   C 1 9  ? -4.372  -0.095  30.015  1.00 35.07 ? 9  A   C OP2   1 
ATOM   843  O  "O5'" . A   C 1 9  ? -6.564  0.884   29.348  1.00 35.55 ? 9  A   C "O5'" 1 
ATOM   844  C  "C5'" . A   C 1 9  ? -7.966  1.075   29.429  1.00 33.31 ? 9  A   C "C5'" 1 
ATOM   845  C  "C4'" . A   C 1 9  ? -8.392  2.234   28.556  1.00 35.21 ? 9  A   C "C4'" 1 
ATOM   846  O  "O4'" . A   C 1 9  ? -7.925  3.488   29.124  1.00 33.19 ? 9  A   C "O4'" 1 
ATOM   847  C  "C3'" . A   C 1 9  ? -7.856  2.270   27.135  1.00 35.51 ? 9  A   C "C3'" 1 
ATOM   848  O  "O3'" . A   C 1 9  ? -8.556  1.396   26.260  1.00 38.79 ? 9  A   C "O3'" 1 
ATOM   849  C  "C2'" . A   C 1 9  ? -8.083  3.730   26.773  1.00 36.51 ? 9  A   C "C2'" 1 
ATOM   850  O  "O2'" . A   C 1 9  ? -9.438  4.003   26.491  1.00 37.90 ? 9  A   C "O2'" 1 
ATOM   851  C  "C1'" . A   C 1 9  ? -7.684  4.423   28.077  1.00 34.54 ? 9  A   C "C1'" 1 
ATOM   852  N  N9    . A   C 1 9  ? -6.261  4.757   28.093  1.00 33.77 ? 9  A   C N9    1 
ATOM   853  C  C8    . A   C 1 9  ? -5.257  4.005   28.650  1.00 32.78 ? 9  A   C C8    1 
ATOM   854  N  N7    . A   C 1 9  ? -4.068  4.540   28.526  1.00 32.43 ? 9  A   C N7    1 
ATOM   855  C  C5    . A   C 1 9  ? -4.301  5.719   27.840  1.00 31.47 ? 9  A   C C5    1 
ATOM   856  C  C6    . A   C 1 9  ? -3.441  6.730   27.399  1.00 32.01 ? 9  A   C C6    1 
ATOM   857  N  N6    . A   C 1 9  ? -2.122  6.706   27.599  1.00 30.28 ? 9  A   C N6    1 
ATOM   858  N  N1    . A   C 1 9  ? -3.986  7.779   26.741  1.00 32.01 ? 9  A   C N1    1 
ATOM   859  C  C2    . A   C 1 9  ? -5.308  7.792   26.551  1.00 31.93 ? 9  A   C C2    1 
ATOM   860  N  N3    . A   C 1 9  ? -6.224  6.894   26.921  1.00 32.93 ? 9  A   C N3    1 
ATOM   861  C  C4    . A   C 1 9  ? -5.647  5.869   27.566  1.00 32.46 ? 9  A   C C4    1 
ATOM   862  P  P     . A   C 1 10 ? -7.849  0.898   24.891  1.00 41.94 ? 10 A   C P     1 
ATOM   863  O  OP1   . A   C 1 10 ? -8.793  -0.017  24.190  1.00 41.09 ? 10 A   C OP1   1 
ATOM   864  O  OP2   . A   C 1 10 ? -6.464  0.429   25.183  1.00 39.43 ? 10 A   C OP2   1 
ATOM   865  O  "O5'" . A   C 1 10 ? -7.760  2.230   24.023  1.00 39.52 ? 10 A   C "O5'" 1 
ATOM   866  C  "C5'" . A   C 1 10 ? -8.940  2.842   23.533  1.00 39.09 ? 10 A   C "C5'" 1 
ATOM   867  C  "C4'" . A   C 1 10 ? -8.591  4.025   22.668  1.00 40.09 ? 10 A   C "C4'" 1 
ATOM   868  O  "O4'" . A   C 1 10 ? -8.056  5.090   23.502  1.00 38.43 ? 10 A   C "O4'" 1 
ATOM   869  C  "C3'" . A   C 1 10 ? -7.503  3.808   21.625  1.00 39.95 ? 10 A   C "C3'" 1 
ATOM   870  O  "O3'" . A   C 1 10 ? -7.973  3.165   20.443  1.00 41.52 ? 10 A   C "O3'" 1 
ATOM   871  C  "C2'" . A   C 1 10 ? -7.080  5.242   21.356  1.00 38.48 ? 10 A   C "C2'" 1 
ATOM   872  O  "O2'" . A   C 1 10 ? -8.028  5.927   20.563  1.00 37.73 ? 10 A   C "O2'" 1 
ATOM   873  C  "C1'" . A   C 1 10 ? -7.076  5.810   22.777  1.00 36.20 ? 10 A   C "C1'" 1 
ATOM   874  N  N9    . A   C 1 10 ? -5.784  5.576   23.411  1.00 34.58 ? 10 A   C N9    1 
ATOM   875  C  C8    . A   C 1 10 ? -5.384  4.502   24.172  1.00 33.24 ? 10 A   C C8    1 
ATOM   876  N  N7    . A   C 1 10 ? -4.130  4.559   24.546  1.00 31.89 ? 10 A   C N7    1 
ATOM   877  C  C5    . A   C 1 10 ? -3.676  5.758   24.009  1.00 32.49 ? 10 A   C C5    1 
ATOM   878  C  C6    . A   C 1 10 ? -2.421  6.393   24.030  1.00 31.92 ? 10 A   C C6    1 
ATOM   879  N  N6    . A   C 1 10 ? -1.354  5.893   24.643  1.00 31.88 ? 10 A   C N6    1 
ATOM   880  N  N1    . A   C 1 10 ? -2.302  7.577   23.388  1.00 31.20 ? 10 A   C N1    1 
ATOM   881  C  C2    . A   C 1 10 ? -3.377  8.082   22.774  1.00 31.56 ? 10 A   C C2    1 
ATOM   882  N  N3    . A   C 1 10 ? -4.609  7.581   22.680  1.00 32.14 ? 10 A   C N3    1 
ATOM   883  C  C4    . A   C 1 10 ? -4.690  6.401   23.322  1.00 33.58 ? 10 A   C C4    1 
ATOM   884  P  P     . A   C 1 11 ? -6.910  2.582   19.377  1.00 42.93 ? 11 A   C P     1 
ATOM   885  O  OP1   . A   C 1 11 ? -7.694  1.943   18.282  1.00 41.93 ? 11 A   C OP1   1 
ATOM   886  O  OP2   . A   C 1 11 ? -5.877  1.792   20.094  1.00 40.52 ? 11 A   C OP2   1 
ATOM   887  O  "O5'" . A   C 1 11 ? -6.200  3.884   18.789  1.00 42.09 ? 11 A   C "O5'" 1 
ATOM   888  C  "C5'" . A   C 1 11 ? -6.948  4.868   18.081  1.00 39.03 ? 11 A   C "C5'" 1 
ATOM   889  C  "C4'" . A   C 1 11 ? -6.030  5.935   17.527  1.00 37.75 ? 11 A   C "C4'" 1 
ATOM   890  O  "O4'" . A   C 1 11 ? -5.497  6.744   18.608  1.00 37.03 ? 11 A   C "O4'" 1 
ATOM   891  C  "C3'" . A   C 1 11 ? -4.786  5.452   16.800  1.00 37.73 ? 11 A   C "C3'" 1 
ATOM   892  O  "O3'" . A   C 1 11 ? -5.059  5.063   15.464  1.00 36.51 ? 11 A   C "O3'" 1 
ATOM   893  C  "C2'" . A   C 1 11 ? -3.910  6.693   16.843  1.00 37.69 ? 11 A   C "C2'" 1 
ATOM   894  O  "O2'" . A   C 1 11 ? -4.315  7.655   15.892  1.00 36.85 ? 11 A   C "O2'" 1 
ATOM   895  C  "C1'" . A   C 1 11 ? -4.193  7.198   18.261  1.00 37.91 ? 11 A   C "C1'" 1 
ATOM   896  N  N9    . A   C 1 11 ? -3.242  6.649   19.226  1.00 37.10 ? 11 A   C N9    1 
ATOM   897  C  C8    . A   C 1 11 ? -3.395  5.549   20.036  1.00 36.84 ? 11 A   C C8    1 
ATOM   898  N  N7    . A   C 1 11 ? -2.343  5.284   20.772  1.00 37.38 ? 11 A   C N7    1 
ATOM   899  C  C5    . A   C 1 11 ? -1.436  6.280   20.432  1.00 36.79 ? 11 A   C C5    1 
ATOM   900  C  C6    . A   C 1 11 ? -0.120  6.561   20.864  1.00 37.05 ? 11 A   C C6    1 
ATOM   901  N  N6    . A   C 1 11 ? 0.550   5.827   21.763  1.00 33.74 ? 11 A   C N6    1 
ATOM   902  N  N1    . A   C 1 11 ? 0.493   7.640   20.328  1.00 37.48 ? 11 A   C N1    1 
ATOM   903  C  C2    . A   C 1 11 ? -0.170  8.374   19.425  1.00 35.17 ? 11 A   C C2    1 
ATOM   904  N  N3    . A   C 1 11 ? -1.397  8.209   18.940  1.00 35.20 ? 11 A   C N3    1 
ATOM   905  C  C4    . A   C 1 11 ? -1.982  7.133   19.487  1.00 35.99 ? 11 A   C C4    1 
ATOM   906  P  P     . U   C 1 12 ? -4.206  3.874   14.798  1.00 40.03 ? 12 U   C P     1 
ATOM   907  O  OP1   . U   C 1 12 ? -4.771  3.671   13.433  1.00 39.54 ? 12 U   C OP1   1 
ATOM   908  O  OP2   . U   C 1 12 ? -4.102  2.716   15.727  1.00 37.01 ? 12 U   C OP2   1 
ATOM   909  O  "O5'" . U   C 1 12 ? -2.747  4.501   14.664  1.00 38.56 ? 12 U   C "O5'" 1 
ATOM   910  C  "C5'" . U   C 1 12 ? -2.521  5.656   13.866  1.00 36.22 ? 12 U   C "C5'" 1 
ATOM   911  C  "C4'" . U   C 1 12 ? -1.078  6.086   13.970  1.00 36.66 ? 12 U   C "C4'" 1 
ATOM   912  O  "O4'" . U   C 1 12 ? -0.819  6.631   15.290  1.00 35.44 ? 12 U   C "O4'" 1 
ATOM   913  C  "C3'" . U   C 1 12 ? -0.044  4.980   13.839  1.00 37.04 ? 12 U   C "C3'" 1 
ATOM   914  O  "O3'" . U   C 1 12 ? 0.207   4.644   12.485  1.00 37.90 ? 12 U   C "O3'" 1 
ATOM   915  C  "C2'" . U   C 1 12 ? 1.171   5.625   14.485  1.00 36.57 ? 12 U   C "C2'" 1 
ATOM   916  O  "O2'" . U   C 1 12 ? 1.816   6.544   13.622  1.00 38.69 ? 12 U   C "O2'" 1 
ATOM   917  C  "C1'" . U   C 1 12 ? 0.520   6.350   15.665  1.00 34.86 ? 12 U   C "C1'" 1 
ATOM   918  N  N1    . U   C 1 12 ? 0.496   5.485   16.848  1.00 35.30 ? 12 U   C N1    1 
ATOM   919  C  C2    . U   C 1 12 ? 1.607   5.495   17.657  1.00 37.33 ? 12 U   C C2    1 
ATOM   920  O  O2    . U   C 1 12 ? 2.571   6.196   17.438  1.00 39.22 ? 12 U   C O2    1 
ATOM   921  N  N3    . U   C 1 12 ? 1.554   4.644   18.731  1.00 37.83 ? 12 U   C N3    1 
ATOM   922  C  C4    . U   C 1 12 ? 0.527   3.797   19.060  1.00 35.91 ? 12 U   C C4    1 
ATOM   923  O  O4    . U   C 1 12 ? 0.660   3.045   20.022  1.00 36.55 ? 12 U   C O4    1 
ATOM   924  C  C5    . U   C 1 12 ? -0.599  3.851   18.179  1.00 34.00 ? 12 U   C C5    1 
ATOM   925  C  C6    . U   C 1 12 ? -0.579  4.677   17.132  1.00 33.82 ? 12 U   C C6    1 
ATOM   926  P  P     . C   C 1 13 ? 0.750   3.180   12.119  1.00 38.38 ? 13 C   C P     1 
ATOM   927  O  OP1   . C   C 1 13 ? 0.839   3.118   10.636  1.00 39.74 ? 13 C   C OP1   1 
ATOM   928  O  OP2   . C   C 1 13 ? -0.038  2.159   12.839  1.00 39.10 ? 13 C   C OP2   1 
ATOM   929  O  "O5'" . C   C 1 13 ? 2.220   3.176   12.717  1.00 37.26 ? 13 C   C "O5'" 1 
ATOM   930  C  "C5'" . C   C 1 13 ? 3.233   3.981   12.136  1.00 33.81 ? 13 C   C "C5'" 1 
ATOM   931  C  "C4'" . C   C 1 13 ? 4.541   3.762   12.850  1.00 32.34 ? 13 C   C "C4'" 1 
ATOM   932  O  "O4'" . C   C 1 13 ? 4.441   4.267   14.208  1.00 32.09 ? 13 C   C "O4'" 1 
ATOM   933  C  "C3'" . C   C 1 13 ? 4.968   2.321   13.063  1.00 31.13 ? 13 C   C "C3'" 1 
ATOM   934  O  "O3'" . C   C 1 13 ? 5.551   1.741   11.913  1.00 32.89 ? 13 C   C "O3'" 1 
ATOM   935  C  "C2'" . C   C 1 13 ? 5.996   2.491   14.164  1.00 30.91 ? 13 C   C "C2'" 1 
ATOM   936  O  "O2'" . C   C 1 13 ? 7.182   3.069   13.668  1.00 28.99 ? 13 C   C "O2'" 1 
ATOM   937  C  "C1'" . C   C 1 13 ? 5.283   3.503   15.057  1.00 31.03 ? 13 C   C "C1'" 1 
ATOM   938  N  N1    . C   C 1 13 ? 4.452   2.826   16.067  1.00 31.87 ? 13 C   C N1    1 
ATOM   939  C  C2    . C   C 1 13 ? 5.078   2.344   17.216  1.00 31.74 ? 13 C   C C2    1 
ATOM   940  O  O2    . C   C 1 13 ? 6.300   2.523   17.352  1.00 32.88 ? 13 C   C O2    1 
ATOM   941  N  N3    . C   C 1 13 ? 4.347   1.704   18.147  1.00 31.44 ? 13 C   C N3    1 
ATOM   942  C  C4    . C   C 1 13 ? 3.036   1.545   17.973  1.00 32.09 ? 13 C   C C4    1 
ATOM   943  N  N4    . C   C 1 13 ? 2.357   0.909   18.935  1.00 30.64 ? 13 C   C N4    1 
ATOM   944  C  C5    . C   C 1 13 ? 2.365   2.031   16.811  1.00 30.94 ? 13 C   C C5    1 
ATOM   945  C  C6    . C   C 1 13 ? 3.106   2.660   15.891  1.00 30.68 ? 13 C   C C6    1 
ATOM   946  P  P     . U   C 1 14 ? 5.494   0.147   11.725  1.00 33.21 ? 14 U   C P     1 
ATOM   947  O  OP1   . U   C 1 14 ? 6.032   -0.187  10.379  1.00 33.20 ? 14 U   C OP1   1 
ATOM   948  O  OP2   . U   C 1 14 ? 4.118   -0.271  12.092  1.00 35.05 ? 14 U   C OP2   1 
ATOM   949  O  "O5'" . U   C 1 14 ? 6.500   -0.410  12.825  1.00 32.37 ? 14 U   C "O5'" 1 
ATOM   950  C  "C5'" . U   C 1 14 ? 7.903   -0.286  12.646  1.00 30.05 ? 14 U   C "C5'" 1 
ATOM   951  C  "C4'" . U   C 1 14 ? 8.631   -0.796  13.858  1.00 28.96 ? 14 U   C "C4'" 1 
ATOM   952  O  "O4'" . U   C 1 14 ? 8.134   -0.101  15.036  1.00 31.28 ? 14 U   C "O4'" 1 
ATOM   953  C  "C3'" . U   C 1 14 ? 8.416   -2.254  14.214  1.00 28.15 ? 14 U   C "C3'" 1 
ATOM   954  O  "O3'" . U   C 1 14 ? 9.240   -3.089  13.424  1.00 28.74 ? 14 U   C "O3'" 1 
ATOM   955  C  "C2'" . U   C 1 14 ? 8.839   -2.266  15.678  1.00 27.85 ? 14 U   C "C2'" 1 
ATOM   956  O  "O2'" . U   C 1 14 ? 10.237  -2.171  15.850  1.00 25.56 ? 14 U   C "O2'" 1 
ATOM   957  C  "C1'" . U   C 1 14 ? 8.221   -0.960  16.163  1.00 28.03 ? 14 U   C "C1'" 1 
ATOM   958  N  N1    . U   C 1 14 ? 6.869   -1.185  16.671  1.00 29.46 ? 14 U   C N1    1 
ATOM   959  C  C2    . U   C 1 14 ? 6.760   -1.757  17.915  1.00 29.35 ? 14 U   C C2    1 
ATOM   960  O  O2    . U   C 1 14 ? 7.732   -2.092  18.566  1.00 28.58 ? 14 U   C O2    1 
ATOM   961  N  N3    . U   C 1 14 ? 5.476   -1.932  18.363  1.00 29.21 ? 14 U   C N3    1 
ATOM   962  C  C4    . U   C 1 14 ? 4.320   -1.609  17.692  1.00 31.13 ? 14 U   C C4    1 
ATOM   963  O  O4    . U   C 1 14 ? 3.234   -1.822  18.228  1.00 34.30 ? 14 U   C O4    1 
ATOM   964  C  C5    . U   C 1 14 ? 4.519   -1.035  16.394  1.00 30.54 ? 14 U   C C5    1 
ATOM   965  C  C6    . U   C 1 14 ? 5.759   -0.844  15.940  1.00 28.98 ? 14 U   C C6    1 
ATOM   966  P  P     . G   C 1 15 ? 8.836   -4.628  13.208  1.00 28.96 ? 15 G   C P     1 
ATOM   967  O  OP1   . G   C 1 15 ? 9.724   -5.174  12.165  1.00 29.76 ? 15 G   C OP1   1 
ATOM   968  O  OP2   . G   C 1 15 ? 7.365   -4.712  13.037  1.00 30.65 ? 15 G   C OP2   1 
ATOM   969  O  "O5'" . G   C 1 15 ? 9.227   -5.314  14.590  1.00 30.46 ? 15 G   C "O5'" 1 
ATOM   970  C  "C5'" . G   C 1 15 ? 10.569  -5.287  15.051  1.00 31.05 ? 15 G   C "C5'" 1 
ATOM   971  C  "C4'" . G   C 1 15 ? 10.662  -5.915  16.420  1.00 33.39 ? 15 G   C "C4'" 1 
ATOM   972  O  "O4'" . G   C 1 15 ? 10.023  -5.075  17.416  1.00 33.31 ? 15 G   C "O4'" 1 
ATOM   973  C  "C3'" . G   C 1 15 ? 9.945   -7.244  16.546  1.00 32.67 ? 15 G   C "C3'" 1 
ATOM   974  O  "O3'" . G   C 1 15 ? 10.774  -8.271  16.062  1.00 31.46 ? 15 G   C "O3'" 1 
ATOM   975  C  "C2'" . G   C 1 15 ? 9.727   -7.330  18.046  1.00 32.28 ? 15 G   C "C2'" 1 
ATOM   976  O  "O2'" . G   C 1 15 ? 10.900  -7.649  18.757  1.00 32.56 ? 15 G   C "O2'" 1 
ATOM   977  C  "C1'" . G   C 1 15 ? 9.338   -5.890  18.351  1.00 33.07 ? 15 G   C "C1'" 1 
ATOM   978  N  N9    . G   C 1 15 ? 7.906   -5.678  18.171  1.00 35.30 ? 15 G   C N9    1 
ATOM   979  C  C8    . G   C 1 15 ? 7.266   -5.137  17.080  1.00 34.61 ? 15 G   C C8    1 
ATOM   980  N  N7    . G   C 1 15 ? 5.970   -5.063  17.235  1.00 35.61 ? 15 G   C N7    1 
ATOM   981  C  C5    . G   C 1 15 ? 5.743   -5.589  18.505  1.00 33.95 ? 15 G   C C5    1 
ATOM   982  C  C6    . G   C 1 15 ? 4.536   -5.757  19.232  1.00 34.75 ? 15 G   C C6    1 
ATOM   983  O  O6    . G   C 1 15 ? 3.380   -5.440  18.897  1.00 33.20 ? 15 G   C O6    1 
ATOM   984  N  N1    . G   C 1 15 ? 4.765   -6.348  20.475  1.00 34.68 ? 15 G   C N1    1 
ATOM   985  C  C2    . G   C 1 15 ? 5.998   -6.711  20.963  1.00 36.07 ? 15 G   C C2    1 
ATOM   986  N  N2    . G   C 1 15 ? 6.028   -7.261  22.191  1.00 34.75 ? 15 G   C N2    1 
ATOM   987  N  N3    . G   C 1 15 ? 7.127   -6.546  20.297  1.00 36.10 ? 15 G   C N3    1 
ATOM   988  C  C4    . G   C 1 15 ? 6.926   -5.984  19.088  1.00 34.44 ? 15 G   C C4    1 
ATOM   989  P  P     . C   C 1 16 ? 10.123  -9.615  15.509  1.00 31.24 ? 16 C   C P     1 
ATOM   990  O  OP1   . C   C 1 16 ? 11.283  -10.501 15.230  1.00 32.76 ? 16 C   C OP1   1 
ATOM   991  O  OP2   . C   C 1 16 ? 9.147   -9.316  14.428  1.00 29.76 ? 16 C   C OP2   1 
ATOM   992  O  "O5'" . C   C 1 16 ? 9.359   -10.198 16.781  1.00 31.89 ? 16 C   C "O5'" 1 
ATOM   993  C  "C5'" . C   C 1 16 ? 10.096  -10.735 17.878  1.00 28.21 ? 16 C   C "C5'" 1 
ATOM   994  C  "C4'" . C   C 1 16 ? 9.161   -11.215 18.962  1.00 28.20 ? 16 C   C "C4'" 1 
ATOM   995  O  "O4'" . C   C 1 16 ? 8.358   -10.099 19.435  1.00 26.26 ? 16 C   C "O4'" 1 
ATOM   996  C  "C3'" . C   C 1 16 ? 8.131   -12.251 18.543  1.00 27.71 ? 16 C   C "C3'" 1 
ATOM   997  O  "O3'" . C   C 1 16 ? 8.624   -13.592 18.382  1.00 29.52 ? 16 C   C "O3'" 1 
ATOM   998  C  "C2'" . C   C 1 16 ? 7.076   -12.100 19.628  1.00 26.27 ? 16 C   C "C2'" 1 
ATOM   999  O  "O2'" . C   C 1 16 ? 7.419   -12.769 20.818  1.00 23.99 ? 16 C   C "O2'" 1 
ATOM   1000 C  "C1'" . C   C 1 16 ? 7.094   -10.583 19.855  1.00 27.17 ? 16 C   C "C1'" 1 
ATOM   1001 N  N1    . C   C 1 16 ? 6.050   -9.894  19.077  1.00 26.58 ? 16 C   C N1    1 
ATOM   1002 C  C2    . C   C 1 16 ? 4.748   -9.856  19.595  1.00 24.42 ? 16 C   C C2    1 
ATOM   1003 O  O2    . C   C 1 16 ? 4.521   -10.402 20.680  1.00 27.24 ? 16 C   C O2    1 
ATOM   1004 N  N3    . C   C 1 16 ? 3.777   -9.233  18.900  1.00 23.46 ? 16 C   C N3    1 
ATOM   1005 C  C4    . C   C 1 16 ? 4.059   -8.674  17.724  1.00 25.77 ? 16 C   C C4    1 
ATOM   1006 N  N4    . C   C 1 16 ? 3.062   -8.072  17.064  1.00 25.59 ? 16 C   C N4    1 
ATOM   1007 C  C5    . C   C 1 16 ? 5.379   -8.703  17.168  1.00 24.16 ? 16 C   C C5    1 
ATOM   1008 C  C6    . C   C 1 16 ? 6.334   -9.312  17.874  1.00 23.78 ? 16 C   C C6    1 
HETATM 1009 CA CA    . CA  D 2 .  ? 2.464   7.917   29.356  0.5  76.40 ? 17 CA  C CA    1 
HETATM 1010 O  O     . HOH E 3 .  ? -12.362 -12.448 -21.029 1.00 27.27 ? 17 HOH B O     1 
HETATM 1011 O  O     . HOH E 3 .  ? -4.890  -5.512  -12.394 1.00 38.91 ? 18 HOH B O     1 
HETATM 1012 O  O     . HOH E 3 .  ? -9.376  9.469   -7.573  1.00 37.85 ? 19 HOH B O     1 
HETATM 1013 O  O     . HOH E 3 .  ? 6.654   6.424   -7.519  1.00 31.53 ? 20 HOH B O     1 
HETATM 1014 O  O     . HOH E 3 .  ? 9.713   10.168  -12.849 1.00 20.59 ? 21 HOH B O     1 
HETATM 1015 O  O     . HOH E 3 .  ? -2.403  14.153  -4.962  1.00 32.73 ? 22 HOH B O     1 
HETATM 1016 O  O     . HOH E 3 .  ? -0.989  -4.905  -15.243 1.00 40.31 ? 23 HOH B O     1 
HETATM 1017 O  O     . HOH E 3 .  ? -2.330  -4.641  -18.187 1.00 34.34 ? 24 HOH B O     1 
HETATM 1018 O  O     . HOH E 3 .  ? 4.700   1.921   -8.151  1.00 37.67 ? 25 HOH B O     1 
HETATM 1019 O  O     . HOH E 3 .  ? 1.373   10.179  -2.531  1.00 34.85 ? 26 HOH B O     1 
HETATM 1020 O  O     . HOH F 3 .  ? -8.445  -20.013 -33.694 1.00 17.42 ? 17 HOH A O     1 
HETATM 1021 O  O     . HOH F 3 .  ? 4.940   -5.142  -22.089 1.00 32.11 ? 18 HOH A O     1 
HETATM 1022 O  O     . HOH F 3 .  ? -3.039  -23.667 -12.342 1.00 35.84 ? 19 HOH A O     1 
HETATM 1023 O  O     . HOH F 3 .  ? 0.609   -1.439  -15.012 1.00 38.82 ? 20 HOH A O     1 
HETATM 1024 O  O     . HOH F 3 .  ? -10.506 -24.671 -19.206 1.00 33.98 ? 21 HOH A O     1 
HETATM 1025 O  O     . HOH F 3 .  ? -0.310  -0.108  -22.965 1.00 31.51 ? 22 HOH A O     1 
HETATM 1026 O  O     . HOH F 3 .  ? 2.078   -12.293 -20.066 1.00 26.26 ? 23 HOH A O     1 
HETATM 1027 O  O     . HOH F 3 .  ? -2.815  1.417   -6.617  1.00 50.45 ? 24 HOH A O     1 
HETATM 1028 O  O     . HOH F 3 .  ? 2.347   -13.817 -9.817  1.00 45.61 ? 25 HOH A O     1 
HETATM 1029 O  O     . HOH G 3 .  ? 3.932   10.660  29.996  1.00 31.91 ? 18 HOH C O     1 
HETATM 1030 O  O     . HOH G 3 .  ? 5.084   -12.949 22.625  1.00 26.86 ? 19 HOH C O     1 
HETATM 1031 O  O     . HOH G 3 .  ? -0.863  -0.019  25.212  1.00 41.00 ? 20 HOH C O     1 
HETATM 1032 O  O     . HOH G 3 .  ? 7.028   12.678  29.535  1.00 30.96 ? 21 HOH C O     1 
HETATM 1033 O  O     . HOH G 3 .  ? 10.059  -2.044  20.543  1.00 17.62 ? 22 HOH C O     1 
HETATM 1034 O  O     . HOH G 3 .  ? 8.715   3.723   16.120  1.00 32.67 ? 23 HOH C O     1 
HETATM 1035 O  O     . HOH G 3 .  ? -2.069  -1.357  14.946  1.00 34.01 ? 24 HOH C O     1 
HETATM 1036 O  O     . HOH G 3 .  ? -0.239  0.341   17.961  1.00 31.72 ? 25 HOH C O     1 
HETATM 1037 O  O     . HOH G 3 .  ? 0.195   28.194  32.906  1.00 22.76 ? 26 HOH C O     1 
HETATM 1038 O  O     . HOH G 3 .  ? -3.422  20.118  28.766  1.00 41.38 ? 27 HOH C O     1 
HETATM 1039 O  O     . HOH G 3 .  ? -1.386  1.626   15.359  1.00 29.01 ? 28 HOH C O     1 
HETATM 1040 O  O     . HOH G 3 .  ? -2.179  -1.931  24.301  1.00 28.27 ? 29 HOH C O     1 
HETATM 1041 O  O     . HOH G 3 .  ? -0.327  18.500  34.776  1.00 40.23 ? 30 HOH C O     1 
HETATM 1042 O  O     . HOH G 3 .  ? 2.928   -7.021  14.375  1.00 45.24 ? 31 HOH C O     1 
HETATM 1043 O  O     . HOH G 3 .  ? 1.300   -4.277  16.515  1.00 37.11 ? 32 HOH C O     1 
# 
loop_
_pdbx_poly_seq_scheme.asym_id 
_pdbx_poly_seq_scheme.entity_id 
_pdbx_poly_seq_scheme.seq_id 
_pdbx_poly_seq_scheme.mon_id 
_pdbx_poly_seq_scheme.ndb_seq_num 
_pdbx_poly_seq_scheme.pdb_seq_num 
_pdbx_poly_seq_scheme.auth_seq_num 
_pdbx_poly_seq_scheme.pdb_mon_id 
_pdbx_poly_seq_scheme.auth_mon_id 
_pdbx_poly_seq_scheme.pdb_strand_id 
_pdbx_poly_seq_scheme.pdb_ins_code 
_pdbx_poly_seq_scheme.hetero 
A 1 1  G   1  1  1  G   G   B . n 
A 1 2  C   2  2  2  C   C   B . n 
A 1 3  A   3  3  3  A   A   B . n 
A 1 4  G   4  4  4  G   G   B . n 
A 1 5  A   5  5  5  A   A   B . n 
A 1 6  A5M 6  6  6  A5M A5M B . n 
A 1 7  U   7  7  7  U   U   B . n 
A 1 8  U   8  8  8  U   U   B . n 
A 1 9  A   9  9  9  A   A   B . n 
A 1 10 A   10 10 10 A   A   B . n 
A 1 11 A   11 11 11 A   A   B . n 
A 1 12 U   12 12 12 U   U   B . n 
A 1 13 C   13 13 13 C   C   B . n 
A 1 14 U   14 14 14 U   U   B . n 
A 1 15 G   15 15 15 G   G   B . n 
A 1 16 C   16 16 16 C   C   B . n 
B 1 1  G   1  1  1  G   G   A . n 
B 1 2  C   2  2  2  C   C   A . n 
B 1 3  A   3  3  3  A   A   A . n 
B 1 4  G   4  4  4  G   G   A . n 
B 1 5  A   5  5  5  A   A   A . n 
B 1 6  A5M 6  6  6  A5M A5M A . n 
B 1 7  U   7  7  7  U   U   A . n 
B 1 8  U   8  8  8  U   U   A . n 
B 1 9  A   9  9  9  A   A   A . n 
B 1 10 A   10 10 10 A   A   A . n 
B 1 11 A   11 11 11 A   A   A . n 
B 1 12 U   12 12 12 U   U   A . n 
B 1 13 C   13 13 13 C   C   A . n 
B 1 14 U   14 14 14 U   U   A . n 
B 1 15 G   15 15 15 G   G   A . n 
B 1 16 C   16 16 16 C   C   A . n 
C 1 1  G   1  1  1  G   G   C . n 
C 1 2  C   2  2  2  C   C   C . n 
C 1 3  A   3  3  3  A   A   C . n 
C 1 4  G   4  4  4  G   G   C . n 
C 1 5  A   5  5  5  A   A   C . n 
C 1 6  A5M 6  6  6  A5M A5M C . n 
C 1 7  U   7  7  7  U   U   C . n 
C 1 8  U   8  8  8  U   U   C . n 
C 1 9  A   9  9  9  A   A   C . n 
C 1 10 A   10 10 10 A   A   C . n 
C 1 11 A   11 11 11 A   A   C . n 
C 1 12 U   12 12 12 U   U   C . n 
C 1 13 C   13 13 13 C   C   C . n 
C 1 14 U   14 14 14 U   U   C . n 
C 1 15 G   15 15 15 G   G   C . n 
C 1 16 C   16 16 16 C   C   C . n 
# 
loop_
_pdbx_nonpoly_scheme.asym_id 
_pdbx_nonpoly_scheme.entity_id 
_pdbx_nonpoly_scheme.mon_id 
_pdbx_nonpoly_scheme.ndb_seq_num 
_pdbx_nonpoly_scheme.pdb_seq_num 
_pdbx_nonpoly_scheme.auth_seq_num 
_pdbx_nonpoly_scheme.pdb_mon_id 
_pdbx_nonpoly_scheme.auth_mon_id 
_pdbx_nonpoly_scheme.pdb_strand_id 
_pdbx_nonpoly_scheme.pdb_ins_code 
D 2 CA  1  17 1  CA  CA  C . 
E 3 HOH 1  17 5  HOH HOH B . 
E 3 HOH 2  18 7  HOH HOH B . 
E 3 HOH 3  19 10 HOH HOH B . 
E 3 HOH 4  20 14 HOH HOH B . 
E 3 HOH 5  21 16 HOH HOH B . 
E 3 HOH 6  22 24 HOH HOH B . 
E 3 HOH 7  23 27 HOH HOH B . 
E 3 HOH 8  24 31 HOH HOH B . 
E 3 HOH 9  25 34 HOH HOH B . 
E 3 HOH 10 26 35 HOH HOH B . 
F 3 HOH 1  17 3  HOH HOH A . 
F 3 HOH 2  18 9  HOH HOH A . 
F 3 HOH 3  19 11 HOH HOH A . 
F 3 HOH 4  20 13 HOH HOH A . 
F 3 HOH 5  21 21 HOH HOH A . 
F 3 HOH 6  22 22 HOH HOH A . 
F 3 HOH 7  23 25 HOH HOH A . 
F 3 HOH 8  24 28 HOH HOH A . 
F 3 HOH 9  25 32 HOH HOH A . 
G 3 HOH 1  18 2  HOH HOH C . 
G 3 HOH 2  19 4  HOH HOH C . 
G 3 HOH 3  20 6  HOH HOH C . 
G 3 HOH 4  21 8  HOH HOH C . 
G 3 HOH 5  22 12 HOH HOH C . 
G 3 HOH 6  23 15 HOH HOH C . 
G 3 HOH 7  24 17 HOH HOH C . 
G 3 HOH 8  25 18 HOH HOH C . 
G 3 HOH 9  26 19 HOH HOH C . 
G 3 HOH 10 27 20 HOH HOH C . 
G 3 HOH 11 28 23 HOH HOH C . 
G 3 HOH 12 29 26 HOH HOH C . 
G 3 HOH 13 30 29 HOH HOH C . 
G 3 HOH 14 31 30 HOH HOH C . 
G 3 HOH 15 32 33 HOH HOH C . 
# 
loop_
_pdbx_struct_mod_residue.id 
_pdbx_struct_mod_residue.label_asym_id 
_pdbx_struct_mod_residue.label_comp_id 
_pdbx_struct_mod_residue.label_seq_id 
_pdbx_struct_mod_residue.auth_asym_id 
_pdbx_struct_mod_residue.auth_comp_id 
_pdbx_struct_mod_residue.auth_seq_id 
_pdbx_struct_mod_residue.PDB_ins_code 
_pdbx_struct_mod_residue.parent_comp_id 
_pdbx_struct_mod_residue.details 
1 A A5M 6 B A5M 6 ? C "2'-AMINE-CYTIDINE-5'-MONOPHOSPHATE" 
2 B A5M 6 A A5M 6 ? C "2'-AMINE-CYTIDINE-5'-MONOPHOSPHATE" 
3 C A5M 6 C A5M 6 ? C "2'-AMINE-CYTIDINE-5'-MONOPHOSPHATE" 
# 
loop_
_pdbx_struct_assembly.id 
_pdbx_struct_assembly.details 
_pdbx_struct_assembly.method_details 
_pdbx_struct_assembly.oligomeric_details 
_pdbx_struct_assembly.oligomeric_count 
1 author_defined_assembly ? dimeric 2 
2 author_defined_assembly ? dimeric 2 
# 
loop_
_pdbx_struct_assembly_gen.assembly_id 
_pdbx_struct_assembly_gen.oper_expression 
_pdbx_struct_assembly_gen.asym_id_list 
1 1   A,B,E,F 
2 1,2 C,D,G   
# 
loop_
_pdbx_struct_oper_list.id 
_pdbx_struct_oper_list.type 
_pdbx_struct_oper_list.name 
_pdbx_struct_oper_list.symmetry_operation 
_pdbx_struct_oper_list.matrix[1][1] 
_pdbx_struct_oper_list.matrix[1][2] 
_pdbx_struct_oper_list.matrix[1][3] 
_pdbx_struct_oper_list.vector[1] 
_pdbx_struct_oper_list.matrix[2][1] 
_pdbx_struct_oper_list.matrix[2][2] 
_pdbx_struct_oper_list.matrix[2][3] 
_pdbx_struct_oper_list.vector[2] 
_pdbx_struct_oper_list.matrix[3][1] 
_pdbx_struct_oper_list.matrix[3][2] 
_pdbx_struct_oper_list.matrix[3][3] 
_pdbx_struct_oper_list.vector[3] 
1 'identity operation'         1_555 x,y,z              1.0000000000 0.0000000000  0.0000000000 0.0000000000  0.0000000000  1.0000000000  0.0000000000  0.0000000000  0.0000000000 0.0000000000  1.0000000000  0.0000000000  
2 'crystal symmetry operation' 6_765 -x+2,-x+y+1,-z+1/3 0.9500489163 -0.0998126979 0.2957101318 -7.7665150566 -0.0998126979 -0.9948911155 -0.0151358388 16.4867436825 0.2957101318 -0.0151358388 -0.9551578008 56.7808432276 
# 
_pdbx_struct_special_symmetry.id              1 
_pdbx_struct_special_symmetry.PDB_model_num   1 
_pdbx_struct_special_symmetry.auth_asym_id    C 
_pdbx_struct_special_symmetry.auth_comp_id    CA 
_pdbx_struct_special_symmetry.auth_seq_id     17 
_pdbx_struct_special_symmetry.PDB_ins_code    ? 
_pdbx_struct_special_symmetry.label_asym_id   D 
_pdbx_struct_special_symmetry.label_comp_id   CA 
_pdbx_struct_special_symmetry.label_seq_id    . 
# 
_pdbx_struct_conn_angle.id                    1 
_pdbx_struct_conn_angle.ptnr1_label_atom_id   O 
_pdbx_struct_conn_angle.ptnr1_label_alt_id    ? 
_pdbx_struct_conn_angle.ptnr1_label_asym_id   G 
_pdbx_struct_conn_angle.ptnr1_label_comp_id   HOH 
_pdbx_struct_conn_angle.ptnr1_label_seq_id    . 
_pdbx_struct_conn_angle.ptnr1_auth_atom_id    ? 
_pdbx_struct_conn_angle.ptnr1_auth_asym_id    C 
_pdbx_struct_conn_angle.ptnr1_auth_comp_id    HOH 
_pdbx_struct_conn_angle.ptnr1_auth_seq_id     18 
_pdbx_struct_conn_angle.ptnr1_PDB_ins_code    ? 
_pdbx_struct_conn_angle.ptnr1_symmetry        1_555 
_pdbx_struct_conn_angle.ptnr2_label_atom_id   CA 
_pdbx_struct_conn_angle.ptnr2_label_alt_id    ? 
_pdbx_struct_conn_angle.ptnr2_label_asym_id   D 
_pdbx_struct_conn_angle.ptnr2_label_comp_id   CA 
_pdbx_struct_conn_angle.ptnr2_label_seq_id    . 
_pdbx_struct_conn_angle.ptnr2_auth_atom_id    ? 
_pdbx_struct_conn_angle.ptnr2_auth_asym_id    C 
_pdbx_struct_conn_angle.ptnr2_auth_comp_id    CA 
_pdbx_struct_conn_angle.ptnr2_auth_seq_id     17 
_pdbx_struct_conn_angle.ptnr2_PDB_ins_code    ? 
_pdbx_struct_conn_angle.ptnr2_symmetry        1_555 
_pdbx_struct_conn_angle.ptnr3_label_atom_id   O 
_pdbx_struct_conn_angle.ptnr3_label_alt_id    ? 
_pdbx_struct_conn_angle.ptnr3_label_asym_id   G 
_pdbx_struct_conn_angle.ptnr3_label_comp_id   HOH 
_pdbx_struct_conn_angle.ptnr3_label_seq_id    . 
_pdbx_struct_conn_angle.ptnr3_auth_atom_id    ? 
_pdbx_struct_conn_angle.ptnr3_auth_asym_id    C 
_pdbx_struct_conn_angle.ptnr3_auth_comp_id    HOH 
_pdbx_struct_conn_angle.ptnr3_auth_seq_id     18 
_pdbx_struct_conn_angle.ptnr3_PDB_ins_code    ? 
_pdbx_struct_conn_angle.ptnr3_symmetry        6_765 
_pdbx_struct_conn_angle.value                 127.4 
_pdbx_struct_conn_angle.value_esd             ? 
# 
loop_
_pdbx_audit_revision_history.ordinal 
_pdbx_audit_revision_history.data_content_type 
_pdbx_audit_revision_history.major_revision 
_pdbx_audit_revision_history.minor_revision 
_pdbx_audit_revision_history.revision_date 
1 'Structure model' 1 0 2005-10-18 
2 'Structure model' 1 1 2008-04-30 
3 'Structure model' 1 2 2011-07-13 
4 'Structure model' 1 3 2011-11-16 
5 'Structure model' 1 4 2023-08-23 
# 
_pdbx_audit_revision_details.ordinal             1 
_pdbx_audit_revision_details.revision_ordinal    1 
_pdbx_audit_revision_details.data_content_type   'Structure model' 
_pdbx_audit_revision_details.provider            repository 
_pdbx_audit_revision_details.type                'Initial release' 
_pdbx_audit_revision_details.description         ? 
_pdbx_audit_revision_details.details             ? 
# 
loop_
_pdbx_audit_revision_group.ordinal 
_pdbx_audit_revision_group.revision_ordinal 
_pdbx_audit_revision_group.data_content_type 
_pdbx_audit_revision_group.group 
1 2 'Structure model' 'Version format compliance' 
2 3 'Structure model' 'Version format compliance' 
3 4 'Structure model' 'Atomic model'              
4 5 'Structure model' 'Data collection'           
5 5 'Structure model' 'Database references'       
6 5 'Structure model' 'Derived calculations'      
7 5 'Structure model' 'Refinement description'    
# 
loop_
_pdbx_audit_revision_category.ordinal 
_pdbx_audit_revision_category.revision_ordinal 
_pdbx_audit_revision_category.data_content_type 
_pdbx_audit_revision_category.category 
1 5 'Structure model' chem_comp_atom                
2 5 'Structure model' chem_comp_bond                
3 5 'Structure model' database_2                    
4 5 'Structure model' pdbx_initial_refinement_model 
5 5 'Structure model' struct_conn                   
# 
loop_
_pdbx_audit_revision_item.ordinal 
_pdbx_audit_revision_item.revision_ordinal 
_pdbx_audit_revision_item.data_content_type 
_pdbx_audit_revision_item.item 
1 5 'Structure model' '_database_2.pdbx_DOI'                
2 5 'Structure model' '_database_2.pdbx_database_accession' 
3 5 'Structure model' '_struct_conn.pdbx_dist_value'        
4 5 'Structure model' '_struct_conn.pdbx_leaving_atom_flag' 
5 5 'Structure model' '_struct_conn.ptnr1_auth_asym_id'     
6 5 'Structure model' '_struct_conn.ptnr1_label_asym_id'    
7 5 'Structure model' '_struct_conn.ptnr2_auth_asym_id'     
8 5 'Structure model' '_struct_conn.ptnr2_label_asym_id'    
# 
loop_
_software.name 
_software.classification 
_software.version 
_software.citation_id 
_software.pdbx_ordinal 
CNS          refinement       1.1            ? 1 
CrystalClear 'data reduction' '(MSC/RIGAKU)' ? 2 
SCALEPACK    'data scaling'   .              ? 3 
CNS          phasing          .              ? 4 
# 
loop_
_chem_comp_atom.comp_id 
_chem_comp_atom.atom_id 
_chem_comp_atom.type_symbol 
_chem_comp_atom.pdbx_aromatic_flag 
_chem_comp_atom.pdbx_stereo_config 
_chem_comp_atom.pdbx_ordinal 
A   OP3    O  N N 1   
A   P      P  N N 2   
A   OP1    O  N N 3   
A   OP2    O  N N 4   
A   "O5'"  O  N N 5   
A   "C5'"  C  N N 6   
A   "C4'"  C  N R 7   
A   "O4'"  O  N N 8   
A   "C3'"  C  N S 9   
A   "O3'"  O  N N 10  
A   "C2'"  C  N R 11  
A   "O2'"  O  N N 12  
A   "C1'"  C  N R 13  
A   N9     N  Y N 14  
A   C8     C  Y N 15  
A   N7     N  Y N 16  
A   C5     C  Y N 17  
A   C6     C  Y N 18  
A   N6     N  N N 19  
A   N1     N  Y N 20  
A   C2     C  Y N 21  
A   N3     N  Y N 22  
A   C4     C  Y N 23  
A   HOP3   H  N N 24  
A   HOP2   H  N N 25  
A   "H5'"  H  N N 26  
A   "H5''" H  N N 27  
A   "H4'"  H  N N 28  
A   "H3'"  H  N N 29  
A   "HO3'" H  N N 30  
A   "H2'"  H  N N 31  
A   "HO2'" H  N N 32  
A   "H1'"  H  N N 33  
A   H8     H  N N 34  
A   H61    H  N N 35  
A   H62    H  N N 36  
A   H2     H  N N 37  
A5M P      P  N N 38  
A5M OP1    O  N N 39  
A5M OP2    O  N N 40  
A5M "O5'"  O  N N 41  
A5M "C5'"  C  N N 42  
A5M "C4'"  C  N R 43  
A5M "O4'"  O  N N 44  
A5M "C1'"  C  N R 45  
A5M N1     N  N N 46  
A5M C6     C  N N 47  
A5M C2     C  N N 48  
A5M O2     O  N N 49  
A5M N3     N  N N 50  
A5M C4     C  N N 51  
A5M N4     N  N N 52  
A5M C5     C  N N 53  
A5M "C2'"  C  N R 54  
A5M "N2'"  N  N N 55  
A5M "C3'"  C  N S 56  
A5M "O3'"  O  N N 57  
A5M OP3    O  N N 58  
A5M HOP2   H  N N 59  
A5M "H5'"  H  N N 60  
A5M "H5''" H  N N 61  
A5M "H4'"  H  N N 62  
A5M "H1'"  H  N N 63  
A5M H6     H  N N 64  
A5M H41    H  N N 65  
A5M H42    H  N N 66  
A5M H5     H  N N 67  
A5M "H2'"  H  N N 68  
A5M "H'1N" H  N N 69  
A5M "H'2N" H  N N 70  
A5M "H3'"  H  N N 71  
A5M "HO3'" H  N N 72  
A5M HOP3   H  N N 73  
C   OP3    O  N N 74  
C   P      P  N N 75  
C   OP1    O  N N 76  
C   OP2    O  N N 77  
C   "O5'"  O  N N 78  
C   "C5'"  C  N N 79  
C   "C4'"  C  N R 80  
C   "O4'"  O  N N 81  
C   "C3'"  C  N S 82  
C   "O3'"  O  N N 83  
C   "C2'"  C  N R 84  
C   "O2'"  O  N N 85  
C   "C1'"  C  N R 86  
C   N1     N  N N 87  
C   C2     C  N N 88  
C   O2     O  N N 89  
C   N3     N  N N 90  
C   C4     C  N N 91  
C   N4     N  N N 92  
C   C5     C  N N 93  
C   C6     C  N N 94  
C   HOP3   H  N N 95  
C   HOP2   H  N N 96  
C   "H5'"  H  N N 97  
C   "H5''" H  N N 98  
C   "H4'"  H  N N 99  
C   "H3'"  H  N N 100 
C   "HO3'" H  N N 101 
C   "H2'"  H  N N 102 
C   "HO2'" H  N N 103 
C   "H1'"  H  N N 104 
C   H41    H  N N 105 
C   H42    H  N N 106 
C   H5     H  N N 107 
C   H6     H  N N 108 
CA  CA     CA N N 109 
G   OP3    O  N N 110 
G   P      P  N N 111 
G   OP1    O  N N 112 
G   OP2    O  N N 113 
G   "O5'"  O  N N 114 
G   "C5'"  C  N N 115 
G   "C4'"  C  N R 116 
G   "O4'"  O  N N 117 
G   "C3'"  C  N S 118 
G   "O3'"  O  N N 119 
G   "C2'"  C  N R 120 
G   "O2'"  O  N N 121 
G   "C1'"  C  N R 122 
G   N9     N  Y N 123 
G   C8     C  Y N 124 
G   N7     N  Y N 125 
G   C5     C  Y N 126 
G   C6     C  N N 127 
G   O6     O  N N 128 
G   N1     N  N N 129 
G   C2     C  N N 130 
G   N2     N  N N 131 
G   N3     N  N N 132 
G   C4     C  Y N 133 
G   HOP3   H  N N 134 
G   HOP2   H  N N 135 
G   "H5'"  H  N N 136 
G   "H5''" H  N N 137 
G   "H4'"  H  N N 138 
G   "H3'"  H  N N 139 
G   "HO3'" H  N N 140 
G   "H2'"  H  N N 141 
G   "HO2'" H  N N 142 
G   "H1'"  H  N N 143 
G   H8     H  N N 144 
G   H1     H  N N 145 
G   H21    H  N N 146 
G   H22    H  N N 147 
HOH O      O  N N 148 
HOH H1     H  N N 149 
HOH H2     H  N N 150 
U   OP3    O  N N 151 
U   P      P  N N 152 
U   OP1    O  N N 153 
U   OP2    O  N N 154 
U   "O5'"  O  N N 155 
U   "C5'"  C  N N 156 
U   "C4'"  C  N R 157 
U   "O4'"  O  N N 158 
U   "C3'"  C  N S 159 
U   "O3'"  O  N N 160 
U   "C2'"  C  N R 161 
U   "O2'"  O  N N 162 
U   "C1'"  C  N R 163 
U   N1     N  N N 164 
U   C2     C  N N 165 
U   O2     O  N N 166 
U   N3     N  N N 167 
U   C4     C  N N 168 
U   O4     O  N N 169 
U   C5     C  N N 170 
U   C6     C  N N 171 
U   HOP3   H  N N 172 
U   HOP2   H  N N 173 
U   "H5'"  H  N N 174 
U   "H5''" H  N N 175 
U   "H4'"  H  N N 176 
U   "H3'"  H  N N 177 
U   "HO3'" H  N N 178 
U   "H2'"  H  N N 179 
U   "HO2'" H  N N 180 
U   "H1'"  H  N N 181 
U   H3     H  N N 182 
U   H5     H  N N 183 
U   H6     H  N N 184 
# 
loop_
_chem_comp_bond.comp_id 
_chem_comp_bond.atom_id_1 
_chem_comp_bond.atom_id_2 
_chem_comp_bond.value_order 
_chem_comp_bond.pdbx_aromatic_flag 
_chem_comp_bond.pdbx_stereo_config 
_chem_comp_bond.pdbx_ordinal 
A   OP3   P      sing N N 1   
A   OP3   HOP3   sing N N 2   
A   P     OP1    doub N N 3   
A   P     OP2    sing N N 4   
A   P     "O5'"  sing N N 5   
A   OP2   HOP2   sing N N 6   
A   "O5'" "C5'"  sing N N 7   
A   "C5'" "C4'"  sing N N 8   
A   "C5'" "H5'"  sing N N 9   
A   "C5'" "H5''" sing N N 10  
A   "C4'" "O4'"  sing N N 11  
A   "C4'" "C3'"  sing N N 12  
A   "C4'" "H4'"  sing N N 13  
A   "O4'" "C1'"  sing N N 14  
A   "C3'" "O3'"  sing N N 15  
A   "C3'" "C2'"  sing N N 16  
A   "C3'" "H3'"  sing N N 17  
A   "O3'" "HO3'" sing N N 18  
A   "C2'" "O2'"  sing N N 19  
A   "C2'" "C1'"  sing N N 20  
A   "C2'" "H2'"  sing N N 21  
A   "O2'" "HO2'" sing N N 22  
A   "C1'" N9     sing N N 23  
A   "C1'" "H1'"  sing N N 24  
A   N9    C8     sing Y N 25  
A   N9    C4     sing Y N 26  
A   C8    N7     doub Y N 27  
A   C8    H8     sing N N 28  
A   N7    C5     sing Y N 29  
A   C5    C6     sing Y N 30  
A   C5    C4     doub Y N 31  
A   C6    N6     sing N N 32  
A   C6    N1     doub Y N 33  
A   N6    H61    sing N N 34  
A   N6    H62    sing N N 35  
A   N1    C2     sing Y N 36  
A   C2    N3     doub Y N 37  
A   C2    H2     sing N N 38  
A   N3    C4     sing Y N 39  
A5M P     OP1    doub N N 40  
A5M P     OP2    sing N N 41  
A5M P     "O5'"  sing N N 42  
A5M P     OP3    sing N N 43  
A5M OP2   HOP2   sing N N 44  
A5M "O5'" "C5'"  sing N N 45  
A5M "C5'" "C4'"  sing N N 46  
A5M "C5'" "H5'"  sing N N 47  
A5M "C5'" "H5''" sing N N 48  
A5M "C4'" "O4'"  sing N N 49  
A5M "C4'" "C3'"  sing N N 50  
A5M "C4'" "H4'"  sing N N 51  
A5M "O4'" "C1'"  sing N N 52  
A5M "C1'" N1     sing N N 53  
A5M "C1'" "C2'"  sing N N 54  
A5M "C1'" "H1'"  sing N N 55  
A5M N1    C6     sing N N 56  
A5M N1    C2     sing N N 57  
A5M C6    C5     doub N N 58  
A5M C6    H6     sing N N 59  
A5M C2    O2     doub N N 60  
A5M C2    N3     sing N N 61  
A5M N3    C4     doub N N 62  
A5M C4    N4     sing N N 63  
A5M C4    C5     sing N N 64  
A5M N4    H41    sing N N 65  
A5M N4    H42    sing N N 66  
A5M C5    H5     sing N N 67  
A5M "C2'" "N2'"  sing N N 68  
A5M "C2'" "C3'"  sing N N 69  
A5M "C2'" "H2'"  sing N N 70  
A5M "N2'" "H'1N" sing N N 71  
A5M "N2'" "H'2N" sing N N 72  
A5M "C3'" "O3'"  sing N N 73  
A5M "C3'" "H3'"  sing N N 74  
A5M "O3'" "HO3'" sing N N 75  
A5M OP3   HOP3   sing N N 76  
C   OP3   P      sing N N 77  
C   OP3   HOP3   sing N N 78  
C   P     OP1    doub N N 79  
C   P     OP2    sing N N 80  
C   P     "O5'"  sing N N 81  
C   OP2   HOP2   sing N N 82  
C   "O5'" "C5'"  sing N N 83  
C   "C5'" "C4'"  sing N N 84  
C   "C5'" "H5'"  sing N N 85  
C   "C5'" "H5''" sing N N 86  
C   "C4'" "O4'"  sing N N 87  
C   "C4'" "C3'"  sing N N 88  
C   "C4'" "H4'"  sing N N 89  
C   "O4'" "C1'"  sing N N 90  
C   "C3'" "O3'"  sing N N 91  
C   "C3'" "C2'"  sing N N 92  
C   "C3'" "H3'"  sing N N 93  
C   "O3'" "HO3'" sing N N 94  
C   "C2'" "O2'"  sing N N 95  
C   "C2'" "C1'"  sing N N 96  
C   "C2'" "H2'"  sing N N 97  
C   "O2'" "HO2'" sing N N 98  
C   "C1'" N1     sing N N 99  
C   "C1'" "H1'"  sing N N 100 
C   N1    C2     sing N N 101 
C   N1    C6     sing N N 102 
C   C2    O2     doub N N 103 
C   C2    N3     sing N N 104 
C   N3    C4     doub N N 105 
C   C4    N4     sing N N 106 
C   C4    C5     sing N N 107 
C   N4    H41    sing N N 108 
C   N4    H42    sing N N 109 
C   C5    C6     doub N N 110 
C   C5    H5     sing N N 111 
C   C6    H6     sing N N 112 
G   OP3   P      sing N N 113 
G   OP3   HOP3   sing N N 114 
G   P     OP1    doub N N 115 
G   P     OP2    sing N N 116 
G   P     "O5'"  sing N N 117 
G   OP2   HOP2   sing N N 118 
G   "O5'" "C5'"  sing N N 119 
G   "C5'" "C4'"  sing N N 120 
G   "C5'" "H5'"  sing N N 121 
G   "C5'" "H5''" sing N N 122 
G   "C4'" "O4'"  sing N N 123 
G   "C4'" "C3'"  sing N N 124 
G   "C4'" "H4'"  sing N N 125 
G   "O4'" "C1'"  sing N N 126 
G   "C3'" "O3'"  sing N N 127 
G   "C3'" "C2'"  sing N N 128 
G   "C3'" "H3'"  sing N N 129 
G   "O3'" "HO3'" sing N N 130 
G   "C2'" "O2'"  sing N N 131 
G   "C2'" "C1'"  sing N N 132 
G   "C2'" "H2'"  sing N N 133 
G   "O2'" "HO2'" sing N N 134 
G   "C1'" N9     sing N N 135 
G   "C1'" "H1'"  sing N N 136 
G   N9    C8     sing Y N 137 
G   N9    C4     sing Y N 138 
G   C8    N7     doub Y N 139 
G   C8    H8     sing N N 140 
G   N7    C5     sing Y N 141 
G   C5    C6     sing N N 142 
G   C5    C4     doub Y N 143 
G   C6    O6     doub N N 144 
G   C6    N1     sing N N 145 
G   N1    C2     sing N N 146 
G   N1    H1     sing N N 147 
G   C2    N2     sing N N 148 
G   C2    N3     doub N N 149 
G   N2    H21    sing N N 150 
G   N2    H22    sing N N 151 
G   N3    C4     sing N N 152 
HOH O     H1     sing N N 153 
HOH O     H2     sing N N 154 
U   OP3   P      sing N N 155 
U   OP3   HOP3   sing N N 156 
U   P     OP1    doub N N 157 
U   P     OP2    sing N N 158 
U   P     "O5'"  sing N N 159 
U   OP2   HOP2   sing N N 160 
U   "O5'" "C5'"  sing N N 161 
U   "C5'" "C4'"  sing N N 162 
U   "C5'" "H5'"  sing N N 163 
U   "C5'" "H5''" sing N N 164 
U   "C4'" "O4'"  sing N N 165 
U   "C4'" "C3'"  sing N N 166 
U   "C4'" "H4'"  sing N N 167 
U   "O4'" "C1'"  sing N N 168 
U   "C3'" "O3'"  sing N N 169 
U   "C3'" "C2'"  sing N N 170 
U   "C3'" "H3'"  sing N N 171 
U   "O3'" "HO3'" sing N N 172 
U   "C2'" "O2'"  sing N N 173 
U   "C2'" "C1'"  sing N N 174 
U   "C2'" "H2'"  sing N N 175 
U   "O2'" "HO2'" sing N N 176 
U   "C1'" N1     sing N N 177 
U   "C1'" "H1'"  sing N N 178 
U   N1    C2     sing N N 179 
U   N1    C6     sing N N 180 
U   C2    O2     doub N N 181 
U   C2    N3     sing N N 182 
U   N3    C4     sing N N 183 
U   N3    H3     sing N N 184 
U   C4    O4     doub N N 185 
U   C4    C5     sing N N 186 
U   C5    C6     doub N N 187 
U   C5    H5     sing N N 188 
U   C6    H6     sing N N 189 
# 
loop_
_ndb_struct_conf_na.entry_id 
_ndb_struct_conf_na.feature 
1Z79 'double helix'         
1Z79 'a-form double helix'  
1Z79 'mismatched base pair' 
# 
loop_
_ndb_struct_na_base_pair.model_number 
_ndb_struct_na_base_pair.i_label_asym_id 
_ndb_struct_na_base_pair.i_label_comp_id 
_ndb_struct_na_base_pair.i_label_seq_id 
_ndb_struct_na_base_pair.i_symmetry 
_ndb_struct_na_base_pair.j_label_asym_id 
_ndb_struct_na_base_pair.j_label_comp_id 
_ndb_struct_na_base_pair.j_label_seq_id 
_ndb_struct_na_base_pair.j_symmetry 
_ndb_struct_na_base_pair.shear 
_ndb_struct_na_base_pair.stretch 
_ndb_struct_na_base_pair.stagger 
_ndb_struct_na_base_pair.buckle 
_ndb_struct_na_base_pair.propeller 
_ndb_struct_na_base_pair.opening 
_ndb_struct_na_base_pair.pair_number 
_ndb_struct_na_base_pair.pair_name 
_ndb_struct_na_base_pair.i_auth_asym_id 
_ndb_struct_na_base_pair.i_auth_seq_id 
_ndb_struct_na_base_pair.i_PDB_ins_code 
_ndb_struct_na_base_pair.j_auth_asym_id 
_ndb_struct_na_base_pair.j_auth_seq_id 
_ndb_struct_na_base_pair.j_PDB_ins_code 
_ndb_struct_na_base_pair.hbond_type_28 
_ndb_struct_na_base_pair.hbond_type_12 
1 A G   1  1_555 B C   16 1_555 -0.435 -0.264 0.423  3.081   -6.337  1.602  1  B_G1:C16_A   B 1  ? A 16 ? 19 1 
1 A C   2  1_555 B G   15 1_555 0.494  -0.163 0.202  -2.146  -20.611 1.236  2  B_C2:G15_A   B 2  ? A 15 ? 19 1 
1 A A   3  1_555 B U   14 1_555 0.252  -0.157 0.501  2.089   -13.330 2.970  3  B_A3:U14_A   B 3  ? A 14 ? 20 1 
1 A G   4  1_555 B C   13 1_555 -0.296 -0.042 0.154  -5.772  -16.194 2.992  4  B_G4:C13_A   B 4  ? A 13 ? 19 1 
1 A A   5  1_555 B U   12 1_555 -0.238 -0.130 0.055  -12.912 -11.838 4.630  5  B_A5:U12_A   B 5  ? A 12 ? 20 1 
1 A A5M 6  1_555 B A   11 1_555 2.793  -0.323 0.402  -8.102  -12.560 12.465 6  B_A5M6:A11_A B 6  ? A 11 ? ?  1 
1 A U   7  1_555 B A   10 1_555 0.155  -0.274 -0.012 7.743   -12.740 3.178  7  B_U7:A10_A   B 7  ? A 10 ? 20 1 
1 A U   8  1_555 B A   9  1_555 0.327  -0.259 0.033  4.992   -10.682 2.370  8  B_U8:A9_A    B 8  ? A 9  ? 20 1 
1 A A   9  1_555 B U   8  1_555 0.255  0.021  0.137  -3.258  -15.860 6.658  9  B_A9:U8_A    B 9  ? A 8  ? 20 1 
1 A A   10 1_555 B U   7  1_555 -0.322 -0.111 -0.160 -8.347  -15.361 3.091  10 B_A10:U7_A   B 10 ? A 7  ? 20 1 
1 A A   11 1_555 B A5M 6  1_555 -2.541 -0.234 0.322  -1.659  -25.194 12.991 11 B_A11:A5M6_A B 11 ? A 6  ? ?  1 
1 A U   12 1_555 B A   5  1_555 0.319  -0.162 0.201  1.422   -15.728 10.455 12 B_U12:A5_A   B 12 ? A 5  ? 20 1 
1 A C   13 1_555 B G   4  1_555 0.638  -0.291 -0.063 5.529   -19.020 4.289  13 B_C13:G4_A   B 13 ? A 4  ? 19 1 
1 A U   14 1_555 B A   3  1_555 -0.345 -0.327 0.031  -2.698  -11.529 2.392  14 B_U14:A3_A   B 14 ? A 3  ? 20 1 
1 A G   15 1_555 B C   2  1_555 0.013  -0.235 -0.277 -5.450  -16.424 3.110  15 B_G15:C2_A   B 15 ? A 2  ? 19 1 
1 A C   16 1_555 B G   1  1_555 1.005  -0.032 -0.347 6.873   -13.775 -3.481 16 B_C16:G1_A   B 16 ? A 1  ? 19 1 
1 C G   1  1_555 C C   16 6_765 -0.532 -0.194 0.148  -2.117  -5.421  1.409  17 C_G1:C16_C   C 1  ? C 16 ? 19 1 
1 C C   2  1_555 C G   15 6_765 0.092  -0.058 -0.251 4.467   -13.707 1.567  18 C_C2:G15_C   C 2  ? C 15 ? 19 1 
1 C A   3  1_555 C U   14 6_765 0.077  -0.147 0.260  -1.688  -3.338  3.275  19 C_A3:U14_C   C 3  ? C 14 ? 20 1 
1 C G   4  1_555 C C   13 6_765 0.039  -0.056 0.175  2.516   -11.553 -0.492 20 C_G4:C13_C   C 4  ? C 13 ? 19 1 
1 C A   5  1_555 C U   12 6_765 -0.118 -0.277 -0.084 -5.433  -12.059 0.198  21 C_A5:U12_C   C 5  ? C 12 ? 20 1 
1 C A5M 6  1_555 C A   11 6_765 2.610  -0.500 0.147  -2.583  -15.619 3.523  22 C_A5M6:A11_C C 6  ? C 11 ? ?  1 
1 C U   7  1_555 C A   10 6_765 -0.015 -0.226 0.044  0.928   -14.983 -0.672 23 C_U7:A10_C   C 7  ? C 10 ? 20 1 
1 C U   8  1_555 C A   9  6_765 -0.018 -0.130 -0.037 3.785   -14.596 3.721  24 C_U8:A9_C    C 8  ? C 9  ? 20 1 
1 C A   9  1_555 C U   8  6_765 0.018  -0.130 -0.037 -3.785  -14.596 3.721  25 C_A9:U8_C    C 9  ? C 8  ? 20 1 
1 C A   10 1_555 C U   7  6_765 0.015  -0.226 0.044  -0.928  -14.983 -0.672 26 C_A10:U7_C   C 10 ? C 7  ? 20 1 
1 C A   11 1_555 C A5M 6  6_765 -2.610 -0.500 0.147  2.583   -15.619 3.523  27 C_A11:A5M6_C C 11 ? C 6  ? ?  1 
1 C U   12 1_555 C A   5  6_765 0.118  -0.277 -0.084 5.433   -12.059 0.198  28 C_U12:A5_C   C 12 ? C 5  ? 20 1 
1 C C   13 1_555 C G   4  6_765 -0.039 -0.056 0.175  -2.516  -11.553 -0.492 29 C_C13:G4_C   C 13 ? C 4  ? 19 1 
1 C U   14 1_555 C A   3  6_765 -0.077 -0.147 0.260  1.688   -3.338  3.275  30 C_U14:A3_C   C 14 ? C 3  ? 20 1 
1 C G   15 1_555 C C   2  6_765 -0.092 -0.058 -0.251 -4.467  -13.707 1.567  31 C_G15:C2_C   C 15 ? C 2  ? 19 1 
1 C C   16 1_555 C G   1  6_765 0.532  -0.194 0.148  2.117   -5.421  1.409  32 C_C16:G1_C   C 16 ? C 1  ? 19 1 
# 
loop_
_ndb_struct_na_base_pair_step.model_number 
_ndb_struct_na_base_pair_step.i_label_asym_id_1 
_ndb_struct_na_base_pair_step.i_label_comp_id_1 
_ndb_struct_na_base_pair_step.i_label_seq_id_1 
_ndb_struct_na_base_pair_step.i_symmetry_1 
_ndb_struct_na_base_pair_step.j_label_asym_id_1 
_ndb_struct_na_base_pair_step.j_label_comp_id_1 
_ndb_struct_na_base_pair_step.j_label_seq_id_1 
_ndb_struct_na_base_pair_step.j_symmetry_1 
_ndb_struct_na_base_pair_step.i_label_asym_id_2 
_ndb_struct_na_base_pair_step.i_label_comp_id_2 
_ndb_struct_na_base_pair_step.i_label_seq_id_2 
_ndb_struct_na_base_pair_step.i_symmetry_2 
_ndb_struct_na_base_pair_step.j_label_asym_id_2 
_ndb_struct_na_base_pair_step.j_label_comp_id_2 
_ndb_struct_na_base_pair_step.j_label_seq_id_2 
_ndb_struct_na_base_pair_step.j_symmetry_2 
_ndb_struct_na_base_pair_step.shift 
_ndb_struct_na_base_pair_step.slide 
_ndb_struct_na_base_pair_step.rise 
_ndb_struct_na_base_pair_step.tilt 
_ndb_struct_na_base_pair_step.roll 
_ndb_struct_na_base_pair_step.twist 
_ndb_struct_na_base_pair_step.x_displacement 
_ndb_struct_na_base_pair_step.y_displacement 
_ndb_struct_na_base_pair_step.helical_rise 
_ndb_struct_na_base_pair_step.inclination 
_ndb_struct_na_base_pair_step.tip 
_ndb_struct_na_base_pair_step.helical_twist 
_ndb_struct_na_base_pair_step.step_number 
_ndb_struct_na_base_pair_step.step_name 
_ndb_struct_na_base_pair_step.i_auth_asym_id_1 
_ndb_struct_na_base_pair_step.i_auth_seq_id_1 
_ndb_struct_na_base_pair_step.i_PDB_ins_code_1 
_ndb_struct_na_base_pair_step.j_auth_asym_id_1 
_ndb_struct_na_base_pair_step.j_auth_seq_id_1 
_ndb_struct_na_base_pair_step.j_PDB_ins_code_1 
_ndb_struct_na_base_pair_step.i_auth_asym_id_2 
_ndb_struct_na_base_pair_step.i_auth_seq_id_2 
_ndb_struct_na_base_pair_step.i_PDB_ins_code_2 
_ndb_struct_na_base_pair_step.j_auth_asym_id_2 
_ndb_struct_na_base_pair_step.j_auth_seq_id_2 
_ndb_struct_na_base_pair_step.j_PDB_ins_code_2 
1 A G   1  1_555 B C   16 1_555 A C   2  1_555 B G   15 1_555 -0.482 -1.225 3.338 0.583  5.799  37.610 -2.611  0.813  3.114 8.930  
-0.898  38.042 1  BB_G1C2:G15C16_AA   B 1  ? A 16 ? B 2  ? A 15 ? 
1 A C   2  1_555 B G   15 1_555 A A   3  1_555 B U   14 1_555 0.040  -1.426 2.963 -1.424 11.466 33.794 -3.723  -0.238 2.366 19.046 
2.365   35.660 2  BB_C2A3:U14G15_AA   B 2  ? A 15 ? B 3  ? A 14 ? 
1 A A   3  1_555 B U   14 1_555 A G   4  1_555 B C   13 1_555 0.374  -1.523 3.319 2.364  13.514 28.760 -5.058  -0.285 2.402 25.459 
-4.453  31.802 3  BB_A3G4:C13U14_AA   B 3  ? A 14 ? B 4  ? A 13 ? 
1 A G   4  1_555 B C   13 1_555 A A   5  1_555 B U   12 1_555 0.589  -1.700 3.287 4.323  11.298 31.466 -4.654  -0.360 2.596 19.934 
-7.627  33.657 4  BB_G4A5:U12C13_AA   B 4  ? A 13 ? B 5  ? A 12 ? 
1 A A   5  1_555 B U   12 1_555 A A5M 6  1_555 B A   11 1_555 0.340  -0.782 3.259 1.493  3.933  44.611 -1.380  -0.312 3.192 5.168  
-1.962  44.799 5  BB_A5A5M6:A11U12_AA B 5  ? A 12 ? B 6  ? A 11 ? 
1 A A5M 6  1_555 B A   11 1_555 A U   7  1_555 B A   10 1_555 -0.484 -2.156 2.576 3.961  5.630  13.997 -10.733 3.746  1.417 21.488 
-15.118 15.591 6  BB_A5M6U7:A10A11_AA B 6  ? A 11 ? B 7  ? A 10 ? 
1 A U   7  1_555 B A   10 1_555 A U   8  1_555 B A   9  1_555 -0.006 -1.468 3.335 -1.890 5.138  36.032 -3.053  -0.250 3.099 8.247  
3.034   36.431 7  BB_U7U8:A9A10_AA    B 7  ? A 10 ? B 8  ? A 9  ? 
1 A U   8  1_555 B A   9  1_555 A A   9  1_555 B U   8  1_555 0.089  -1.566 3.161 2.077  14.913 30.987 -4.667  0.130  2.200 26.072 
-3.631  34.371 8  BB_U8A9:U8A9_AA     B 8  ? A 9  ? B 9  ? A 8  ? 
1 A A   9  1_555 B U   8  1_555 A A   10 1_555 B U   7  1_555 -0.590 -1.150 3.233 2.615  15.499 30.725 -4.128  1.366  2.346 27.137 
-4.578  34.426 9  BB_A9A10:U7U8_AA    B 9  ? A 8  ? B 10 ? A 7  ? 
1 A A   10 1_555 B U   7  1_555 A A   11 1_555 B A5M 6  1_555 2.112  -1.682 3.066 1.469  11.347 17.000 -8.826  -5.415 1.776 33.847 
-4.382  20.468 10 BB_A10A11:A5M6U7_AA B 10 ? A 7  ? B 11 ? A 6  ? 
1 A A   11 1_555 B A5M 6  1_555 A U   12 1_555 B A   5  1_555 -0.168 -0.959 3.158 -2.278 8.560  40.202 -2.236  0.007  2.907 12.273 
3.266   41.127 11 BB_A11U12:A5A5M6_AA B 11 ? A 6  ? B 12 ? A 5  ? 
1 A U   12 1_555 B A   5  1_555 A C   13 1_555 B G   4  1_555 -0.710 -1.683 3.056 0.064  6.918  32.930 -3.906  1.237  2.656 12.038 
-0.111  33.629 12 BB_U12C13:G4A5_AA   B 12 ? A 5  ? B 13 ? A 4  ? 
1 A C   13 1_555 B G   4  1_555 A U   14 1_555 B A   3  1_555 -0.747 -0.987 3.349 -2.503 12.174 27.361 -4.347  0.942  2.728 24.215 
4.979   30.003 13 BB_C13U14:A3G4_AA   B 13 ? A 4  ? B 14 ? A 3  ? 
1 A U   14 1_555 B A   3  1_555 A G   15 1_555 B C   2  1_555 0.389  -1.139 3.380 2.979  7.723  31.602 -3.367  -0.176 3.048 13.886 
-5.357  32.641 14 BB_U14G15:C2A3_AA   B 14 ? A 3  ? B 15 ? A 2  ? 
1 A G   15 1_555 B C   2  1_555 A C   16 1_555 B G   1  1_555 0.274  -1.217 2.908 2.733  1.927  37.699 -2.095  -0.113 2.857 2.975  
-4.220  37.841 15 BB_G15C16:G1C2_AA   B 15 ? A 2  ? B 16 ? A 1  ? 
1 C G   1  1_555 C C   16 6_765 C C   2  1_555 C G   15 6_765 -0.373 -1.553 3.122 2.626  3.230  34.232 -3.086  1.008  2.932 5.462  
-4.441  34.476 16 CC_G1C2:G15C16_CC   C 1  ? C 16 ? C 2  ? C 15 ? 
1 C C   2  1_555 C G   15 6_765 C A   3  1_555 C U   14 6_765 0.309  -1.588 3.349 -3.266 9.860  33.597 -4.038  -0.979 2.747 16.573 
5.490   35.122 17 CC_C2A3:U14G15_CC   C 2  ? C 15 ? C 3  ? C 14 ? 
1 C A   3  1_555 C U   14 6_765 C G   4  1_555 C C   13 6_765 -0.242 -1.603 3.069 1.164  6.876  29.336 -4.321  0.675  2.623 13.341 
-2.258  30.136 18 CC_A3G4:C13U14_CC   C 3  ? C 14 ? C 4  ? C 13 ? 
1 C G   4  1_555 C C   13 6_765 C A   5  1_555 C U   12 6_765 -0.234 -1.905 3.322 0.762  16.368 33.274 -4.961  0.460  2.175 26.668 
-1.241  36.987 19 CC_G4A5:U12C13_CC   C 4  ? C 13 ? C 5  ? C 12 ? 
1 C A   5  1_555 C U   12 6_765 C A5M 6  1_555 C A   11 6_765 0.087  -1.075 3.264 1.196  9.188  41.748 -2.366  -0.003 2.975 12.705 
-1.654  42.719 20 CC_A5A5M6:A11U12_CC C 5  ? C 12 ? C 6  ? C 11 ? 
1 C A5M 6  1_555 C A   11 6_765 C U   7  1_555 C A   10 6_765 -0.137 -1.812 2.836 1.991  10.057 19.720 -7.501  0.909  1.697 27.122 
-5.368  22.202 21 CC_A5M6U7:A10A11_CC C 6  ? C 11 ? C 7  ? C 10 ? 
1 C U   7  1_555 C A   10 6_765 C U   8  1_555 C A   9  6_765 0.287  -1.359 3.147 0.531  7.708  31.563 -3.667  -0.427 2.751 13.911 
-0.958  32.471 22 CC_U7U8:A9A10_CC    C 7  ? C 10 ? C 8  ? C 9  ? 
1 C U   8  1_555 C A   9  6_765 C A   9  1_555 C U   8  6_765 0.000  -1.177 3.305 0.000  16.747 34.673 -3.746  0.000  2.497 26.288 
0.000   38.394 23 CC_U8A9:U8A9_CC     C 8  ? C 9  ? C 9  ? C 8  ? 
1 C A   9  1_555 C U   8  6_765 C A   10 1_555 C U   7  6_765 -0.287 -1.359 3.147 -0.531 7.708  31.563 -3.667  0.427  2.751 13.911 
0.958   32.471 24 CC_A9A10:U7U8_CC    C 9  ? C 8  ? C 10 ? C 7  ? 
1 C A   10 1_555 C U   7  6_765 C A   11 1_555 C A5M 6  6_765 0.137  -1.812 2.836 -1.991 10.057 19.720 -7.501  -0.909 1.697 27.122 
5.368   22.202 25 CC_A10A11:A5M6U7_CC C 10 ? C 7  ? C 11 ? C 6  ? 
1 C A   11 1_555 C A5M 6  6_765 C U   12 1_555 C A   5  6_765 -0.087 -1.075 3.264 -1.196 9.188  41.748 -2.366  0.003  2.975 12.705 
1.654   42.719 26 CC_A11U12:A5A5M6_CC C 11 ? C 6  ? C 12 ? C 5  ? 
1 C U   12 1_555 C A   5  6_765 C C   13 1_555 C G   4  6_765 0.234  -1.905 3.322 -0.762 16.368 33.274 -4.961  -0.460 2.175 26.668 
1.241   36.987 27 CC_U12C13:G4A5_CC   C 12 ? C 5  ? C 13 ? C 4  ? 
1 C C   13 1_555 C G   4  6_765 C U   14 1_555 C A   3  6_765 0.242  -1.603 3.069 -1.164 6.876  29.336 -4.321  -0.675 2.623 13.340 
2.258   30.136 28 CC_C13U14:A3G4_CC   C 13 ? C 4  ? C 14 ? C 3  ? 
1 C U   14 1_555 C A   3  6_765 C G   15 1_555 C C   2  6_765 -0.309 -1.588 3.349 3.266  9.860  33.597 -4.038  0.979  2.747 16.573 
-5.490  35.122 29 CC_U14G15:C2A3_CC   C 14 ? C 3  ? C 15 ? C 2  ? 
1 C G   15 1_555 C C   2  6_765 C C   16 1_555 C G   1  6_765 0.373  -1.553 3.122 -2.626 3.230  34.232 -3.086  -1.008 2.932 5.462  
4.441   34.476 30 CC_G15C16:G1C2_CC   C 15 ? C 2  ? C 16 ? C 1  ? 
# 
loop_
_pdbx_entity_nonpoly.entity_id 
_pdbx_entity_nonpoly.name 
_pdbx_entity_nonpoly.comp_id 
2 'CALCIUM ION' CA  
3 water         HOH 
# 
_pdbx_initial_refinement_model.id               1 
_pdbx_initial_refinement_model.entity_id_list   ? 
_pdbx_initial_refinement_model.type             'experimental model' 
_pdbx_initial_refinement_model.source_name      PDB 
_pdbx_initial_refinement_model.accession_code   1YRM 
_pdbx_initial_refinement_model.details          ? 
# 
